data_1SZS
#
_entry.id   1SZS
#
_cell.length_a   108.100
_cell.length_b   108.100
_cell.length_c   301.700
_cell.angle_alpha   90.00
_cell.angle_beta   90.00
_cell.angle_gamma   120.00
#
_symmetry.space_group_name_H-M   'P 32 2 1'
#
loop_
_entity.id
_entity.type
_entity.pdbx_description
1 polymer '4-aminobutyrate aminotransferase'
2 non-polymer 'SULFATE ION'
3 non-polymer 1,2-ETHANEDIOL
4 non-polymer "PYRIDOXAL-5'-PHOSPHATE"
5 non-polymer "4'-DEOXY-4'-AMINOPYRIDOXAL-5'-PHOSPHATE"
6 water water
#
_entity_poly.entity_id   1
_entity_poly.type   'polypeptide(L)'
_entity_poly.pdbx_seq_one_letter_code
;MNSNKELMQRRSQAIPRGVGQIHPIFADRAENCRVWDVEGREYLDFAGGQAVLNTGHLHPKVVAAVEAQLKKLSHTCFQV
LAYEPYLELCEIMNQKVPGDFAKKTLLVTTGSEAVENAVKIARAATKRSGTIAFSGAYHGRTHYTLALTGKVNPYSAGMG
LMPGHVYRALYPCPLHGISEDDAIASIHRIFKNDAAPEDIAAIVIEPVQGEGGFYASSPAFMQRLRALCDEHGIMLIADE
VQSGAGRTGTLFAMEQMGVAPDLTTFAKSIAGGFPLAGVTGRAEVMDAVAPGGLGGTYAGNPIACVAALEVLKVFEQENL
LQKANDLGQKLKDGLLAIAEKHPEIGDVRGLGAMIAIELFEDGDHNKPDAKLTAEIVARARDKGLILLSCGPYYNVLRIL
VPLTIEDAQIRQGLEIISQCFDEAKQ
;
_entity_poly.pdbx_strand_id   A,B,C,D
#
loop_
_chem_comp.id
_chem_comp.type
_chem_comp.name
_chem_comp.formula
EDO non-polymer 1,2-ETHANEDIOL 'C2 H6 O2'
PLP non-polymer PYRIDOXAL-5'-PHOSPHATE 'C8 H10 N O6 P'
PMP non-polymer 4'-DEOXY-4'-AMINOPYRIDOXAL-5'-PHOSPHATE 'C8 H13 N2 O5 P'
SO4 non-polymer 'SULFATE ION' 'O4 S -2'
#
# COMPACT_ATOMS: atom_id res chain seq x y z
N ASN A 2 -37.80 25.78 15.52
CA ASN A 2 -38.49 24.56 15.02
C ASN A 2 -39.03 24.67 13.59
N SER A 3 -38.37 25.45 12.74
CA SER A 3 -38.77 25.54 11.33
C SER A 3 -37.63 24.82 10.60
N ASN A 4 -37.88 24.31 9.40
CA ASN A 4 -36.80 23.64 8.68
C ASN A 4 -35.60 24.58 8.47
N LYS A 5 -35.86 25.83 8.03
CA LYS A 5 -34.79 26.79 7.76
C LYS A 5 -33.95 27.01 9.01
N GLU A 6 -34.62 27.27 10.11
CA GLU A 6 -33.98 27.51 11.39
C GLU A 6 -33.06 26.35 11.77
N LEU A 7 -33.58 25.13 11.62
CA LEU A 7 -32.82 23.94 11.95
C LEU A 7 -31.64 23.80 11.00
N MET A 8 -31.81 24.12 9.72
CA MET A 8 -30.69 24.03 8.77
C MET A 8 -29.60 25.05 9.17
N GLN A 9 -29.99 26.21 9.66
CA GLN A 9 -29.03 27.20 10.09
C GLN A 9 -28.20 26.62 11.23
N ARG A 10 -28.87 26.03 12.22
CA ARG A 10 -28.17 25.42 13.36
C ARG A 10 -27.24 24.29 12.86
N ARG A 11 -27.68 23.55 11.84
CA ARG A 11 -26.89 22.47 11.26
C ARG A 11 -25.54 23.00 10.72
N SER A 12 -25.59 24.11 9.98
CA SER A 12 -24.38 24.70 9.38
C SER A 12 -23.40 25.09 10.46
N GLN A 13 -23.91 25.39 11.64
CA GLN A 13 -23.08 25.76 12.75
C GLN A 13 -22.44 24.59 13.48
N ALA A 14 -23.19 23.51 13.63
CA ALA A 14 -22.73 22.39 14.44
C ALA A 14 -22.31 21.11 13.75
N ILE A 15 -22.66 20.98 12.49
CA ILE A 15 -22.41 19.77 11.76
C ILE A 15 -21.61 20.04 10.52
N PRO A 16 -20.67 19.14 10.19
CA PRO A 16 -19.81 19.28 9.00
C PRO A 16 -20.55 19.28 7.67
N ARG A 17 -20.12 20.15 6.76
CA ARG A 17 -20.74 20.23 5.44
C ARG A 17 -20.50 18.89 4.72
N GLY A 18 -19.54 18.11 5.21
CA GLY A 18 -19.24 16.83 4.58
C GLY A 18 -20.43 15.88 4.62
N VAL A 19 -21.30 16.07 5.62
CA VAL A 19 -22.49 15.26 5.73
C VAL A 19 -23.48 15.92 4.76
N GLY A 20 -23.68 15.32 3.58
CA GLY A 20 -24.59 15.88 2.61
C GLY A 20 -26.01 15.89 3.13
N GLN A 21 -26.87 16.70 2.52
CA GLN A 21 -28.26 16.80 2.93
C GLN A 21 -29.07 16.82 1.64
N ILE A 22 -29.62 15.69 1.21
CA ILE A 22 -30.36 15.65 -0.03
C ILE A 22 -31.59 16.57 0.04
N HIS A 23 -32.31 16.53 1.15
CA HIS A 23 -33.51 17.34 1.36
C HIS A 23 -33.31 18.18 2.60
N PRO A 24 -33.42 19.51 2.46
CA PRO A 24 -33.23 20.43 3.59
C PRO A 24 -34.51 20.41 4.43
N ILE A 25 -34.80 19.27 5.04
CA ILE A 25 -36.00 19.10 5.83
C ILE A 25 -35.72 18.29 7.09
N PHE A 26 -36.31 18.70 8.20
CA PHE A 26 -36.15 17.97 9.44
C PHE A 26 -37.44 17.20 9.72
N ALA A 27 -37.34 15.87 9.59
CA ALA A 27 -38.47 15.00 9.81
C ALA A 27 -38.76 15.00 11.29
N ASP A 28 -40.02 14.90 11.67
CA ASP A 28 -40.39 14.88 13.08
C ASP A 28 -40.93 13.52 13.51
N ARG A 29 -41.82 12.96 12.70
CA ARG A 29 -42.39 11.66 13.01
C ARG A 29 -42.71 10.99 11.67
N ALA A 30 -43.00 9.70 11.71
CA ALA A 30 -43.27 8.97 10.49
C ALA A 30 -44.09 7.72 10.76
N GLU A 31 -44.67 7.20 9.70
CA GLU A 31 -45.49 6.00 9.83
C GLU A 31 -45.63 5.40 8.47
N ASN A 32 -45.16 4.16 8.35
CA ASN A 32 -45.18 3.41 7.11
C ASN A 32 -44.51 4.21 5.98
N CYS A 33 -45.28 4.80 5.07
CA CYS A 33 -44.68 5.56 3.98
C CYS A 33 -44.82 7.08 4.15
N ARG A 34 -45.39 7.50 5.28
CA ARG A 34 -45.61 8.91 5.55
C ARG A 34 -44.59 9.52 6.48
N VAL A 35 -44.14 10.71 6.17
CA VAL A 35 -43.22 11.42 7.04
C VAL A 35 -43.70 12.85 7.21
N TRP A 36 -43.67 13.34 8.45
CA TRP A 36 -44.08 14.70 8.72
C TRP A 36 -42.83 15.49 9.16
N ASP A 37 -42.60 16.69 8.63
CA ASP A 37 -41.45 17.45 9.09
C ASP A 37 -41.83 18.24 10.33
N VAL A 38 -40.90 19.04 10.86
CA VAL A 38 -41.10 19.83 12.08
C VAL A 38 -42.14 20.93 11.99
N GLU A 39 -42.52 21.28 10.77
CA GLU A 39 -43.53 22.32 10.53
C GLU A 39 -44.92 21.66 10.33
N GLY A 40 -44.98 20.33 10.31
CA GLY A 40 -46.23 19.64 10.16
C GLY A 40 -46.55 19.18 8.74
N ARG A 41 -45.72 19.55 7.79
CA ARG A 41 -46.02 19.16 6.44
C ARG A 41 -45.82 17.65 6.29
N GLU A 42 -46.72 17.01 5.55
CA GLU A 42 -46.63 15.57 5.33
C GLU A 42 -46.02 15.26 3.98
N TYR A 43 -45.22 14.20 3.91
CA TYR A 43 -44.59 13.79 2.65
C TYR A 43 -44.77 12.29 2.40
N LEU A 44 -44.71 11.89 1.13
CA LEU A 44 -44.78 10.49 0.74
C LEU A 44 -43.29 10.10 0.57
N ASP A 45 -42.87 9.06 1.30
CA ASP A 45 -41.46 8.66 1.26
C ASP A 45 -41.09 7.57 0.26
N PHE A 46 -40.51 7.98 -0.87
CA PHE A 46 -40.11 7.04 -1.89
C PHE A 46 -38.61 6.73 -1.80
N ALA A 47 -37.96 7.14 -0.71
CA ALA A 47 -36.53 6.87 -0.51
C ALA A 47 -36.36 5.76 0.54
N GLY A 48 -37.35 5.59 1.40
CA GLY A 48 -37.32 4.55 2.41
C GLY A 48 -36.10 4.59 3.32
N GLY A 49 -35.66 5.78 3.70
CA GLY A 49 -34.49 5.87 4.58
C GLY A 49 -33.28 5.24 3.90
N GLN A 50 -33.28 5.32 2.57
CA GLN A 50 -32.22 4.76 1.75
C GLN A 50 -32.23 3.23 1.72
N ALA A 51 -33.38 2.67 1.32
CA ALA A 51 -33.58 1.23 1.19
C ALA A 51 -33.58 0.48 2.52
N VAL A 52 -33.71 1.22 3.62
CA VAL A 52 -33.69 0.65 4.96
C VAL A 52 -35.11 0.31 5.51
N LEU A 53 -36.14 0.85 4.86
CA LEU A 53 -37.49 0.66 5.36
C LEU A 53 -38.45 -0.18 4.54
N ASN A 54 -38.01 -1.33 4.08
CA ASN A 54 -38.88 -2.16 3.29
C ASN A 54 -40.17 -2.52 4.03
N THR A 55 -40.15 -2.52 5.36
CA THR A 55 -41.37 -2.82 6.10
C THR A 55 -42.01 -1.51 6.57
N GLY A 56 -41.50 -0.38 6.05
CA GLY A 56 -42.04 0.93 6.43
C GLY A 56 -41.53 1.52 7.75
N HIS A 57 -41.83 2.79 7.96
CA HIS A 57 -41.44 3.47 9.18
C HIS A 57 -42.24 2.90 10.34
N LEU A 58 -41.55 2.55 11.41
CA LEU A 58 -42.19 2.01 12.59
C LEU A 58 -43.28 0.93 12.34
N HIS A 59 -42.98 -0.16 11.65
CA HIS A 59 -43.98 -1.20 11.46
C HIS A 59 -44.43 -1.59 12.89
N PRO A 60 -45.75 -1.62 13.15
CA PRO A 60 -46.29 -1.95 14.48
C PRO A 60 -45.78 -3.22 15.12
N LYS A 61 -45.56 -4.26 14.33
CA LYS A 61 -45.08 -5.52 14.88
C LYS A 61 -43.63 -5.37 15.30
N VAL A 62 -42.86 -4.66 14.49
CA VAL A 62 -41.45 -4.45 14.79
C VAL A 62 -41.32 -3.63 16.06
N VAL A 63 -42.08 -2.55 16.15
CA VAL A 63 -42.01 -1.66 17.31
C VAL A 63 -42.44 -2.42 18.58
N ALA A 64 -43.50 -3.21 18.47
CA ALA A 64 -43.96 -3.98 19.62
C ALA A 64 -42.85 -4.94 20.12
N ALA A 65 -42.16 -5.62 19.20
CA ALA A 65 -41.09 -6.52 19.60
C ALA A 65 -39.96 -5.70 20.25
N VAL A 66 -39.65 -4.57 19.64
CA VAL A 66 -38.61 -3.71 20.18
C VAL A 66 -38.99 -3.20 21.58
N GLU A 67 -40.24 -2.75 21.77
CA GLU A 67 -40.66 -2.25 23.06
C GLU A 67 -40.57 -3.36 24.15
N ALA A 68 -40.91 -4.58 23.78
CA ALA A 68 -40.82 -5.70 24.73
C ALA A 68 -39.35 -5.93 25.11
N GLN A 69 -38.44 -5.96 24.13
CA GLN A 69 -37.01 -6.18 24.43
C GLN A 69 -36.43 -5.10 25.32
N LEU A 70 -36.98 -3.89 25.22
CA LEU A 70 -36.52 -2.77 26.04
C LEU A 70 -36.79 -3.00 27.53
N LYS A 71 -37.62 -4.00 27.84
CA LYS A 71 -37.92 -4.32 29.23
C LYS A 71 -36.88 -5.28 29.82
N LYS A 72 -36.11 -5.93 28.94
CA LYS A 72 -35.09 -6.91 29.32
C LYS A 72 -33.64 -6.37 29.37
N LEU A 73 -33.09 -6.00 28.22
CA LEU A 73 -31.74 -5.42 28.15
C LEU A 73 -31.56 -4.86 26.76
N SER A 74 -30.64 -3.91 26.59
CA SER A 74 -30.40 -3.32 25.28
C SER A 74 -28.98 -3.66 24.80
N HIS A 75 -28.08 -3.99 25.72
CA HIS A 75 -26.69 -4.27 25.34
C HIS A 75 -25.89 -5.05 26.39
N THR A 76 -25.05 -5.98 25.94
CA THR A 76 -24.15 -6.71 26.83
C THR A 76 -22.79 -6.85 26.13
N CYS A 77 -22.78 -6.70 24.80
CA CYS A 77 -21.62 -6.93 23.90
C CYS A 77 -21.59 -8.47 23.83
N PHE A 78 -22.12 -9.00 22.73
CA PHE A 78 -22.24 -10.42 22.49
C PHE A 78 -20.98 -11.21 22.77
N GLN A 79 -19.83 -10.70 22.35
CA GLN A 79 -18.54 -11.36 22.56
C GLN A 79 -18.17 -11.46 24.04
N VAL A 80 -18.81 -10.67 24.88
CA VAL A 80 -18.53 -10.72 26.31
C VAL A 80 -19.55 -11.67 26.98
N LEU A 81 -20.83 -11.37 26.83
CA LEU A 81 -21.93 -12.17 27.38
C LEU A 81 -22.90 -12.30 26.24
N ALA A 82 -23.25 -13.52 25.82
CA ALA A 82 -24.16 -13.70 24.70
C ALA A 82 -25.66 -13.48 25.05
N TYR A 83 -26.52 -13.55 24.03
CA TYR A 83 -27.96 -13.40 24.22
C TYR A 83 -28.60 -14.07 23.06
N GLU A 84 -29.80 -14.59 23.30
CA GLU A 84 -30.51 -15.36 22.30
C GLU A 84 -30.96 -14.70 21.00
N PRO A 85 -31.40 -13.44 21.04
CA PRO A 85 -31.82 -12.84 19.76
C PRO A 85 -30.73 -12.86 18.69
N TYR A 86 -29.48 -12.67 19.08
CA TYR A 86 -28.36 -12.73 18.14
C TYR A 86 -28.31 -14.15 17.51
N LEU A 87 -28.27 -15.16 18.36
CA LEU A 87 -28.22 -16.56 17.94
C LEU A 87 -29.40 -16.91 17.01
N GLU A 88 -30.62 -16.61 17.44
CA GLU A 88 -31.76 -16.95 16.62
C GLU A 88 -31.67 -16.38 15.21
N LEU A 89 -31.29 -15.10 15.09
CA LEU A 89 -31.22 -14.47 13.76
C LEU A 89 -30.17 -15.18 12.94
N CYS A 90 -29.03 -15.49 13.56
CA CYS A 90 -27.97 -16.19 12.86
C CYS A 90 -28.50 -17.51 12.29
N GLU A 91 -29.19 -18.27 13.14
CA GLU A 91 -29.75 -19.54 12.73
C GLU A 91 -30.69 -19.36 11.53
N ILE A 92 -31.57 -18.36 11.59
CA ILE A 92 -32.50 -18.10 10.50
C ILE A 92 -31.77 -17.61 9.23
N MET A 93 -30.75 -16.77 9.38
CA MET A 93 -30.03 -16.31 8.17
C MET A 93 -29.27 -17.45 7.50
N ASN A 94 -28.72 -18.36 8.31
CA ASN A 94 -28.03 -19.52 7.76
C ASN A 94 -28.97 -20.30 6.83
N GLN A 95 -30.27 -20.29 7.10
CA GLN A 95 -31.24 -21.01 6.25
C GLN A 95 -31.75 -20.17 5.08
N LYS A 96 -32.07 -18.91 5.34
CA LYS A 96 -32.61 -17.99 4.33
C LYS A 96 -31.62 -17.56 3.22
N VAL A 97 -30.33 -17.44 3.54
CA VAL A 97 -29.35 -17.05 2.53
C VAL A 97 -29.11 -18.20 1.53
N PRO A 98 -29.14 -17.88 0.23
CA PRO A 98 -28.93 -18.94 -0.76
C PRO A 98 -27.64 -19.75 -0.59
N GLY A 99 -27.72 -21.02 -0.94
CA GLY A 99 -26.57 -21.89 -0.81
C GLY A 99 -27.00 -23.18 -0.16
N ASP A 100 -27.04 -24.24 -0.94
CA ASP A 100 -27.46 -25.53 -0.41
C ASP A 100 -26.29 -26.25 0.26
N PHE A 101 -25.81 -25.67 1.36
CA PHE A 101 -24.70 -26.23 2.11
C PHE A 101 -24.70 -25.58 3.47
N ALA A 102 -23.99 -26.17 4.43
CA ALA A 102 -23.95 -25.61 5.78
C ALA A 102 -23.34 -24.21 5.79
N LYS A 103 -23.99 -23.29 6.48
CA LYS A 103 -23.50 -21.92 6.58
C LYS A 103 -23.46 -21.46 8.04
N LYS A 104 -22.73 -20.37 8.27
CA LYS A 104 -22.68 -19.75 9.59
C LYS A 104 -22.83 -18.24 9.36
N THR A 105 -23.23 -17.53 10.40
CA THR A 105 -23.49 -16.10 10.30
C THR A 105 -22.84 -15.29 11.41
N LEU A 106 -22.25 -14.17 11.00
CA LEU A 106 -21.63 -13.21 11.89
C LEU A 106 -22.54 -11.97 11.88
N LEU A 107 -22.80 -11.37 13.02
CA LEU A 107 -23.58 -10.14 13.02
C LEU A 107 -22.67 -9.00 13.45
N VAL A 108 -22.77 -7.87 12.76
CA VAL A 108 -22.01 -6.69 13.14
C VAL A 108 -23.03 -5.54 13.21
N THR A 109 -22.66 -4.32 12.84
CA THR A 109 -23.64 -3.23 12.97
C THR A 109 -23.97 -2.46 11.67
N THR A 110 -22.98 -2.14 10.85
CA THR A 110 -23.26 -1.39 9.62
C THR A 110 -22.90 -2.20 8.37
N GLY A 111 -23.41 -1.74 7.22
CA GLY A 111 -23.14 -2.42 5.97
C GLY A 111 -21.67 -2.36 5.62
N SER A 112 -21.00 -1.26 5.96
N SER A 112 -21.02 -1.26 5.98
CA SER A 112 -19.58 -1.16 5.67
CA SER A 112 -19.59 -1.13 5.72
C SER A 112 -18.83 -2.19 6.53
C SER A 112 -18.85 -2.20 6.53
N GLU A 113 -19.25 -2.35 7.79
CA GLU A 113 -18.61 -3.33 8.67
C GLU A 113 -18.82 -4.74 8.10
N ALA A 114 -20.00 -4.98 7.56
CA ALA A 114 -20.31 -6.28 6.99
C ALA A 114 -19.34 -6.58 5.84
N VAL A 115 -19.22 -5.65 4.89
CA VAL A 115 -18.33 -5.90 3.76
C VAL A 115 -16.88 -6.05 4.28
N GLU A 116 -16.51 -5.24 5.26
CA GLU A 116 -15.16 -5.31 5.79
C GLU A 116 -14.92 -6.73 6.30
N ASN A 117 -15.86 -7.23 7.10
CA ASN A 117 -15.71 -8.56 7.66
C ASN A 117 -15.75 -9.68 6.63
N ALA A 118 -16.58 -9.57 5.60
CA ALA A 118 -16.61 -10.59 4.58
C ALA A 118 -15.22 -10.72 3.92
N VAL A 119 -14.59 -9.58 3.59
CA VAL A 119 -13.25 -9.59 3.00
C VAL A 119 -12.22 -10.16 3.98
N LYS A 120 -12.27 -9.73 5.25
CA LYS A 120 -11.30 -10.27 6.21
C LYS A 120 -11.47 -11.80 6.27
N ILE A 121 -12.72 -12.27 6.16
CA ILE A 121 -13.01 -13.70 6.19
C ILE A 121 -12.51 -14.35 4.90
N ALA A 122 -12.80 -13.74 3.75
CA ALA A 122 -12.32 -14.33 2.50
C ALA A 122 -10.78 -14.39 2.51
N ARG A 123 -10.11 -13.38 3.06
CA ARG A 123 -8.65 -13.38 3.10
C ARG A 123 -8.07 -14.50 3.96
N ALA A 124 -8.69 -14.72 5.12
CA ALA A 124 -8.26 -15.74 6.05
C ALA A 124 -8.48 -17.14 5.49
N ALA A 125 -9.58 -17.31 4.76
CA ALA A 125 -9.93 -18.60 4.20
C ALA A 125 -9.05 -19.00 3.04
N THR A 126 -8.63 -18.02 2.23
CA THR A 126 -7.80 -18.29 1.07
C THR A 126 -6.31 -18.02 1.28
N LYS A 127 -5.96 -17.31 2.35
CA LYS A 127 -4.55 -16.93 2.61
C LYS A 127 -4.09 -16.04 1.46
N ARG A 128 -4.92 -15.10 1.04
CA ARG A 128 -4.58 -14.20 -0.06
C ARG A 128 -5.00 -12.80 0.40
N SER A 129 -4.45 -11.77 -0.24
CA SER A 129 -4.72 -10.41 0.19
C SER A 129 -5.45 -9.45 -0.76
N GLY A 130 -5.53 -9.79 -2.04
CA GLY A 130 -6.16 -8.87 -2.96
C GLY A 130 -7.64 -9.10 -3.14
N THR A 131 -8.32 -8.08 -3.65
CA THR A 131 -9.72 -8.19 -3.94
C THR A 131 -10.03 -7.43 -5.20
N ILE A 132 -11.09 -7.88 -5.86
CA ILE A 132 -11.54 -7.27 -7.09
C ILE A 132 -12.97 -6.72 -6.83
N ALA A 133 -13.24 -5.49 -7.27
CA ALA A 133 -14.57 -4.89 -7.13
C ALA A 133 -14.93 -4.31 -8.49
N PHE A 134 -16.19 -3.92 -8.71
CA PHE A 134 -16.57 -3.43 -10.03
C PHE A 134 -16.77 -1.91 -10.24
N SER A 135 -16.75 -1.49 -11.50
CA SER A 135 -16.95 -0.08 -11.81
C SER A 135 -18.36 0.32 -11.30
N GLY A 136 -18.46 1.51 -10.72
CA GLY A 136 -19.74 1.97 -10.21
C GLY A 136 -20.22 1.28 -8.93
N ALA A 137 -19.39 0.43 -8.35
CA ALA A 137 -19.79 -0.27 -7.13
C ALA A 137 -19.84 0.67 -5.92
N TYR A 138 -20.60 0.30 -4.89
CA TYR A 138 -20.65 1.07 -3.66
C TYR A 138 -20.66 0.06 -2.51
N HIS A 139 -19.69 0.16 -1.61
CA HIS A 139 -19.57 -0.81 -0.53
C HIS A 139 -19.37 -0.23 0.86
N GLY A 140 -19.38 1.09 0.99
CA GLY A 140 -19.20 1.68 2.29
C GLY A 140 -18.20 2.82 2.35
N ARG A 141 -18.16 3.45 3.51
CA ARG A 141 -17.31 4.61 3.75
C ARG A 141 -16.11 4.41 4.68
N THR A 142 -15.69 3.18 4.92
CA THR A 142 -14.49 3.01 5.76
C THR A 142 -13.35 3.08 4.70
N HIS A 143 -12.10 3.28 5.11
CA HIS A 143 -11.02 3.34 4.10
C HIS A 143 -11.05 2.21 3.08
N TYR A 144 -11.14 0.96 3.55
CA TYR A 144 -11.12 -0.20 2.65
C TYR A 144 -12.37 -0.29 1.78
N THR A 145 -13.54 -0.01 2.32
CA THR A 145 -14.73 -0.08 1.46
C THR A 145 -14.78 1.13 0.53
N LEU A 146 -14.04 2.19 0.85
CA LEU A 146 -13.99 3.34 -0.05
C LEU A 146 -13.14 2.92 -1.25
N ALA A 147 -12.13 2.09 -0.99
CA ALA A 147 -11.29 1.59 -2.08
C ALA A 147 -12.13 0.63 -2.93
N LEU A 148 -12.91 -0.23 -2.27
CA LEU A 148 -13.75 -1.19 -2.99
C LEU A 148 -14.80 -0.43 -3.82
N THR A 149 -15.37 0.64 -3.25
CA THR A 149 -16.36 1.49 -3.91
C THR A 149 -15.83 2.09 -5.24
N GLY A 150 -16.53 1.83 -6.34
CA GLY A 150 -16.12 2.33 -7.65
C GLY A 150 -16.61 3.74 -7.90
N LYS A 151 -16.19 4.66 -7.04
CA LYS A 151 -16.56 6.07 -7.16
C LYS A 151 -15.76 6.85 -6.14
N VAL A 152 -14.88 7.72 -6.61
CA VAL A 152 -14.05 8.53 -5.73
C VAL A 152 -14.79 9.76 -5.23
N ASN A 153 -15.44 10.46 -6.14
CA ASN A 153 -16.16 11.67 -5.78
C ASN A 153 -17.63 11.40 -5.53
N PRO A 154 -18.15 11.80 -4.36
CA PRO A 154 -17.49 12.48 -3.26
C PRO A 154 -17.02 11.58 -2.08
N TYR A 155 -17.39 10.31 -2.09
CA TYR A 155 -17.07 9.37 -1.01
C TYR A 155 -15.66 9.38 -0.44
N SER A 156 -14.65 9.55 -1.28
CA SER A 156 -13.28 9.60 -0.80
C SER A 156 -12.50 10.74 -1.46
N ALA A 157 -13.23 11.78 -1.89
CA ALA A 157 -12.62 12.93 -2.55
C ALA A 157 -11.79 13.78 -1.59
N GLY A 158 -10.64 14.27 -2.06
CA GLY A 158 -9.78 15.12 -1.26
C GLY A 158 -9.04 14.42 -0.13
N MET A 159 -9.20 13.11 -0.01
CA MET A 159 -8.57 12.39 1.10
C MET A 159 -7.23 11.72 0.78
N GLY A 160 -6.79 11.81 -0.47
CA GLY A 160 -5.56 11.13 -0.88
C GLY A 160 -6.00 9.75 -1.36
N LEU A 161 -5.06 8.92 -1.78
CA LEU A 161 -5.40 7.61 -2.29
C LEU A 161 -5.87 6.60 -1.19
N MET A 162 -6.92 5.85 -1.48
CA MET A 162 -7.44 4.86 -0.54
C MET A 162 -6.54 3.59 -0.61
N PRO A 163 -6.70 2.64 0.33
CA PRO A 163 -5.86 1.42 0.31
C PRO A 163 -5.69 0.75 -1.04
N GLY A 164 -4.46 0.32 -1.33
CA GLY A 164 -4.17 -0.36 -2.57
C GLY A 164 -4.56 -1.84 -2.53
N HIS A 165 -4.22 -2.55 -3.61
CA HIS A 165 -4.50 -3.98 -3.73
C HIS A 165 -6.02 -4.26 -3.83
N VAL A 166 -6.72 -3.31 -4.43
CA VAL A 166 -8.14 -3.44 -4.74
C VAL A 166 -8.08 -3.18 -6.25
N TYR A 167 -8.52 -4.16 -7.04
CA TYR A 167 -8.47 -4.05 -8.51
C TYR A 167 -9.84 -3.82 -9.12
N ARG A 168 -9.88 -3.15 -10.26
CA ARG A 168 -11.15 -2.76 -10.87
C ARG A 168 -11.61 -3.55 -12.10
N ALA A 169 -12.76 -4.19 -11.97
CA ALA A 169 -13.35 -4.95 -13.05
C ALA A 169 -14.52 -4.14 -13.61
N LEU A 170 -15.03 -4.48 -14.79
CA LEU A 170 -16.16 -3.74 -15.38
C LEU A 170 -17.49 -4.41 -15.07
N TYR A 171 -18.44 -3.67 -14.52
CA TYR A 171 -19.75 -4.23 -14.21
C TYR A 171 -20.51 -4.33 -15.51
N PRO A 172 -21.02 -5.53 -15.84
CA PRO A 172 -21.75 -5.67 -17.11
C PRO A 172 -22.93 -4.68 -17.17
N CYS A 173 -23.05 -3.98 -18.29
CA CYS A 173 -24.10 -3.01 -18.46
C CYS A 173 -24.31 -2.71 -19.96
N PRO A 174 -25.06 -3.59 -20.66
CA PRO A 174 -25.32 -3.44 -22.08
C PRO A 174 -25.89 -2.07 -22.43
N LEU A 175 -26.74 -1.52 -21.58
CA LEU A 175 -27.31 -0.21 -21.86
C LEU A 175 -26.19 0.80 -22.17
N HIS A 176 -25.05 0.63 -21.52
CA HIS A 176 -23.93 1.55 -21.72
C HIS A 176 -22.71 0.89 -22.40
N GLY A 177 -22.99 -0.09 -23.27
CA GLY A 177 -21.95 -0.73 -24.04
C GLY A 177 -20.89 -1.57 -23.38
N ILE A 178 -21.20 -2.18 -22.26
CA ILE A 178 -20.23 -3.06 -21.61
C ILE A 178 -20.93 -4.40 -21.56
N SER A 179 -20.52 -5.29 -22.45
CA SER A 179 -21.14 -6.61 -22.50
C SER A 179 -20.70 -7.48 -21.33
N GLU A 180 -21.34 -8.63 -21.19
CA GLU A 180 -20.99 -9.57 -20.15
C GLU A 180 -19.59 -10.12 -20.48
N ASP A 181 -19.26 -10.19 -21.78
CA ASP A 181 -17.95 -10.66 -22.22
C ASP A 181 -16.91 -9.64 -21.80
N ASP A 182 -17.24 -8.36 -21.98
CA ASP A 182 -16.33 -7.29 -21.59
C ASP A 182 -16.08 -7.39 -20.07
N ALA A 183 -17.14 -7.67 -19.32
CA ALA A 183 -17.03 -7.74 -17.87
C ALA A 183 -16.16 -8.93 -17.46
N ILE A 184 -16.44 -10.11 -18.02
CA ILE A 184 -15.61 -11.27 -17.69
C ILE A 184 -14.19 -11.01 -18.20
N ALA A 185 -14.04 -10.38 -19.36
CA ALA A 185 -12.70 -10.11 -19.87
C ALA A 185 -11.91 -9.13 -18.97
N SER A 186 -12.61 -8.18 -18.36
CA SER A 186 -11.93 -7.21 -17.50
C SER A 186 -11.33 -7.90 -16.25
N ILE A 187 -11.90 -9.04 -15.85
CA ILE A 187 -11.39 -9.76 -14.69
C ILE A 187 -10.10 -10.48 -15.09
N HIS A 188 -10.13 -11.16 -16.23
CA HIS A 188 -8.95 -11.85 -16.72
C HIS A 188 -7.84 -10.81 -16.95
N ARG A 189 -8.22 -9.58 -17.30
CA ARG A 189 -7.24 -8.54 -17.51
C ARG A 189 -6.49 -8.23 -16.20
N ILE A 190 -7.22 -8.20 -15.10
CA ILE A 190 -6.58 -7.97 -13.81
C ILE A 190 -5.59 -9.12 -13.57
N PHE A 191 -6.03 -10.36 -13.82
CA PHE A 191 -5.19 -11.53 -13.62
C PHE A 191 -3.87 -11.46 -14.42
N LYS A 192 -3.94 -10.99 -15.65
CA LYS A 192 -2.74 -10.91 -16.47
C LYS A 192 -1.87 -9.68 -16.23
N ASN A 193 -2.48 -8.55 -15.91
CA ASN A 193 -1.76 -7.29 -15.72
C ASN A 193 -1.31 -6.87 -14.34
N ASP A 194 -2.16 -7.11 -13.33
CA ASP A 194 -1.85 -6.64 -11.99
C ASP A 194 -1.86 -7.58 -10.80
N ALA A 195 -2.71 -8.61 -10.85
CA ALA A 195 -2.78 -9.53 -9.72
C ALA A 195 -3.23 -10.90 -10.16
N ALA A 196 -2.36 -11.89 -10.03
CA ALA A 196 -2.71 -13.25 -10.42
C ALA A 196 -3.79 -13.79 -9.49
N PRO A 197 -4.58 -14.77 -9.94
CA PRO A 197 -5.66 -15.39 -9.16
C PRO A 197 -5.19 -15.84 -7.78
N GLU A 198 -3.98 -16.37 -7.71
CA GLU A 198 -3.42 -16.86 -6.46
C GLU A 198 -3.27 -15.72 -5.41
N ASP A 199 -3.43 -14.47 -5.84
CA ASP A 199 -3.35 -13.33 -4.90
C ASP A 199 -4.69 -12.63 -4.65
N ILE A 200 -5.74 -13.13 -5.30
CA ILE A 200 -7.07 -12.57 -5.14
C ILE A 200 -7.90 -13.45 -4.19
N ALA A 201 -8.21 -12.91 -3.02
CA ALA A 201 -8.99 -13.62 -2.02
C ALA A 201 -10.47 -13.59 -2.36
N ALA A 202 -10.92 -12.52 -3.00
CA ALA A 202 -12.34 -12.40 -3.26
C ALA A 202 -12.70 -11.45 -4.35
N ILE A 203 -13.85 -11.70 -4.95
CA ILE A 203 -14.41 -10.82 -5.97
C ILE A 203 -15.73 -10.38 -5.31
N VAL A 204 -15.88 -9.06 -5.10
CA VAL A 204 -17.05 -8.48 -4.44
C VAL A 204 -17.97 -7.86 -5.50
N ILE A 205 -19.26 -8.16 -5.43
CA ILE A 205 -20.19 -7.65 -6.42
C ILE A 205 -21.59 -7.44 -5.86
N GLU A 206 -22.26 -6.40 -6.30
CA GLU A 206 -23.64 -6.17 -5.88
C GLU A 206 -24.49 -6.90 -6.96
N PRO A 207 -25.32 -7.89 -6.59
CA PRO A 207 -26.17 -8.61 -7.56
C PRO A 207 -26.95 -7.54 -8.39
N VAL A 208 -27.34 -6.47 -7.71
CA VAL A 208 -27.98 -5.34 -8.36
C VAL A 208 -27.28 -4.12 -7.71
N GLN A 209 -26.57 -3.34 -8.52
CA GLN A 209 -25.86 -2.16 -8.02
C GLN A 209 -26.86 -1.12 -7.52
N GLY A 210 -26.60 -0.55 -6.35
CA GLY A 210 -27.48 0.45 -5.78
C GLY A 210 -27.11 1.84 -6.27
N GLU A 211 -26.13 2.47 -5.62
CA GLU A 211 -25.67 3.79 -6.03
C GLU A 211 -25.18 3.75 -7.47
N GLY A 212 -24.75 2.56 -7.91
CA GLY A 212 -24.25 2.41 -9.25
C GLY A 212 -25.28 2.65 -10.34
N GLY A 213 -26.56 2.64 -9.99
CA GLY A 213 -27.60 2.89 -11.00
C GLY A 213 -28.71 1.86 -11.11
N PHE A 214 -28.81 0.97 -10.13
CA PHE A 214 -29.83 -0.07 -10.16
C PHE A 214 -29.66 -0.92 -11.44
N TYR A 215 -28.43 -1.34 -11.70
CA TYR A 215 -28.16 -2.19 -12.86
C TYR A 215 -28.03 -3.59 -12.30
N ALA A 216 -28.73 -4.54 -12.91
CA ALA A 216 -28.70 -5.90 -12.42
C ALA A 216 -27.85 -6.86 -13.21
N SER A 217 -27.28 -7.83 -12.52
N SER A 217 -27.25 -7.82 -12.53
CA SER A 217 -26.48 -8.87 -13.14
CA SER A 217 -26.45 -8.83 -13.22
C SER A 217 -27.47 -9.92 -13.64
C SER A 217 -27.48 -9.87 -13.68
N SER A 218 -27.21 -10.51 -14.81
CA SER A 218 -28.10 -11.53 -15.34
C SER A 218 -27.65 -12.81 -14.70
N PRO A 219 -28.55 -13.81 -14.61
CA PRO A 219 -28.17 -15.09 -14.01
C PRO A 219 -26.98 -15.69 -14.77
N ALA A 220 -26.95 -15.50 -16.08
CA ALA A 220 -25.88 -16.07 -16.90
C ALA A 220 -24.53 -15.45 -16.55
N PHE A 221 -24.50 -14.13 -16.41
CA PHE A 221 -23.26 -13.47 -16.07
C PHE A 221 -22.83 -13.99 -14.69
N MET A 222 -23.75 -13.98 -13.74
CA MET A 222 -23.43 -14.40 -12.39
C MET A 222 -22.92 -15.85 -12.38
N GLN A 223 -23.48 -16.66 -13.25
CA GLN A 223 -23.06 -18.05 -13.37
C GLN A 223 -21.61 -18.14 -13.90
N ARG A 224 -21.24 -17.26 -14.82
CA ARG A 224 -19.88 -17.25 -15.36
C ARG A 224 -18.90 -16.87 -14.23
N LEU A 225 -19.29 -15.87 -13.45
CA LEU A 225 -18.50 -15.37 -12.35
C LEU A 225 -18.26 -16.49 -11.33
N ARG A 226 -19.34 -17.18 -10.94
CA ARG A 226 -19.24 -18.29 -10.01
C ARG A 226 -18.24 -19.32 -10.53
N ALA A 227 -18.35 -19.67 -11.81
CA ALA A 227 -17.43 -20.64 -12.42
C ALA A 227 -15.98 -20.10 -12.38
N LEU A 228 -15.81 -18.81 -12.67
CA LEU A 228 -14.46 -18.22 -12.62
C LEU A 228 -13.90 -18.33 -11.19
N CYS A 229 -14.68 -17.94 -10.18
CA CYS A 229 -14.19 -18.04 -8.79
C CYS A 229 -13.86 -19.49 -8.39
N ASP A 230 -14.72 -20.43 -8.77
CA ASP A 230 -14.50 -21.84 -8.45
C ASP A 230 -13.20 -22.32 -9.03
N GLU A 231 -12.95 -21.96 -10.28
CA GLU A 231 -11.73 -22.36 -10.96
C GLU A 231 -10.46 -21.90 -10.26
N HIS A 232 -10.51 -20.69 -9.69
CA HIS A 232 -9.35 -20.10 -9.03
C HIS A 232 -9.37 -20.05 -7.53
N GLY A 233 -10.36 -20.71 -6.92
CA GLY A 233 -10.43 -20.72 -5.46
C GLY A 233 -10.64 -19.33 -4.86
N ILE A 234 -11.32 -18.48 -5.60
CA ILE A 234 -11.59 -17.13 -5.16
C ILE A 234 -12.98 -17.11 -4.49
N MET A 235 -13.12 -16.42 -3.37
CA MET A 235 -14.42 -16.35 -2.72
C MET A 235 -15.32 -15.34 -3.44
N LEU A 236 -16.58 -15.72 -3.68
CA LEU A 236 -17.50 -14.80 -4.32
C LEU A 236 -18.31 -14.13 -3.19
N ILE A 237 -18.15 -12.83 -3.06
CA ILE A 237 -18.88 -12.10 -2.03
C ILE A 237 -19.99 -11.29 -2.70
N ALA A 238 -21.23 -11.59 -2.33
CA ALA A 238 -22.35 -10.85 -2.88
C ALA A 238 -22.69 -9.83 -1.82
N ASP A 239 -22.57 -8.55 -2.17
CA ASP A 239 -22.90 -7.50 -1.23
C ASP A 239 -24.40 -7.23 -1.45
N GLU A 240 -25.23 -7.72 -0.54
CA GLU A 240 -26.68 -7.52 -0.64
C GLU A 240 -27.20 -6.57 0.43
N VAL A 241 -26.34 -5.64 0.87
CA VAL A 241 -26.74 -4.66 1.87
C VAL A 241 -28.01 -3.92 1.38
N GLN A 242 -28.07 -3.58 0.08
CA GLN A 242 -29.19 -2.84 -0.45
C GLN A 242 -30.18 -3.70 -1.25
N SER A 243 -29.66 -4.68 -2.00
CA SER A 243 -30.53 -5.53 -2.81
C SER A 243 -31.22 -6.55 -1.90
N GLY A 244 -30.62 -6.76 -0.72
CA GLY A 244 -31.16 -7.75 0.20
C GLY A 244 -32.42 -7.37 0.94
N ALA A 245 -32.79 -8.22 1.88
CA ALA A 245 -33.99 -8.01 2.68
C ALA A 245 -35.25 -7.82 1.80
N GLY A 246 -35.36 -8.64 0.76
CA GLY A 246 -36.52 -8.63 -0.11
C GLY A 246 -36.78 -7.62 -1.21
N ARG A 247 -35.91 -6.64 -1.37
CA ARG A 247 -36.12 -5.61 -2.39
C ARG A 247 -36.34 -6.11 -3.82
N THR A 248 -35.72 -7.21 -4.21
CA THR A 248 -35.89 -7.70 -5.58
C THR A 248 -36.94 -8.76 -5.79
N GLY A 249 -37.78 -9.03 -4.81
CA GLY A 249 -38.80 -10.06 -5.02
C GLY A 249 -38.46 -11.39 -4.35
N THR A 250 -37.19 -11.58 -3.99
CA THR A 250 -36.78 -12.77 -3.25
C THR A 250 -36.07 -12.18 -2.06
N LEU A 251 -35.88 -12.93 -0.98
CA LEU A 251 -35.21 -12.34 0.17
C LEU A 251 -33.84 -11.77 -0.28
N PHE A 252 -33.08 -12.58 -1.01
CA PHE A 252 -31.80 -12.15 -1.53
C PHE A 252 -31.82 -12.31 -3.02
N ALA A 253 -31.25 -11.33 -3.70
CA ALA A 253 -31.22 -11.31 -5.16
C ALA A 253 -30.44 -12.50 -5.71
N MET A 254 -29.46 -12.99 -4.95
CA MET A 254 -28.69 -14.12 -5.45
C MET A 254 -29.61 -15.34 -5.68
N GLU A 255 -30.78 -15.39 -5.04
CA GLU A 255 -31.69 -16.53 -5.26
C GLU A 255 -32.13 -16.59 -6.72
N GLN A 256 -32.20 -15.42 -7.36
CA GLN A 256 -32.63 -15.35 -8.75
C GLN A 256 -31.47 -15.45 -9.74
N MET A 257 -30.28 -15.78 -9.26
CA MET A 257 -29.14 -15.87 -10.16
C MET A 257 -28.79 -17.29 -10.57
N GLY A 258 -29.28 -18.27 -9.83
CA GLY A 258 -29.00 -19.65 -10.20
C GLY A 258 -27.69 -20.17 -9.62
N VAL A 259 -27.04 -19.35 -8.82
CA VAL A 259 -25.78 -19.73 -8.18
C VAL A 259 -25.74 -19.11 -6.80
N ALA A 260 -24.94 -19.70 -5.91
CA ALA A 260 -24.82 -19.21 -4.56
C ALA A 260 -23.44 -18.61 -4.36
N PRO A 261 -23.36 -17.55 -3.55
CA PRO A 261 -22.07 -16.94 -3.30
C PRO A 261 -21.45 -17.66 -2.12
N ASP A 262 -20.19 -17.39 -1.86
CA ASP A 262 -19.55 -17.99 -0.72
C ASP A 262 -19.91 -17.19 0.54
N LEU A 263 -20.09 -15.87 0.37
CA LEU A 263 -20.38 -14.94 1.46
C LEU A 263 -21.39 -13.92 0.98
N THR A 264 -22.28 -13.54 1.90
CA THR A 264 -23.29 -12.55 1.61
C THR A 264 -23.37 -11.53 2.73
N THR A 265 -23.41 -10.25 2.36
CA THR A 265 -23.51 -9.18 3.34
C THR A 265 -24.94 -8.64 3.32
N PHE A 266 -25.48 -8.31 4.49
CA PHE A 266 -26.83 -7.75 4.60
C PHE A 266 -26.83 -6.64 5.66
N ALA A 267 -27.80 -5.73 5.56
CA ALA A 267 -27.95 -4.61 6.47
C ALA A 267 -29.21 -3.86 6.04
N LYS A 268 -29.18 -2.54 6.18
N LYS A 268 -29.17 -2.54 6.14
CA LYS A 268 -30.31 -1.69 5.84
CA LYS A 268 -30.31 -1.69 5.78
C LYS A 268 -31.68 -2.28 6.21
C LYS A 268 -31.68 -2.28 6.20
N SER A 269 -32.46 -2.74 5.23
CA SER A 269 -33.79 -3.28 5.53
C SER A 269 -33.88 -4.48 6.41
N ILE A 270 -32.78 -5.15 6.69
CA ILE A 270 -32.84 -6.35 7.52
C ILE A 270 -33.51 -6.13 8.89
N ALA A 271 -33.36 -4.94 9.48
CA ALA A 271 -33.96 -4.69 10.79
C ALA A 271 -35.00 -3.58 10.77
N GLY A 272 -35.45 -3.25 9.57
CA GLY A 272 -36.49 -2.24 9.40
C GLY A 272 -36.37 -0.91 10.13
N GLY A 273 -35.16 -0.34 10.20
CA GLY A 273 -35.01 0.94 10.87
C GLY A 273 -34.19 0.92 12.16
N PHE A 274 -33.44 -0.16 12.38
CA PHE A 274 -32.58 -0.30 13.56
C PHE A 274 -31.20 -0.76 13.08
N PRO A 275 -30.12 -0.28 13.74
CA PRO A 275 -28.73 -0.58 13.39
C PRO A 275 -28.25 -2.01 13.56
N LEU A 276 -28.25 -2.75 12.45
CA LEU A 276 -27.81 -4.14 12.44
C LEU A 276 -27.29 -4.48 11.06
N ALA A 277 -26.28 -5.33 10.98
CA ALA A 277 -25.74 -5.80 9.69
C ALA A 277 -25.16 -7.20 9.93
N GLY A 278 -24.81 -7.92 8.85
CA GLY A 278 -24.24 -9.24 9.03
C GLY A 278 -23.60 -9.86 7.81
N VAL A 279 -22.98 -11.01 8.04
CA VAL A 279 -22.34 -11.75 6.99
C VAL A 279 -22.69 -13.21 7.19
N THR A 280 -23.19 -13.86 6.15
CA THR A 280 -23.54 -15.26 6.21
C THR A 280 -22.80 -15.96 5.09
N GLY A 281 -22.17 -17.09 5.38
CA GLY A 281 -21.47 -17.78 4.31
C GLY A 281 -21.13 -19.23 4.56
N ARG A 282 -20.58 -19.86 3.53
CA ARG A 282 -20.17 -21.26 3.58
C ARG A 282 -19.48 -21.45 4.94
N ALA A 283 -19.93 -22.44 5.70
CA ALA A 283 -19.39 -22.60 7.04
C ALA A 283 -17.87 -22.68 7.12
N GLU A 284 -17.26 -23.46 6.25
CA GLU A 284 -15.81 -23.65 6.28
C GLU A 284 -15.05 -22.37 6.01
N VAL A 285 -15.64 -21.50 5.20
CA VAL A 285 -15.04 -20.21 4.88
C VAL A 285 -15.17 -19.30 6.12
N MET A 286 -16.39 -19.21 6.67
CA MET A 286 -16.63 -18.39 7.85
C MET A 286 -15.73 -18.76 9.01
N ASP A 287 -15.55 -20.06 9.24
CA ASP A 287 -14.71 -20.56 10.34
C ASP A 287 -13.19 -20.34 10.18
N ALA A 288 -12.76 -19.82 9.04
CA ALA A 288 -11.32 -19.63 8.80
C ALA A 288 -10.69 -18.65 9.77
N VAL A 289 -11.45 -17.69 10.29
CA VAL A 289 -10.88 -16.72 11.24
C VAL A 289 -10.77 -17.35 12.65
N ALA A 290 -9.62 -17.17 13.29
CA ALA A 290 -9.40 -17.72 14.63
C ALA A 290 -10.20 -16.97 15.66
N PRO A 291 -10.58 -17.65 16.75
CA PRO A 291 -11.37 -17.01 17.82
C PRO A 291 -10.73 -15.70 18.23
N GLY A 292 -11.57 -14.68 18.42
CA GLY A 292 -11.08 -13.37 18.79
C GLY A 292 -10.92 -12.50 17.55
N GLY A 293 -10.92 -13.14 16.39
CA GLY A 293 -10.71 -12.39 15.17
C GLY A 293 -11.92 -11.65 14.62
N LEU A 294 -13.10 -11.90 15.17
CA LEU A 294 -14.30 -11.23 14.68
C LEU A 294 -15.05 -10.63 15.83
N GLY A 295 -15.59 -9.43 15.61
CA GLY A 295 -16.34 -8.78 16.67
C GLY A 295 -16.90 -7.41 16.36
N GLY A 296 -16.92 -6.57 17.39
CA GLY A 296 -17.45 -5.23 17.28
C GLY A 296 -18.25 -4.99 18.55
N THR A 297 -18.00 -3.89 19.25
CA THR A 297 -18.70 -3.62 20.49
C THR A 297 -20.23 -3.74 20.41
N TYR A 298 -20.83 -3.03 19.46
CA TYR A 298 -22.29 -3.06 19.35
C TYR A 298 -22.89 -4.20 18.54
N ALA A 299 -22.04 -4.96 17.83
CA ALA A 299 -22.45 -6.05 16.94
C ALA A 299 -23.72 -6.82 17.34
N GLY A 300 -24.65 -6.95 16.40
CA GLY A 300 -25.87 -7.69 16.71
C GLY A 300 -26.53 -7.13 17.97
N ASN A 301 -26.71 -5.82 17.98
CA ASN A 301 -27.35 -5.18 19.10
C ASN A 301 -28.68 -5.90 19.41
N PRO A 302 -28.93 -6.23 20.69
CA PRO A 302 -30.17 -6.93 21.08
C PRO A 302 -31.49 -6.36 20.47
N ILE A 303 -31.73 -5.07 20.62
CA ILE A 303 -32.94 -4.46 20.08
C ILE A 303 -33.02 -4.62 18.54
N ALA A 304 -31.92 -4.32 17.86
CA ALA A 304 -31.90 -4.43 16.41
C ALA A 304 -32.19 -5.88 15.96
N CYS A 305 -31.69 -6.84 16.73
CA CYS A 305 -31.92 -8.26 16.42
C CYS A 305 -33.42 -8.61 16.53
N VAL A 306 -34.07 -8.26 17.64
CA VAL A 306 -35.49 -8.62 17.76
C VAL A 306 -36.25 -7.93 16.65
N ALA A 307 -35.79 -6.74 16.26
CA ALA A 307 -36.43 -5.99 15.17
C ALA A 307 -36.28 -6.78 13.88
N ALA A 308 -35.08 -7.25 13.61
CA ALA A 308 -34.83 -8.04 12.41
C ALA A 308 -35.68 -9.31 12.41
N LEU A 309 -35.78 -9.97 13.57
CA LEU A 309 -36.56 -11.20 13.67
C LEU A 309 -38.02 -10.93 13.30
N GLU A 310 -38.52 -9.77 13.74
CA GLU A 310 -39.90 -9.39 13.45
C GLU A 310 -40.06 -9.06 11.96
N VAL A 311 -39.06 -8.39 11.40
CA VAL A 311 -39.10 -8.03 9.98
C VAL A 311 -39.27 -9.30 9.15
N LEU A 312 -38.48 -10.31 9.49
CA LEU A 312 -38.53 -11.60 8.78
C LEU A 312 -39.91 -12.22 8.89
N LYS A 313 -40.49 -12.19 10.09
CA LYS A 313 -41.83 -12.74 10.29
C LYS A 313 -42.86 -11.91 9.49
N VAL A 314 -42.68 -10.59 9.44
CA VAL A 314 -43.60 -9.73 8.71
C VAL A 314 -43.55 -10.02 7.22
N PHE A 315 -42.36 -10.28 6.69
CA PHE A 315 -42.27 -10.60 5.26
C PHE A 315 -43.15 -11.82 4.97
N GLU A 316 -43.08 -12.80 5.86
CA GLU A 316 -43.82 -14.03 5.71
C GLU A 316 -45.32 -13.79 5.87
N GLN A 317 -45.69 -13.14 6.97
CA GLN A 317 -47.10 -12.89 7.27
C GLN A 317 -47.82 -11.96 6.30
N GLU A 318 -47.17 -10.87 5.88
CA GLU A 318 -47.81 -9.93 4.97
C GLU A 318 -47.48 -10.21 3.51
N ASN A 319 -46.86 -11.37 3.26
CA ASN A 319 -46.55 -11.75 1.89
C ASN A 319 -45.82 -10.59 1.18
N LEU A 320 -44.80 -10.00 1.81
CA LEU A 320 -44.12 -8.87 1.17
C LEU A 320 -43.27 -9.20 -0.06
N LEU A 321 -42.82 -10.44 -0.22
CA LEU A 321 -42.03 -10.73 -1.41
C LEU A 321 -42.93 -10.62 -2.64
N GLN A 322 -44.13 -11.19 -2.55
CA GLN A 322 -45.08 -11.14 -3.67
C GLN A 322 -45.47 -9.67 -3.90
N LYS A 323 -45.71 -8.93 -2.82
CA LYS A 323 -46.09 -7.53 -2.94
C LYS A 323 -44.98 -6.72 -3.59
N ALA A 324 -43.74 -7.07 -3.29
CA ALA A 324 -42.60 -6.36 -3.86
C ALA A 324 -42.66 -6.51 -5.35
N ASN A 325 -42.93 -7.75 -5.77
CA ASN A 325 -43.02 -8.02 -7.19
C ASN A 325 -44.20 -7.31 -7.81
N ASP A 326 -45.36 -7.32 -7.15
CA ASP A 326 -46.50 -6.64 -7.73
C ASP A 326 -46.27 -5.14 -7.79
N LEU A 327 -45.70 -4.58 -6.72
CA LEU A 327 -45.42 -3.16 -6.65
C LEU A 327 -44.49 -2.75 -7.79
N GLY A 328 -43.54 -3.63 -8.10
CA GLY A 328 -42.59 -3.34 -9.15
C GLY A 328 -43.24 -3.30 -10.52
N GLN A 329 -44.13 -4.24 -10.77
CA GLN A 329 -44.82 -4.24 -12.06
C GLN A 329 -45.64 -2.94 -12.17
N LYS A 330 -46.40 -2.63 -11.12
CA LYS A 330 -47.20 -1.41 -11.13
C LYS A 330 -46.36 -0.16 -11.29
N LEU A 331 -45.21 -0.09 -10.65
CA LEU A 331 -44.39 1.11 -10.80
C LEU A 331 -43.86 1.22 -12.21
N LYS A 332 -43.35 0.13 -12.76
CA LYS A 332 -42.80 0.15 -14.11
C LYS A 332 -43.86 0.45 -15.17
N ASP A 333 -45.06 -0.12 -15.01
CA ASP A 333 -46.11 0.17 -15.97
C ASP A 333 -46.40 1.68 -15.94
N GLY A 334 -46.55 2.24 -14.74
CA GLY A 334 -46.82 3.66 -14.62
C GLY A 334 -45.70 4.52 -15.18
N LEU A 335 -44.47 4.10 -14.90
CA LEU A 335 -43.30 4.84 -15.36
C LEU A 335 -43.21 4.78 -16.88
N LEU A 336 -43.55 3.64 -17.46
CA LEU A 336 -43.51 3.49 -18.90
C LEU A 336 -44.59 4.38 -19.54
N ALA A 337 -45.72 4.55 -18.86
CA ALA A 337 -46.79 5.41 -19.38
C ALA A 337 -46.25 6.84 -19.43
N ILE A 338 -45.67 7.28 -18.33
CA ILE A 338 -45.10 8.61 -18.27
C ILE A 338 -44.06 8.75 -19.38
N ALA A 339 -43.28 7.70 -19.59
CA ALA A 339 -42.24 7.69 -20.59
C ALA A 339 -42.78 7.95 -21.99
N GLU A 340 -43.99 7.48 -22.28
CA GLU A 340 -44.57 7.69 -23.59
C GLU A 340 -44.66 9.18 -23.93
N LYS A 341 -44.84 10.03 -22.92
CA LYS A 341 -44.92 11.46 -23.14
C LYS A 341 -43.59 12.21 -22.93
N HIS A 342 -42.56 11.50 -22.49
CA HIS A 342 -41.27 12.14 -22.23
C HIS A 342 -40.12 11.25 -22.67
N PRO A 343 -39.56 11.51 -23.85
CA PRO A 343 -38.44 10.75 -24.41
C PRO A 343 -37.19 10.77 -23.54
N GLU A 344 -37.06 11.76 -22.67
CA GLU A 344 -35.89 11.87 -21.79
C GLU A 344 -35.71 10.63 -20.91
N ILE A 345 -36.80 9.94 -20.63
CA ILE A 345 -36.74 8.72 -19.86
C ILE A 345 -36.31 7.66 -20.86
N GLY A 346 -35.04 7.27 -20.82
CA GLY A 346 -34.53 6.29 -21.76
C GLY A 346 -34.55 4.84 -21.33
N ASP A 347 -34.95 4.57 -20.09
CA ASP A 347 -34.98 3.20 -19.61
C ASP A 347 -35.80 3.12 -18.33
N VAL A 348 -36.53 2.02 -18.18
CA VAL A 348 -37.36 1.78 -17.01
C VAL A 348 -36.94 0.35 -16.68
N ARG A 349 -36.45 0.13 -15.45
CA ARG A 349 -35.93 -1.19 -15.08
C ARG A 349 -36.05 -1.56 -13.60
N GLY A 350 -35.69 -2.80 -13.30
CA GLY A 350 -35.69 -3.26 -11.92
C GLY A 350 -36.29 -4.62 -11.63
N LEU A 351 -35.65 -5.35 -10.71
CA LEU A 351 -36.15 -6.66 -10.28
C LEU A 351 -37.02 -6.30 -9.06
N GLY A 352 -38.11 -7.04 -8.85
CA GLY A 352 -38.97 -6.75 -7.72
C GLY A 352 -39.30 -5.28 -7.56
N ALA A 353 -39.17 -4.75 -6.36
CA ALA A 353 -39.43 -3.34 -6.11
C ALA A 353 -38.15 -2.46 -6.22
N MET A 354 -37.09 -3.00 -6.82
CA MET A 354 -35.86 -2.23 -6.94
C MET A 354 -35.92 -1.51 -8.29
N ILE A 355 -36.90 -0.63 -8.42
CA ILE A 355 -37.15 0.10 -9.65
C ILE A 355 -36.43 1.44 -9.82
N ALA A 356 -36.05 1.73 -11.07
CA ALA A 356 -35.39 2.98 -11.42
C ALA A 356 -35.66 3.38 -12.87
N ILE A 357 -35.51 4.66 -13.17
CA ILE A 357 -35.64 5.10 -14.55
C ILE A 357 -34.37 5.91 -14.74
N GLU A 358 -33.89 5.97 -15.97
CA GLU A 358 -32.67 6.70 -16.29
C GLU A 358 -32.98 7.74 -17.37
N LEU A 359 -32.59 8.98 -17.08
CA LEU A 359 -32.84 10.10 -17.98
C LEU A 359 -31.68 10.40 -18.94
N PHE A 360 -32.01 10.71 -20.19
CA PHE A 360 -31.03 11.04 -21.22
C PHE A 360 -31.49 12.28 -21.96
N GLU A 361 -30.56 13.12 -22.37
CA GLU A 361 -30.95 14.31 -23.13
C GLU A 361 -31.46 13.82 -24.48
N ASP A 362 -32.69 14.21 -24.81
CA ASP A 362 -33.31 13.80 -26.06
C ASP A 362 -33.15 12.30 -26.23
N GLY A 363 -33.35 11.57 -25.14
CA GLY A 363 -33.23 10.13 -25.20
C GLY A 363 -31.90 9.68 -25.78
N ASP A 364 -30.90 10.56 -25.79
CA ASP A 364 -29.59 10.20 -26.31
C ASP A 364 -28.74 9.48 -25.26
N HIS A 365 -28.72 8.15 -25.35
CA HIS A 365 -28.02 7.28 -24.42
C HIS A 365 -26.58 7.58 -24.06
N ASN A 366 -25.97 8.56 -24.70
CA ASN A 366 -24.59 8.91 -24.36
C ASN A 366 -24.59 10.30 -23.74
N LYS A 367 -25.79 10.85 -23.54
CA LYS A 367 -25.93 12.16 -22.93
C LYS A 367 -26.74 12.08 -21.63
N PRO A 368 -26.11 11.65 -20.52
CA PRO A 368 -26.81 11.54 -19.24
C PRO A 368 -27.37 12.91 -18.89
N ASP A 369 -28.65 12.96 -18.56
CA ASP A 369 -29.29 14.22 -18.23
C ASP A 369 -29.34 14.41 -16.70
N ALA A 370 -28.25 14.91 -16.14
CA ALA A 370 -28.18 15.12 -14.70
C ALA A 370 -29.02 16.30 -14.21
N LYS A 371 -29.15 17.35 -15.01
CA LYS A 371 -29.93 18.53 -14.61
C LYS A 371 -31.42 18.21 -14.49
N LEU A 372 -31.93 17.43 -15.42
CA LEU A 372 -33.33 17.03 -15.39
C LEU A 372 -33.61 16.12 -14.17
N THR A 373 -32.70 15.18 -13.91
CA THR A 373 -32.83 14.28 -12.77
C THR A 373 -32.89 15.11 -11.48
N ALA A 374 -31.97 16.05 -11.33
CA ALA A 374 -31.96 16.89 -10.14
C ALA A 374 -33.22 17.75 -10.10
N GLU A 375 -33.70 18.19 -11.26
CA GLU A 375 -34.90 19.01 -11.31
C GLU A 375 -36.13 18.19 -10.90
N ILE A 376 -36.20 16.95 -11.38
CA ILE A 376 -37.34 16.13 -11.00
C ILE A 376 -37.34 15.91 -9.48
N VAL A 377 -36.17 15.65 -8.90
CA VAL A 377 -36.10 15.44 -7.46
C VAL A 377 -36.62 16.66 -6.71
N ALA A 378 -36.19 17.86 -7.11
CA ALA A 378 -36.61 19.08 -6.44
C ALA A 378 -38.10 19.32 -6.61
N ARG A 379 -38.60 19.18 -7.84
CA ARG A 379 -40.03 19.38 -8.10
C ARG A 379 -40.88 18.38 -7.30
N ALA A 380 -40.36 17.17 -7.14
CA ALA A 380 -41.07 16.14 -6.38
C ALA A 380 -41.13 16.54 -4.92
N ARG A 381 -40.05 17.05 -4.34
CA ARG A 381 -40.07 17.47 -2.95
C ARG A 381 -41.14 18.54 -2.76
N ASP A 382 -41.21 19.46 -3.72
CA ASP A 382 -42.19 20.55 -3.69
C ASP A 382 -43.63 20.03 -3.74
N LYS A 383 -43.83 18.84 -4.31
CA LYS A 383 -45.16 18.23 -4.39
C LYS A 383 -45.36 17.23 -3.23
N GLY A 384 -44.44 17.25 -2.26
CA GLY A 384 -44.51 16.35 -1.12
C GLY A 384 -44.02 14.92 -1.32
N LEU A 385 -43.21 14.67 -2.34
CA LEU A 385 -42.68 13.35 -2.61
C LEU A 385 -41.14 13.38 -2.46
N ILE A 386 -40.61 12.47 -1.65
CA ILE A 386 -39.18 12.37 -1.39
C ILE A 386 -38.57 11.29 -2.28
N LEU A 387 -37.61 11.70 -3.12
CA LEU A 387 -36.92 10.78 -4.02
C LEU A 387 -35.39 10.88 -3.84
N LEU A 388 -34.69 9.87 -4.34
CA LEU A 388 -33.23 9.79 -4.33
C LEU A 388 -32.78 9.50 -5.77
N SER A 389 -31.63 10.01 -6.18
CA SER A 389 -31.12 9.74 -7.52
C SER A 389 -29.84 8.97 -7.26
N CYS A 390 -29.18 8.50 -8.31
CA CYS A 390 -27.93 7.75 -8.17
C CYS A 390 -27.34 7.59 -9.57
N GLY A 391 -26.29 6.80 -9.68
CA GLY A 391 -25.69 6.58 -10.97
C GLY A 391 -24.39 7.36 -11.09
N PRO A 392 -23.34 6.74 -11.68
CA PRO A 392 -22.08 7.48 -11.81
C PRO A 392 -22.24 8.85 -12.49
N TYR A 393 -23.27 9.01 -13.33
CA TYR A 393 -23.50 10.30 -14.01
C TYR A 393 -24.68 11.06 -13.42
N TYR A 394 -25.16 10.63 -12.27
CA TYR A 394 -26.26 11.30 -11.58
C TYR A 394 -27.55 11.43 -12.38
N ASN A 395 -27.81 10.51 -13.29
CA ASN A 395 -29.00 10.60 -14.12
C ASN A 395 -29.97 9.44 -13.89
N VAL A 396 -29.94 8.86 -12.70
CA VAL A 396 -30.82 7.76 -12.37
C VAL A 396 -31.66 8.08 -11.16
N LEU A 397 -32.96 7.89 -11.30
CA LEU A 397 -33.90 8.11 -10.21
C LEU A 397 -34.30 6.72 -9.74
N ARG A 398 -34.23 6.46 -8.44
CA ARG A 398 -34.60 5.14 -7.96
C ARG A 398 -35.80 5.20 -7.04
N ILE A 399 -36.58 4.13 -7.00
CA ILE A 399 -37.71 4.11 -6.09
C ILE A 399 -37.44 3.10 -4.99
N LEU A 400 -37.42 3.56 -3.75
CA LEU A 400 -37.15 2.66 -2.63
C LEU A 400 -38.25 2.74 -1.59
N VAL A 401 -39.48 3.02 -2.03
CA VAL A 401 -40.64 3.15 -1.13
C VAL A 401 -40.87 1.84 -0.33
N PRO A 402 -41.30 1.95 0.93
CA PRO A 402 -41.54 0.72 1.71
C PRO A 402 -42.44 -0.24 0.93
N LEU A 403 -42.20 -1.54 1.06
CA LEU A 403 -43.02 -2.53 0.36
C LEU A 403 -44.43 -2.53 0.95
N THR A 404 -44.56 -2.03 2.17
CA THR A 404 -45.85 -1.96 2.85
C THR A 404 -46.72 -0.78 2.35
N ILE A 405 -46.33 -0.17 1.24
CA ILE A 405 -47.05 0.98 0.70
C ILE A 405 -48.56 0.73 0.44
N GLU A 406 -49.39 1.76 0.58
CA GLU A 406 -50.84 1.64 0.33
C GLU A 406 -51.14 1.75 -1.18
N ASP A 407 -52.20 1.10 -1.66
CA ASP A 407 -52.55 1.18 -3.09
C ASP A 407 -52.62 2.67 -3.51
N ALA A 408 -53.31 3.46 -2.70
CA ALA A 408 -53.48 4.87 -3.02
C ALA A 408 -52.14 5.57 -3.17
N GLN A 409 -51.16 5.16 -2.37
CA GLN A 409 -49.86 5.81 -2.43
C GLN A 409 -49.10 5.48 -3.69
N ILE A 410 -49.35 4.32 -4.27
CA ILE A 410 -48.67 3.95 -5.50
C ILE A 410 -49.19 4.98 -6.55
N ARG A 411 -50.50 5.15 -6.60
CA ARG A 411 -51.12 6.10 -7.54
C ARG A 411 -50.59 7.51 -7.27
N GLN A 412 -50.53 7.87 -5.99
CA GLN A 412 -50.07 9.19 -5.61
C GLN A 412 -48.62 9.47 -6.05
N GLY A 413 -47.71 8.52 -5.79
CA GLY A 413 -46.32 8.72 -6.18
C GLY A 413 -46.18 8.80 -7.70
N LEU A 414 -46.77 7.85 -8.42
CA LEU A 414 -46.70 7.87 -9.88
C LEU A 414 -47.34 9.13 -10.46
N GLU A 415 -48.44 9.58 -9.87
CA GLU A 415 -49.10 10.78 -10.36
C GLU A 415 -48.18 11.99 -10.16
N ILE A 416 -47.59 12.11 -8.97
CA ILE A 416 -46.68 13.22 -8.68
C ILE A 416 -45.47 13.25 -9.61
N ILE A 417 -44.94 12.06 -9.91
CA ILE A 417 -43.78 11.96 -10.79
C ILE A 417 -44.22 12.45 -12.18
N SER A 418 -45.39 11.98 -12.62
CA SER A 418 -45.96 12.37 -13.91
C SER A 418 -46.04 13.90 -14.01
N GLN A 419 -46.55 14.53 -12.95
CA GLN A 419 -46.66 15.96 -12.95
C GLN A 419 -45.30 16.61 -13.06
N CYS A 420 -44.33 16.10 -12.31
CA CYS A 420 -42.99 16.67 -12.35
C CYS A 420 -42.43 16.72 -13.76
N PHE A 421 -42.53 15.62 -14.50
CA PHE A 421 -42.04 15.61 -15.87
C PHE A 421 -42.87 16.55 -16.74
N ASP A 422 -44.18 16.63 -16.51
CA ASP A 422 -45.02 17.52 -17.31
C ASP A 422 -44.66 18.97 -17.03
N GLU A 423 -44.43 19.32 -15.77
CA GLU A 423 -44.11 20.70 -15.43
C GLU A 423 -42.68 21.10 -15.69
N ALA A 424 -41.79 20.12 -15.88
CA ALA A 424 -40.40 20.44 -16.16
C ALA A 424 -40.30 20.75 -17.65
N LYS A 425 -41.11 20.05 -18.44
CA LYS A 425 -41.13 20.22 -19.88
C LYS A 425 -41.78 21.53 -20.31
N GLN A 426 -42.58 22.13 -19.44
CA GLN A 426 -43.25 23.39 -19.76
C GLN A 426 -42.22 24.52 -19.95
N ASN B 2 -32.92 -22.97 26.48
CA ASN B 2 -33.13 -22.17 27.71
C ASN B 2 -32.19 -22.56 28.89
N SER B 3 -30.98 -22.98 28.55
CA SER B 3 -29.91 -23.29 29.49
C SER B 3 -28.70 -22.65 28.78
N ASN B 4 -27.69 -22.22 29.53
CA ASN B 4 -26.53 -21.63 28.89
C ASN B 4 -25.84 -22.60 27.96
N LYS B 5 -25.66 -23.84 28.44
CA LYS B 5 -24.95 -24.83 27.63
C LYS B 5 -25.67 -25.15 26.36
N GLU B 6 -26.99 -25.26 26.44
CA GLU B 6 -27.74 -25.56 25.24
C GLU B 6 -27.52 -24.47 24.19
N LEU B 7 -27.66 -23.21 24.61
CA LEU B 7 -27.47 -22.08 23.71
C LEU B 7 -26.05 -22.04 23.16
N MET B 8 -25.05 -22.37 23.98
CA MET B 8 -23.65 -22.42 23.53
C MET B 8 -23.48 -23.49 22.41
N GLN B 9 -24.23 -24.59 22.51
CA GLN B 9 -24.12 -25.62 21.49
C GLN B 9 -24.69 -25.08 20.19
N ARG B 10 -25.85 -24.40 20.28
CA ARG B 10 -26.48 -23.82 19.11
C ARG B 10 -25.56 -22.73 18.54
N ARG B 11 -24.86 -22.01 19.41
CA ARG B 11 -23.94 -20.95 18.99
C ARG B 11 -22.85 -21.58 18.14
N SER B 12 -22.26 -22.66 18.65
CA SER B 12 -21.15 -23.33 17.95
C SER B 12 -21.51 -23.80 16.56
N GLN B 13 -22.78 -24.10 16.33
CA GLN B 13 -23.22 -24.56 15.01
C GLN B 13 -23.68 -23.43 14.05
N ALA B 14 -24.13 -22.31 14.60
CA ALA B 14 -24.65 -21.24 13.77
C ALA B 14 -23.75 -20.03 13.60
N ILE B 15 -22.79 -19.85 14.50
CA ILE B 15 -21.91 -18.69 14.48
C ILE B 15 -20.44 -19.10 14.37
N PRO B 16 -19.67 -18.42 13.52
CA PRO B 16 -18.24 -18.73 13.31
C PRO B 16 -17.42 -18.70 14.58
N ARG B 17 -16.40 -19.54 14.64
CA ARG B 17 -15.56 -19.58 15.82
C ARG B 17 -14.77 -18.26 16.02
N GLY B 18 -14.62 -17.47 14.96
CA GLY B 18 -13.89 -16.21 15.04
C GLY B 18 -14.50 -15.22 16.04
N VAL B 19 -15.80 -15.36 16.25
CA VAL B 19 -16.48 -14.53 17.22
C VAL B 19 -16.21 -15.16 18.58
N GLY B 20 -15.29 -14.58 19.35
CA GLY B 20 -14.97 -15.11 20.67
C GLY B 20 -16.11 -14.99 21.67
N GLN B 21 -15.91 -15.59 22.85
CA GLN B 21 -16.91 -15.59 23.91
C GLN B 21 -16.18 -15.61 25.25
N ILE B 22 -16.12 -14.47 25.92
CA ILE B 22 -15.43 -14.43 27.20
C ILE B 22 -16.12 -15.30 28.26
N HIS B 23 -17.44 -15.11 28.41
CA HIS B 23 -18.23 -15.82 29.37
C HIS B 23 -19.29 -16.61 28.59
N PRO B 24 -19.31 -17.94 28.74
CA PRO B 24 -20.27 -18.82 28.04
C PRO B 24 -21.66 -18.80 28.70
N ILE B 25 -22.20 -17.60 28.81
CA ILE B 25 -23.47 -17.37 29.46
C ILE B 25 -24.39 -16.57 28.52
N PHE B 26 -25.67 -16.85 28.56
CA PHE B 26 -26.61 -16.08 27.74
C PHE B 26 -27.54 -15.20 28.65
N ALA B 27 -27.36 -13.89 28.55
CA ALA B 27 -28.13 -12.98 29.36
C ALA B 27 -29.56 -12.89 28.88
N ASP B 28 -30.49 -12.82 29.82
CA ASP B 28 -31.88 -12.69 29.44
C ASP B 28 -32.39 -11.27 29.74
N ARG B 29 -32.01 -10.72 30.88
CA ARG B 29 -32.46 -9.38 31.22
C ARG B 29 -31.45 -8.77 32.15
N ALA B 30 -31.54 -7.46 32.37
CA ALA B 30 -30.56 -6.76 33.19
C ALA B 30 -31.12 -5.44 33.75
N GLU B 31 -30.52 -4.95 34.81
CA GLU B 31 -30.95 -3.70 35.39
C GLU B 31 -29.78 -3.09 36.14
N ASN B 32 -29.39 -1.89 35.73
CA ASN B 32 -28.26 -1.18 36.33
C ASN B 32 -27.00 -2.08 36.33
N CYS B 33 -26.63 -2.68 37.46
CA CYS B 33 -25.43 -3.50 37.54
C CYS B 33 -25.74 -4.99 37.64
N ARG B 34 -27.01 -5.33 37.57
CA ARG B 34 -27.41 -6.73 37.68
C ARG B 34 -27.78 -7.35 36.34
N VAL B 35 -27.34 -8.58 36.13
CA VAL B 35 -27.68 -9.29 34.92
C VAL B 35 -28.21 -10.68 35.28
N TRP B 36 -29.24 -11.15 34.59
CA TRP B 36 -29.82 -12.46 34.81
C TRP B 36 -29.65 -13.31 33.53
N ASP B 37 -29.17 -14.55 33.66
CA ASP B 37 -29.01 -15.36 32.46
C ASP B 37 -30.29 -16.14 32.20
N VAL B 38 -30.34 -16.87 31.09
CA VAL B 38 -31.51 -17.64 30.74
C VAL B 38 -31.92 -18.65 31.81
N GLU B 39 -31.05 -18.90 32.77
CA GLU B 39 -31.36 -19.85 33.83
C GLU B 39 -31.82 -19.15 35.12
N GLY B 40 -31.88 -17.82 35.10
CA GLY B 40 -32.31 -17.09 36.28
C GLY B 40 -31.20 -16.79 37.26
N ARG B 41 -29.97 -17.18 36.93
CA ARG B 41 -28.88 -16.89 37.86
C ARG B 41 -28.50 -15.40 37.72
N GLU B 42 -28.25 -14.74 38.86
CA GLU B 42 -27.89 -13.33 38.88
C GLU B 42 -26.40 -13.05 38.92
N TYR B 43 -25.93 -12.01 38.24
CA TYR B 43 -24.52 -11.70 38.25
C TYR B 43 -24.33 -10.21 38.53
N LEU B 44 -23.16 -9.85 39.06
CA LEU B 44 -22.84 -8.46 39.31
C LEU B 44 -21.95 -8.16 38.08
N ASP B 45 -22.36 -7.19 37.29
CA ASP B 45 -21.65 -6.84 36.07
C ASP B 45 -20.53 -5.80 36.24
N PHE B 46 -19.30 -6.27 36.25
CA PHE B 46 -18.14 -5.41 36.39
C PHE B 46 -17.45 -5.20 35.04
N ALA B 47 -18.08 -5.63 33.94
CA ALA B 47 -17.53 -5.43 32.59
C ALA B 47 -18.33 -4.34 31.84
N GLY B 48 -19.56 -4.13 32.28
CA GLY B 48 -20.41 -3.12 31.69
C GLY B 48 -20.57 -3.18 30.17
N GLY B 49 -20.73 -4.37 29.60
CA GLY B 49 -20.91 -4.49 28.17
C GLY B 49 -19.68 -3.96 27.46
N GLN B 50 -18.57 -4.05 28.18
CA GLN B 50 -17.27 -3.59 27.72
C GLN B 50 -17.21 -2.06 27.67
N ALA B 51 -17.41 -1.43 28.83
CA ALA B 51 -17.36 0.03 29.04
C ALA B 51 -18.46 0.83 28.29
N VAL B 52 -19.55 0.16 27.97
CA VAL B 52 -20.69 0.77 27.25
C VAL B 52 -21.80 1.23 28.20
N LEU B 53 -21.78 0.74 29.43
CA LEU B 53 -22.86 1.03 30.36
C LEU B 53 -22.51 1.87 31.59
N ASN B 54 -21.80 2.97 31.39
CA ASN B 54 -21.46 3.83 32.52
C ASN B 54 -22.71 4.26 33.27
N THR B 55 -23.86 4.33 32.59
CA THR B 55 -25.11 4.70 33.25
C THR B 55 -25.94 3.46 33.64
N GLY B 56 -25.32 2.27 33.53
CA GLY B 56 -26.00 1.03 33.88
C GLY B 56 -26.92 0.43 32.84
N HIS B 57 -27.29 -0.84 33.01
CA HIS B 57 -28.21 -1.47 32.08
C HIS B 57 -29.57 -0.80 32.18
N LEU B 58 -30.11 -0.38 31.04
CA LEU B 58 -31.43 0.22 30.98
C LEU B 58 -31.71 1.30 32.01
N HIS B 59 -30.90 2.35 32.06
CA HIS B 59 -31.18 3.43 33.02
C HIS B 59 -32.60 3.89 32.71
N PRO B 60 -33.48 3.95 33.71
CA PRO B 60 -34.86 4.36 33.49
C PRO B 60 -35.08 5.67 32.73
N LYS B 61 -34.27 6.68 33.01
CA LYS B 61 -34.39 7.95 32.30
C LYS B 61 -34.06 7.73 30.81
N VAL B 62 -32.98 7.00 30.54
CA VAL B 62 -32.56 6.72 29.19
C VAL B 62 -33.62 5.92 28.42
N VAL B 63 -34.20 4.91 29.08
CA VAL B 63 -35.23 4.06 28.45
C VAL B 63 -36.49 4.87 28.08
N ALA B 64 -36.92 5.71 29.01
CA ALA B 64 -38.09 6.56 28.77
C ALA B 64 -37.85 7.45 27.55
N ALA B 65 -36.66 8.04 27.43
CA ALA B 65 -36.38 8.90 26.28
C ALA B 65 -36.46 8.08 24.99
N VAL B 66 -35.86 6.88 25.04
CA VAL B 66 -35.87 5.97 23.91
C VAL B 66 -37.31 5.62 23.56
N GLU B 67 -38.13 5.27 24.54
CA GLU B 67 -39.52 4.93 24.22
C GLU B 67 -40.31 6.11 23.57
N ALA B 68 -40.04 7.34 23.99
CA ALA B 68 -40.72 8.49 23.40
C ALA B 68 -40.31 8.63 21.93
N GLN B 69 -39.03 8.42 21.63
CA GLN B 69 -38.60 8.57 20.25
C GLN B 69 -39.18 7.46 19.38
N LEU B 70 -39.34 6.30 19.98
CA LEU B 70 -39.86 5.14 19.26
C LEU B 70 -41.28 5.39 18.75
N LYS B 71 -41.95 6.37 19.34
CA LYS B 71 -43.30 6.73 18.94
C LYS B 71 -43.24 7.71 17.78
N LYS B 72 -42.07 8.27 17.48
CA LYS B 72 -41.97 9.25 16.39
C LYS B 72 -41.37 8.67 15.10
N LEU B 73 -40.12 8.20 15.19
CA LEU B 73 -39.46 7.59 14.05
C LEU B 73 -38.17 6.93 14.54
N SER B 74 -37.70 5.89 13.85
CA SER B 74 -36.49 5.22 14.31
C SER B 74 -35.36 5.44 13.31
N HIS B 75 -35.69 5.87 12.10
CA HIS B 75 -34.67 6.04 11.07
C HIS B 75 -35.17 6.72 9.79
N THR B 76 -34.33 7.60 9.23
CA THR B 76 -34.62 8.29 7.96
C THR B 76 -33.34 8.35 7.13
N CYS B 77 -32.21 8.21 7.79
CA CYS B 77 -30.88 8.36 7.21
C CYS B 77 -30.76 9.90 7.16
N PHE B 78 -30.06 10.44 8.16
CA PHE B 78 -29.85 11.86 8.33
C PHE B 78 -29.47 12.54 7.00
N GLN B 79 -28.54 11.94 6.26
CA GLN B 79 -28.08 12.49 4.99
C GLN B 79 -29.20 12.63 3.97
N VAL B 80 -30.31 11.91 4.17
CA VAL B 80 -31.45 12.02 3.25
C VAL B 80 -32.46 13.05 3.82
N LEU B 81 -32.90 12.82 5.07
CA LEU B 81 -33.82 13.72 5.78
C LEU B 81 -33.24 13.88 7.19
N ALA B 82 -33.10 15.10 7.66
CA ALA B 82 -32.53 15.32 8.97
C ALA B 82 -33.58 15.15 10.05
N TYR B 83 -33.15 15.30 11.30
CA TYR B 83 -34.04 15.17 12.46
C TYR B 83 -33.29 15.82 13.62
N GLU B 84 -34.04 16.34 14.58
CA GLU B 84 -33.49 17.09 15.71
C GLU B 84 -32.56 16.39 16.72
N PRO B 85 -32.83 15.12 17.04
CA PRO B 85 -31.94 14.46 17.99
C PRO B 85 -30.46 14.44 17.48
N TYR B 86 -30.25 14.23 16.19
CA TYR B 86 -28.89 14.24 15.66
C TYR B 86 -28.28 15.64 15.89
N LEU B 87 -28.98 16.66 15.41
CA LEU B 87 -28.52 18.04 15.56
C LEU B 87 -28.30 18.44 17.02
N GLU B 88 -29.23 18.14 17.93
CA GLU B 88 -29.02 18.52 19.33
C GLU B 88 -27.81 17.88 19.99
N LEU B 89 -27.56 16.60 19.71
CA LEU B 89 -26.40 15.93 20.31
C LEU B 89 -25.11 16.59 19.77
N CYS B 90 -25.06 16.84 18.47
CA CYS B 90 -23.88 17.48 17.90
C CYS B 90 -23.55 18.79 18.64
N GLU B 91 -24.58 19.64 18.82
CA GLU B 91 -24.40 20.91 19.53
C GLU B 91 -23.86 20.68 20.91
N ILE B 92 -24.45 19.75 21.66
CA ILE B 92 -23.97 19.47 23.02
C ILE B 92 -22.51 18.95 22.99
N MET B 93 -22.20 18.02 22.09
CA MET B 93 -20.83 17.48 22.02
C MET B 93 -19.84 18.60 21.64
N ASN B 94 -20.26 19.51 20.77
CA ASN B 94 -19.37 20.62 20.39
C ASN B 94 -19.00 21.42 21.68
N GLN B 95 -19.94 21.49 22.63
CA GLN B 95 -19.72 22.17 23.92
C GLN B 95 -18.94 21.37 24.94
N LYS B 96 -19.23 20.07 25.03
CA LYS B 96 -18.62 19.20 26.03
C LYS B 96 -17.21 18.69 25.75
N VAL B 97 -16.88 18.38 24.50
CA VAL B 97 -15.53 17.92 24.17
C VAL B 97 -14.56 19.12 24.40
N PRO B 98 -13.46 18.91 25.14
CA PRO B 98 -12.52 20.01 25.39
C PRO B 98 -11.99 20.75 24.15
N GLY B 99 -11.90 22.08 24.25
CA GLY B 99 -11.40 22.92 23.16
C GLY B 99 -12.03 24.31 23.20
N ASP B 100 -11.20 25.37 23.15
CA ASP B 100 -11.76 26.72 23.19
C ASP B 100 -12.19 27.28 21.82
N PHE B 101 -11.95 26.49 20.78
CA PHE B 101 -12.33 26.87 19.42
C PHE B 101 -13.69 26.26 19.11
N ALA B 102 -14.30 26.71 18.01
CA ALA B 102 -15.58 26.14 17.62
C ALA B 102 -15.35 24.71 17.10
N LYS B 103 -16.24 23.79 17.45
CA LYS B 103 -16.10 22.44 16.98
C LYS B 103 -17.34 22.04 16.18
N LYS B 104 -17.21 20.96 15.42
CA LYS B 104 -18.35 20.43 14.69
C LYS B 104 -18.32 18.94 15.02
N THR B 105 -19.46 18.28 14.94
CA THR B 105 -19.56 16.88 15.27
C THR B 105 -20.19 16.08 14.16
N LEU B 106 -19.57 14.95 13.84
CA LEU B 106 -20.10 14.02 12.86
C LEU B 106 -20.62 12.86 13.70
N LEU B 107 -21.82 12.35 13.43
CA LEU B 107 -22.23 11.17 14.17
C LEU B 107 -22.23 9.99 13.20
N VAL B 108 -21.71 8.85 13.64
CA VAL B 108 -21.74 7.65 12.83
C VAL B 108 -22.37 6.61 13.76
N THR B 109 -21.96 5.34 13.68
CA THR B 109 -22.57 4.31 14.51
C THR B 109 -21.63 3.51 15.41
N THR B 110 -20.49 3.04 14.88
CA THR B 110 -19.54 2.27 15.71
C THR B 110 -18.22 3.02 16.00
N GLY B 111 -17.50 2.57 17.03
CA GLY B 111 -16.23 3.17 17.36
C GLY B 111 -15.25 3.08 16.22
N SER B 112 -15.28 1.96 15.50
N SER B 112 -15.24 1.96 15.50
CA SER B 112 -14.36 1.80 14.37
CA SER B 112 -14.31 1.83 14.39
C SER B 112 -14.63 2.88 13.33
C SER B 112 -14.62 2.87 13.31
N GLU B 113 -15.91 3.14 13.09
CA GLU B 113 -16.30 4.14 12.10
C GLU B 113 -15.83 5.50 12.60
N ALA B 114 -15.96 5.78 13.89
CA ALA B 114 -15.52 7.09 14.35
C ALA B 114 -14.02 7.26 14.03
N VAL B 115 -13.21 6.25 14.34
CA VAL B 115 -11.79 6.39 14.08
C VAL B 115 -11.53 6.51 12.58
N GLU B 116 -12.23 5.70 11.81
CA GLU B 116 -12.07 5.76 10.37
C GLU B 116 -12.29 7.21 9.88
N ASN B 117 -13.39 7.79 10.30
CA ASN B 117 -13.72 9.15 9.90
C ASN B 117 -12.83 10.23 10.46
N ALA B 118 -12.33 10.06 11.68
CA ALA B 118 -11.43 11.07 12.22
C ALA B 118 -10.18 11.13 11.30
N VAL B 119 -9.68 9.96 10.89
CA VAL B 119 -8.50 9.90 10.02
C VAL B 119 -8.80 10.47 8.62
N LYS B 120 -9.94 10.15 8.05
CA LYS B 120 -10.32 10.68 6.73
C LYS B 120 -10.36 12.20 6.81
N ILE B 121 -11.02 12.70 7.86
CA ILE B 121 -11.12 14.13 8.06
C ILE B 121 -9.71 14.75 8.21
N ALA B 122 -8.83 14.11 8.97
CA ALA B 122 -7.48 14.66 9.13
C ALA B 122 -6.74 14.66 7.78
N ARG B 123 -6.95 13.64 6.98
CA ARG B 123 -6.30 13.57 5.70
C ARG B 123 -6.78 14.70 4.78
N ALA B 124 -8.09 14.92 4.73
CA ALA B 124 -8.64 15.97 3.87
C ALA B 124 -8.19 17.37 4.34
N ALA B 125 -8.06 17.56 5.65
CA ALA B 125 -7.69 18.84 6.19
C ALA B 125 -6.20 19.18 5.98
N THR B 126 -5.32 18.20 6.14
CA THR B 126 -3.89 18.44 5.98
C THR B 126 -3.39 18.13 4.57
N LYS B 127 -4.21 17.43 3.80
CA LYS B 127 -3.83 16.99 2.46
C LYS B 127 -2.57 16.07 2.58
N ARG B 128 -2.64 15.16 3.54
CA ARG B 128 -1.56 14.20 3.78
C ARG B 128 -2.20 12.79 3.94
N SER B 129 -1.45 11.73 3.65
CA SER B 129 -2.00 10.39 3.73
C SER B 129 -1.56 9.51 4.92
N GLY B 130 -0.43 9.83 5.56
CA GLY B 130 0.02 8.96 6.63
C GLY B 130 -0.53 9.24 8.01
N THR B 131 -0.44 8.24 8.87
CA THR B 131 -0.88 8.40 10.25
C THR B 131 0.09 7.66 11.19
N ILE B 132 0.14 8.09 12.44
CA ILE B 132 0.97 7.42 13.43
C ILE B 132 0.03 6.96 14.54
N ALA B 133 0.28 5.76 15.07
CA ALA B 133 -0.53 5.21 16.16
C ALA B 133 0.47 4.58 17.16
N PHE B 134 0.01 4.22 18.35
CA PHE B 134 0.93 3.71 19.37
C PHE B 134 0.93 2.22 19.66
N SER B 135 2.06 1.74 20.20
CA SER B 135 2.20 0.34 20.55
C SER B 135 1.12 -0.03 21.56
N GLY B 136 0.52 -1.21 21.39
CA GLY B 136 -0.52 -1.64 22.31
C GLY B 136 -1.86 -0.94 22.12
N ALA B 137 -1.97 -0.12 21.09
CA ALA B 137 -3.21 0.62 20.82
C ALA B 137 -4.35 -0.27 20.31
N TYR B 138 -5.59 0.15 20.53
CA TYR B 138 -6.74 -0.58 20.02
C TYR B 138 -7.67 0.49 19.42
N HIS B 139 -8.00 0.35 18.14
CA HIS B 139 -8.85 1.34 17.49
C HIS B 139 -10.03 0.79 16.66
N GLY B 140 -10.19 -0.54 16.64
CA GLY B 140 -11.30 -1.10 15.88
C GLY B 140 -10.93 -2.29 15.01
N ARG B 141 -11.95 -2.88 14.37
CA ARG B 141 -11.78 -4.07 13.53
C ARG B 141 -12.02 -3.90 12.02
N THR B 142 -11.97 -2.67 11.49
CA THR B 142 -12.09 -2.51 10.03
C THR B 142 -10.62 -2.64 9.56
N HIS B 143 -10.36 -2.86 8.26
CA HIS B 143 -8.98 -3.02 7.80
C HIS B 143 -8.09 -1.87 8.29
N TYR B 144 -8.51 -0.62 8.08
CA TYR B 144 -7.68 0.51 8.49
C TYR B 144 -7.50 0.64 10.01
N THR B 145 -8.57 0.42 10.77
CA THR B 145 -8.41 0.56 12.23
C THR B 145 -7.62 -0.62 12.78
N LEU B 146 -7.58 -1.74 12.06
CA LEU B 146 -6.79 -2.89 12.52
C LEU B 146 -5.31 -2.60 12.29
N ALA B 147 -5.03 -1.75 11.30
CA ALA B 147 -3.66 -1.37 11.00
C ALA B 147 -3.25 -0.41 12.15
N LEU B 148 -4.15 0.51 12.51
CA LEU B 148 -3.90 1.45 13.60
C LEU B 148 -3.71 0.72 14.94
N THR B 149 -4.51 -0.33 15.15
CA THR B 149 -4.44 -1.15 16.35
C THR B 149 -3.04 -1.77 16.45
N GLY B 150 -2.36 -1.58 17.59
CA GLY B 150 -1.02 -2.12 17.76
C GLY B 150 -1.09 -3.51 18.39
N LYS B 151 -1.72 -4.42 17.67
CA LYS B 151 -1.89 -5.81 18.12
C LYS B 151 -2.44 -6.61 16.96
N VAL B 152 -1.62 -7.49 16.42
CA VAL B 152 -2.02 -8.31 15.29
C VAL B 152 -2.90 -9.50 15.68
N ASN B 153 -2.48 -10.20 16.72
CA ASN B 153 -3.22 -11.39 17.16
C ASN B 153 -4.12 -11.07 18.36
N PRO B 154 -5.42 -11.44 18.27
CA PRO B 154 -6.10 -12.12 17.17
C PRO B 154 -6.84 -11.21 16.18
N TYR B 155 -6.93 -9.92 16.49
CA TYR B 155 -7.66 -8.94 15.67
C TYR B 155 -7.51 -9.02 14.15
N SER B 156 -6.30 -9.23 13.65
CA SER B 156 -6.07 -9.33 12.20
C SER B 156 -5.25 -10.56 11.80
N ALA B 157 -5.22 -11.54 12.70
CA ALA B 157 -4.48 -12.79 12.52
C ALA B 157 -4.96 -13.60 11.33
N GLY B 158 -4.01 -14.18 10.59
CA GLY B 158 -4.36 -15.01 9.45
C GLY B 158 -4.85 -14.29 8.19
N MET B 159 -5.03 -12.98 8.27
CA MET B 159 -5.56 -12.23 7.14
C MET B 159 -4.54 -11.58 6.16
N GLY B 160 -3.23 -11.71 6.42
CA GLY B 160 -2.28 -11.05 5.55
C GLY B 160 -2.00 -9.65 6.13
N LEU B 161 -1.18 -8.85 5.46
CA LEU B 161 -0.84 -7.55 6.00
C LEU B 161 -1.99 -6.56 5.87
N MET B 162 -2.23 -5.80 6.94
CA MET B 162 -3.27 -4.79 6.94
C MET B 162 -2.72 -3.55 6.15
N PRO B 163 -3.58 -2.56 5.84
CA PRO B 163 -3.23 -1.34 5.10
C PRO B 163 -1.90 -0.71 5.53
N GLY B 164 -1.10 -0.30 4.55
CA GLY B 164 0.19 0.30 4.87
C GLY B 164 0.09 1.77 5.25
N HIS B 165 1.23 2.42 5.39
CA HIS B 165 1.33 3.84 5.72
C HIS B 165 0.68 4.25 7.06
N VAL B 166 0.89 3.38 8.03
CA VAL B 166 0.47 3.59 9.41
C VAL B 166 1.81 3.30 10.09
N TYR B 167 2.36 4.26 10.83
CA TYR B 167 3.66 4.07 11.49
C TYR B 167 3.47 3.93 12.98
N ARG B 168 4.33 3.15 13.62
CA ARG B 168 4.18 2.82 15.04
C ARG B 168 5.12 3.59 15.97
N ALA B 169 4.55 4.24 16.97
CA ALA B 169 5.31 5.00 17.97
C ALA B 169 5.11 4.22 19.28
N LEU B 170 5.96 4.47 20.27
CA LEU B 170 5.84 3.79 21.56
C LEU B 170 4.94 4.52 22.58
N TYR B 171 3.95 3.84 23.14
CA TYR B 171 3.12 4.47 24.14
C TYR B 171 3.95 4.63 25.42
N PRO B 172 3.94 5.84 26.04
CA PRO B 172 4.72 6.02 27.26
C PRO B 172 4.23 5.06 28.36
N CYS B 173 5.15 4.36 29.00
CA CYS B 173 4.77 3.39 30.03
C CYS B 173 5.95 3.03 30.90
N PRO B 174 6.25 3.85 31.91
CA PRO B 174 7.38 3.61 32.83
C PRO B 174 7.30 2.29 33.59
N LEU B 175 6.08 1.87 33.95
CA LEU B 175 5.93 0.61 34.66
C LEU B 175 6.65 -0.48 33.89
N HIS B 176 6.74 -0.31 32.57
CA HIS B 176 7.42 -1.31 31.75
C HIS B 176 8.64 -0.79 30.98
N GLY B 177 9.34 0.19 31.56
CA GLY B 177 10.54 0.70 30.91
C GLY B 177 10.46 1.64 29.73
N ILE B 178 9.26 2.06 29.33
CA ILE B 178 9.17 3.00 28.20
C ILE B 178 8.94 4.41 28.76
N SER B 179 9.98 5.24 28.72
CA SER B 179 9.88 6.60 29.25
C SER B 179 9.14 7.53 28.28
N GLU B 180 8.78 8.71 28.76
CA GLU B 180 8.11 9.68 27.93
C GLU B 180 9.07 10.13 26.84
N ASP B 181 10.35 10.26 27.17
CA ASP B 181 11.35 10.65 26.19
C ASP B 181 11.45 9.58 25.11
N ASP B 182 11.37 8.30 25.49
CA ASP B 182 11.46 7.22 24.50
C ASP B 182 10.25 7.37 23.58
N ALA B 183 9.10 7.62 24.17
CA ALA B 183 7.86 7.76 23.41
C ALA B 183 8.00 8.91 22.40
N ILE B 184 8.38 10.09 22.87
CA ILE B 184 8.53 11.19 21.92
C ILE B 184 9.66 10.92 20.92
N ALA B 185 10.74 10.30 21.38
CA ALA B 185 11.85 10.01 20.46
C ALA B 185 11.39 9.06 19.36
N SER B 186 10.48 8.15 19.68
CA SER B 186 9.97 7.19 18.70
C SER B 186 9.16 7.89 17.59
N ILE B 187 8.58 9.05 17.90
CA ILE B 187 7.86 9.77 16.85
C ILE B 187 8.84 10.49 15.91
N HIS B 188 9.89 11.10 16.47
CA HIS B 188 10.90 11.75 15.63
C HIS B 188 11.61 10.70 14.74
N ARG B 189 11.75 9.47 15.25
CA ARG B 189 12.40 8.38 14.49
C ARG B 189 11.60 8.11 13.22
N ILE B 190 10.29 8.12 13.36
CA ILE B 190 9.41 7.93 12.22
C ILE B 190 9.66 9.05 11.22
N PHE B 191 9.67 10.30 11.70
CA PHE B 191 9.88 11.44 10.81
C PHE B 191 11.21 11.28 10.09
N LYS B 192 12.24 10.86 10.81
CA LYS B 192 13.56 10.69 10.24
C LYS B 192 13.72 9.46 9.31
N ASN B 193 13.11 8.34 9.68
CA ASN B 193 13.27 7.10 8.91
C ASN B 193 12.20 6.67 7.90
N ASP B 194 10.93 6.95 8.18
CA ASP B 194 9.89 6.44 7.28
C ASP B 194 8.88 7.35 6.64
N ALA B 195 8.53 8.44 7.30
CA ALA B 195 7.54 9.34 6.75
C ALA B 195 7.80 10.71 7.35
N ALA B 196 8.12 11.68 6.49
CA ALA B 196 8.38 13.03 6.98
C ALA B 196 7.09 13.62 7.55
N PRO B 197 7.21 14.64 8.40
CA PRO B 197 6.02 15.27 9.00
C PRO B 197 4.99 15.73 7.95
N GLU B 198 5.48 16.27 6.84
CA GLU B 198 4.62 16.75 5.76
C GLU B 198 3.79 15.63 5.12
N ASP B 199 3.98 14.37 5.54
CA ASP B 199 3.21 13.24 5.00
C ASP B 199 2.36 12.57 6.10
N ILE B 200 2.40 13.13 7.29
CA ILE B 200 1.65 12.59 8.40
C ILE B 200 0.46 13.50 8.69
N ALA B 201 -0.73 13.02 8.36
CA ALA B 201 -1.99 13.71 8.60
C ALA B 201 -2.38 13.72 10.06
N ALA B 202 -2.12 12.64 10.78
CA ALA B 202 -2.53 12.60 12.18
C ALA B 202 -1.75 11.64 13.01
N ILE B 203 -1.77 11.90 14.31
CA ILE B 203 -1.18 11.04 15.30
C ILE B 203 -2.42 10.68 16.15
N VAL B 204 -2.75 9.40 16.22
CA VAL B 204 -3.91 8.88 16.96
C VAL B 204 -3.48 8.29 18.30
N ILE B 205 -4.13 8.70 19.38
CA ILE B 205 -3.74 8.21 20.69
C ILE B 205 -4.90 8.06 21.63
N GLU B 206 -4.85 7.04 22.47
CA GLU B 206 -5.87 6.85 23.48
C GLU B 206 -5.26 7.55 24.72
N PRO B 207 -5.95 8.56 25.28
CA PRO B 207 -5.43 9.27 26.46
C PRO B 207 -5.17 8.22 27.57
N VAL B 208 -5.99 7.17 27.58
CA VAL B 208 -5.81 6.05 28.51
C VAL B 208 -6.08 4.82 27.63
N GLN B 209 -5.06 3.99 27.39
CA GLN B 209 -5.27 2.82 26.54
C GLN B 209 -6.22 1.83 27.23
N GLY B 210 -7.16 1.28 26.46
CA GLY B 210 -8.11 0.35 27.01
C GLY B 210 -7.60 -1.08 26.91
N GLU B 211 -7.74 -1.68 25.74
CA GLU B 211 -7.25 -3.05 25.54
C GLU B 211 -5.76 -3.09 25.86
N GLY B 212 -5.06 -1.98 25.61
CA GLY B 212 -3.63 -1.92 25.88
C GLY B 212 -3.25 -2.11 27.33
N GLY B 213 -4.22 -2.08 28.24
CA GLY B 213 -3.92 -2.29 29.65
C GLY B 213 -4.23 -1.18 30.63
N PHE B 214 -5.11 -0.24 30.27
CA PHE B 214 -5.44 0.87 31.16
C PHE B 214 -4.19 1.63 31.59
N TYR B 215 -3.39 2.05 30.60
CA TYR B 215 -2.20 2.84 30.89
C TYR B 215 -2.58 4.24 30.48
N ALA B 216 -2.34 5.21 31.36
CA ALA B 216 -2.69 6.60 31.08
C ALA B 216 -1.53 7.48 30.69
N SER B 217 -1.77 8.37 29.75
N SER B 217 -1.75 8.37 29.74
CA SER B 217 -0.76 9.32 29.34
CA SER B 217 -0.72 9.30 29.35
C SER B 217 -0.72 10.35 30.45
C SER B 217 -0.72 10.34 30.46
N SER B 218 0.42 11.00 30.67
CA SER B 218 0.51 12.02 31.70
C SER B 218 0.24 13.33 31.00
N PRO B 219 -0.22 14.36 31.72
CA PRO B 219 -0.48 15.67 31.08
C PRO B 219 0.83 16.16 30.43
N ALA B 220 1.93 15.99 31.14
CA ALA B 220 3.21 16.44 30.60
C ALA B 220 3.47 15.84 29.22
N PHE B 221 3.28 14.53 29.10
CA PHE B 221 3.50 13.85 27.83
C PHE B 221 2.56 14.38 26.77
N MET B 222 1.29 14.41 27.11
CA MET B 222 0.26 14.86 26.19
C MET B 222 0.54 16.28 25.69
N GLN B 223 1.16 17.10 26.54
CA GLN B 223 1.51 18.48 26.18
C GLN B 223 2.68 18.49 25.18
N ARG B 224 3.61 17.56 25.34
CA ARG B 224 4.74 17.48 24.40
C ARG B 224 4.19 17.01 23.06
N LEU B 225 3.20 16.13 23.14
CA LEU B 225 2.58 15.60 21.92
C LEU B 225 1.87 16.72 21.17
N ARG B 226 1.08 17.49 21.90
CA ARG B 226 0.35 18.62 21.35
C ARG B 226 1.36 19.58 20.69
N ALA B 227 2.45 19.89 21.38
CA ALA B 227 3.43 20.81 20.82
C ALA B 227 4.05 20.25 19.56
N LEU B 228 4.30 18.94 19.55
CA LEU B 228 4.92 18.33 18.37
C LEU B 228 3.94 18.43 17.18
N CYS B 229 2.66 18.17 17.45
CA CYS B 229 1.67 18.27 16.39
C CYS B 229 1.55 19.70 15.88
N ASP B 230 1.57 20.67 16.80
CA ASP B 230 1.42 22.08 16.38
C ASP B 230 2.58 22.44 15.46
N GLU B 231 3.78 22.03 15.85
CA GLU B 231 4.98 22.34 15.08
C GLU B 231 4.87 21.85 13.66
N HIS B 232 4.23 20.69 13.47
CA HIS B 232 4.16 20.11 12.15
C HIS B 232 2.85 20.13 11.38
N GLY B 233 1.85 20.84 11.89
CA GLY B 233 0.59 20.87 11.19
C GLY B 233 -0.10 19.52 11.25
N ILE B 234 0.28 18.69 12.21
CA ILE B 234 -0.31 17.38 12.33
C ILE B 234 -1.53 17.37 13.24
N MET B 235 -2.60 16.70 12.80
CA MET B 235 -3.80 16.61 13.61
C MET B 235 -3.65 15.59 14.76
N LEU B 236 -3.91 16.04 15.98
CA LEU B 236 -3.85 15.16 17.15
C LEU B 236 -5.25 14.52 17.32
N ILE B 237 -5.36 13.21 17.13
CA ILE B 237 -6.66 12.56 17.29
C ILE B 237 -6.71 11.82 18.63
N ALA B 238 -7.60 12.25 19.51
CA ALA B 238 -7.77 11.62 20.82
C ALA B 238 -8.86 10.53 20.71
N ASP B 239 -8.48 9.26 20.78
CA ASP B 239 -9.50 8.20 20.68
C ASP B 239 -10.05 7.95 22.07
N GLU B 240 -11.22 8.53 22.35
CA GLU B 240 -11.89 8.41 23.65
C GLU B 240 -13.13 7.53 23.61
N VAL B 241 -13.10 6.54 22.72
CA VAL B 241 -14.22 5.63 22.58
C VAL B 241 -14.45 4.86 23.88
N GLN B 242 -13.36 4.50 24.56
CA GLN B 242 -13.45 3.77 25.81
C GLN B 242 -13.21 4.69 27.02
N SER B 243 -12.21 5.57 26.92
CA SER B 243 -11.91 6.48 28.02
C SER B 243 -13.02 7.54 28.16
N GLY B 244 -13.73 7.83 27.08
CA GLY B 244 -14.77 8.85 27.11
C GLY B 244 -16.04 8.56 27.88
N ALA B 245 -17.01 9.46 27.73
CA ALA B 245 -18.29 9.35 28.42
C ALA B 245 -18.13 9.14 29.95
N GLY B 246 -17.25 9.94 30.56
CA GLY B 246 -17.05 9.92 32.01
C GLY B 246 -16.25 8.88 32.75
N ARG B 247 -15.73 7.88 32.05
CA ARG B 247 -15.00 6.82 32.72
C ARG B 247 -13.82 7.29 33.59
N THR B 248 -13.12 8.33 33.18
CA THR B 248 -11.96 8.83 33.93
C THR B 248 -12.22 9.92 34.98
N GLY B 249 -13.49 10.24 35.25
CA GLY B 249 -13.75 11.27 36.25
C GLY B 249 -14.08 12.63 35.66
N THR B 250 -13.86 12.77 34.35
CA THR B 250 -14.20 13.97 33.62
C THR B 250 -14.92 13.39 32.41
N LEU B 251 -15.75 14.16 31.71
CA LEU B 251 -16.48 13.55 30.60
C LEU B 251 -15.48 12.96 29.61
N PHE B 252 -14.44 13.74 29.31
CA PHE B 252 -13.40 13.27 28.41
C PHE B 252 -12.05 13.32 29.12
N ALA B 253 -11.26 12.29 28.91
CA ALA B 253 -9.96 12.22 29.55
C ALA B 253 -9.04 13.38 29.16
N MET B 254 -9.14 13.87 27.93
CA MET B 254 -8.29 14.98 27.51
C MET B 254 -8.44 16.21 28.43
N GLU B 255 -9.58 16.33 29.15
CA GLU B 255 -9.77 17.47 30.06
C GLU B 255 -8.76 17.42 31.23
N GLN B 256 -8.22 16.25 31.53
CA GLN B 256 -7.26 16.15 32.61
C GLN B 256 -5.85 16.21 32.05
N MET B 257 -5.69 16.49 30.76
CA MET B 257 -4.35 16.52 30.17
C MET B 257 -3.78 17.93 29.97
N GLY B 258 -4.63 18.96 30.06
CA GLY B 258 -4.14 20.32 29.91
C GLY B 258 -4.00 20.76 28.48
N VAL B 259 -4.53 19.97 27.56
CA VAL B 259 -4.47 20.30 26.16
C VAL B 259 -5.67 19.73 25.46
N ALA B 260 -6.01 20.33 24.33
CA ALA B 260 -7.14 19.90 23.55
C ALA B 260 -6.66 19.25 22.26
N PRO B 261 -7.27 18.13 21.87
CA PRO B 261 -6.89 17.43 20.65
C PRO B 261 -7.61 18.15 19.52
N ASP B 262 -7.26 17.86 18.27
CA ASP B 262 -7.94 18.46 17.15
C ASP B 262 -9.23 17.71 16.84
N LEU B 263 -9.24 16.40 17.11
CA LEU B 263 -10.39 15.54 16.84
C LEU B 263 -10.51 14.53 17.97
N THR B 264 -11.75 14.22 18.33
CA THR B 264 -12.04 13.27 19.41
C THR B 264 -13.07 12.26 18.92
N THR B 265 -12.80 10.96 19.08
CA THR B 265 -13.78 9.95 18.66
C THR B 265 -14.47 9.50 19.95
N PHE B 266 -15.75 9.17 19.87
CA PHE B 266 -16.44 8.74 21.07
C PHE B 266 -17.46 7.70 20.65
N ALA B 267 -17.85 6.86 21.59
CA ALA B 267 -18.81 5.81 21.33
C ALA B 267 -19.14 5.11 22.66
N LYS B 268 -19.19 3.78 22.60
N LYS B 268 -19.15 3.78 22.62
CA LYS B 268 -19.49 2.96 23.77
CA LYS B 268 -19.45 2.97 23.80
C LYS B 268 -20.46 3.61 24.77
C LYS B 268 -20.45 3.62 24.75
N SER B 269 -19.98 4.06 25.92
CA SER B 269 -20.89 4.65 26.91
C SER B 269 -21.61 5.97 26.55
N ILE B 270 -21.32 6.55 25.40
CA ILE B 270 -22.00 7.80 25.05
C ILE B 270 -23.53 7.63 25.00
N ALA B 271 -24.03 6.47 24.60
CA ALA B 271 -25.47 6.25 24.49
C ALA B 271 -26.01 5.18 25.45
N GLY B 272 -25.21 4.85 26.46
CA GLY B 272 -25.59 3.89 27.48
C GLY B 272 -26.28 2.61 27.04
N GLY B 273 -25.82 2.01 25.96
CA GLY B 273 -26.44 0.78 25.55
C GLY B 273 -27.16 0.78 24.23
N PHE B 274 -26.94 1.81 23.42
CA PHE B 274 -27.57 1.93 22.10
C PHE B 274 -26.45 2.26 21.08
N PRO B 275 -26.51 1.65 19.89
CA PRO B 275 -25.51 1.85 18.83
C PRO B 275 -25.32 3.27 18.29
N LEU B 276 -24.28 3.95 18.75
CA LEU B 276 -23.98 5.31 18.30
C LEU B 276 -22.48 5.61 18.52
N ALA B 277 -21.90 6.44 17.66
CA ALA B 277 -20.51 6.82 17.81
C ALA B 277 -20.36 8.17 17.11
N GLY B 278 -19.20 8.80 17.24
CA GLY B 278 -19.01 10.06 16.60
C GLY B 278 -17.61 10.61 16.68
N VAL B 279 -17.44 11.74 15.98
CA VAL B 279 -16.19 12.49 15.94
C VAL B 279 -16.50 13.98 16.18
N THR B 280 -15.83 14.57 17.17
CA THR B 280 -15.99 16.00 17.46
C THR B 280 -14.60 16.66 17.36
N GLY B 281 -14.50 17.75 16.60
CA GLY B 281 -13.22 18.40 16.46
C GLY B 281 -13.27 19.80 15.85
N ARG B 282 -12.09 20.43 15.78
CA ARG B 282 -11.95 21.76 15.21
C ARG B 282 -12.88 21.89 14.04
N ALA B 283 -13.74 22.90 14.08
CA ALA B 283 -14.70 23.06 13.00
C ALA B 283 -14.10 23.17 11.57
N GLU B 284 -13.03 23.93 11.38
CA GLU B 284 -12.48 24.06 10.03
C GLU B 284 -11.83 22.76 9.58
N VAL B 285 -11.43 21.93 10.54
CA VAL B 285 -10.82 20.65 10.18
C VAL B 285 -11.98 19.73 9.78
N MET B 286 -13.06 19.73 10.56
CA MET B 286 -14.23 18.89 10.23
C MET B 286 -14.78 19.26 8.87
N ASP B 287 -14.86 20.54 8.56
CA ASP B 287 -15.38 20.97 7.25
C ASP B 287 -14.43 20.79 6.06
N ALA B 288 -13.24 20.24 6.26
CA ALA B 288 -12.32 20.07 5.14
C ALA B 288 -12.86 19.09 4.12
N VAL B 289 -13.67 18.14 4.57
CA VAL B 289 -14.27 17.17 3.67
C VAL B 289 -15.50 17.83 2.96
N ALA B 290 -15.57 17.66 1.64
CA ALA B 290 -16.65 18.23 0.86
C ALA B 290 -17.95 17.47 1.03
N PRO B 291 -19.07 18.16 0.82
CA PRO B 291 -20.39 17.54 0.96
C PRO B 291 -20.49 16.24 0.20
N GLY B 292 -20.98 15.21 0.90
CA GLY B 292 -21.12 13.91 0.28
C GLY B 292 -20.00 12.97 0.73
N GLY B 293 -18.97 13.54 1.35
CA GLY B 293 -17.83 12.72 1.78
C GLY B 293 -17.92 12.11 3.16
N LEU B 294 -18.99 12.41 3.90
CA LEU B 294 -19.18 11.85 5.24
C LEU B 294 -20.60 11.34 5.36
N GLY B 295 -20.77 10.22 6.05
CA GLY B 295 -22.08 9.64 6.24
C GLY B 295 -22.12 8.22 6.78
N GLY B 296 -23.10 7.45 6.30
CA GLY B 296 -23.31 6.10 6.74
C GLY B 296 -24.81 5.98 6.93
N THR B 297 -25.39 4.90 6.42
CA THR B 297 -26.83 4.70 6.50
C THR B 297 -27.42 4.89 7.87
N TYR B 298 -26.95 4.15 8.85
CA TYR B 298 -27.48 4.26 10.21
C TYR B 298 -26.95 5.43 11.04
N ALA B 299 -25.94 6.13 10.53
CA ALA B 299 -25.33 7.23 11.28
C ALA B 299 -26.26 8.09 12.13
N GLY B 300 -25.90 8.23 13.40
CA GLY B 300 -26.69 9.04 14.29
C GLY B 300 -28.13 8.55 14.35
N ASN B 301 -28.30 7.25 14.52
CA ASN B 301 -29.62 6.66 14.64
C ASN B 301 -30.47 7.47 15.65
N PRO B 302 -31.69 7.86 15.26
CA PRO B 302 -32.57 8.64 16.14
C PRO B 302 -32.76 8.12 17.55
N ILE B 303 -33.01 6.82 17.70
CA ILE B 303 -33.21 6.28 19.04
C ILE B 303 -31.93 6.44 19.87
N ALA B 304 -30.78 6.14 19.28
CA ALA B 304 -29.49 6.23 19.98
C ALA B 304 -29.17 7.69 20.32
N CYS B 305 -29.53 8.64 19.44
CA CYS B 305 -29.28 10.06 19.73
C CYS B 305 -30.02 10.51 20.98
N VAL B 306 -31.32 10.20 21.09
CA VAL B 306 -32.05 10.61 22.29
C VAL B 306 -31.50 9.87 23.52
N ALA B 307 -31.05 8.64 23.32
CA ALA B 307 -30.46 7.88 24.43
C ALA B 307 -29.22 8.63 24.94
N ALA B 308 -28.37 9.04 24.00
CA ALA B 308 -27.15 9.78 24.33
C ALA B 308 -27.45 11.12 25.03
N LEU B 309 -28.42 11.87 24.51
CA LEU B 309 -28.77 13.16 25.10
C LEU B 309 -29.21 12.96 26.54
N GLU B 310 -29.95 11.89 26.78
CA GLU B 310 -30.41 11.60 28.13
C GLU B 310 -29.23 11.16 29.01
N VAL B 311 -28.30 10.39 28.45
CA VAL B 311 -27.13 9.94 29.23
C VAL B 311 -26.37 11.19 29.75
N LEU B 312 -26.17 12.17 28.88
CA LEU B 312 -25.45 13.37 29.29
C LEU B 312 -26.26 14.08 30.37
N LYS B 313 -27.60 14.09 30.27
CA LYS B 313 -28.40 14.75 31.30
C LYS B 313 -28.27 14.01 32.64
N VAL B 314 -28.23 12.68 32.57
CA VAL B 314 -28.10 11.86 33.78
C VAL B 314 -26.74 12.10 34.44
N PHE B 315 -25.68 12.22 33.64
CA PHE B 315 -24.40 12.48 34.27
C PHE B 315 -24.49 13.72 35.15
N GLU B 316 -25.18 14.74 34.66
CA GLU B 316 -25.35 15.99 35.37
C GLU B 316 -26.28 15.84 36.58
N GLN B 317 -27.50 15.34 36.36
CA GLN B 317 -28.46 15.19 37.44
C GLN B 317 -27.99 14.24 38.53
N GLU B 318 -27.43 13.10 38.15
CA GLU B 318 -26.99 12.12 39.15
C GLU B 318 -25.53 12.24 39.56
N ASN B 319 -24.93 13.34 39.17
CA ASN B 319 -23.55 13.61 39.50
C ASN B 319 -22.61 12.38 39.34
N LEU B 320 -22.65 11.77 38.16
CA LEU B 320 -21.85 10.59 37.91
C LEU B 320 -20.34 10.81 37.82
N LEU B 321 -19.88 12.00 37.47
CA LEU B 321 -18.44 12.21 37.40
C LEU B 321 -17.83 12.15 38.81
N GLN B 322 -18.49 12.77 39.77
CA GLN B 322 -18.02 12.76 41.15
C GLN B 322 -18.09 11.31 41.64
N LYS B 323 -19.15 10.62 41.25
CA LYS B 323 -19.32 9.23 41.62
C LYS B 323 -18.23 8.35 40.99
N ALA B 324 -17.82 8.67 39.77
CA ALA B 324 -16.77 7.88 39.12
C ALA B 324 -15.51 7.97 39.95
N ASN B 325 -15.19 9.18 40.39
CA ASN B 325 -14.00 9.40 41.19
C ASN B 325 -14.11 8.71 42.55
N ASP B 326 -15.28 8.76 43.17
CA ASP B 326 -15.47 8.09 44.46
C ASP B 326 -15.39 6.57 44.27
N LEU B 327 -15.98 6.08 43.18
CA LEU B 327 -15.96 4.64 42.88
C LEU B 327 -14.53 4.17 42.66
N GLY B 328 -13.76 4.98 41.94
CA GLY B 328 -12.38 4.64 41.66
C GLY B 328 -11.52 4.55 42.91
N GLN B 329 -11.74 5.47 43.84
CA GLN B 329 -10.97 5.46 45.08
C GLN B 329 -11.33 4.25 45.93
N LYS B 330 -12.62 3.99 46.09
CA LYS B 330 -13.04 2.84 46.86
C LYS B 330 -12.50 1.55 46.23
N LEU B 331 -12.49 1.48 44.90
CA LEU B 331 -11.99 0.28 44.23
C LEU B 331 -10.50 0.14 44.42
N LYS B 332 -9.76 1.21 44.23
CA LYS B 332 -8.32 1.13 44.39
C LYS B 332 -7.93 0.85 45.85
N ASP B 333 -8.64 1.46 46.81
CA ASP B 333 -8.30 1.20 48.21
C ASP B 333 -8.54 -0.28 48.48
N GLY B 334 -9.66 -0.78 47.95
CA GLY B 334 -10.02 -2.16 48.16
C GLY B 334 -9.04 -3.14 47.53
N LEU B 335 -8.63 -2.86 46.31
CA LEU B 335 -7.70 -3.75 45.62
C LEU B 335 -6.30 -3.66 46.25
N LEU B 336 -5.93 -2.48 46.74
CA LEU B 336 -4.63 -2.33 47.37
C LEU B 336 -4.62 -3.18 48.64
N ALA B 337 -5.80 -3.32 49.26
CA ALA B 337 -5.92 -4.13 50.46
C ALA B 337 -5.66 -5.59 50.08
N ILE B 338 -6.39 -6.08 49.10
CA ILE B 338 -6.23 -7.46 48.62
C ILE B 338 -4.77 -7.69 48.23
N ALA B 339 -4.16 -6.69 47.59
CA ALA B 339 -2.78 -6.76 47.15
C ALA B 339 -1.77 -7.05 48.28
N GLU B 340 -2.10 -6.67 49.50
CA GLU B 340 -1.22 -6.89 50.64
C GLU B 340 -1.01 -8.38 50.92
N LYS B 341 -2.00 -9.20 50.59
CA LYS B 341 -1.91 -10.63 50.82
C LYS B 341 -1.58 -11.40 49.55
N HIS B 342 -1.40 -10.67 48.46
CA HIS B 342 -1.10 -11.31 47.18
C HIS B 342 -0.14 -10.45 46.37
N PRO B 343 1.17 -10.74 46.50
CA PRO B 343 2.24 -10.02 45.81
C PRO B 343 2.11 -10.05 44.28
N GLU B 344 1.35 -11.01 43.77
CA GLU B 344 1.13 -11.11 42.32
C GLU B 344 0.52 -9.81 41.78
N ILE B 345 -0.26 -9.15 42.61
CA ILE B 345 -0.85 -7.88 42.24
C ILE B 345 0.30 -6.88 42.28
N GLY B 346 0.92 -6.65 41.13
CA GLY B 346 2.06 -5.75 41.05
C GLY B 346 1.74 -4.28 40.81
N ASP B 347 0.49 -3.97 40.47
CA ASP B 347 0.11 -2.60 40.24
C ASP B 347 -1.40 -2.43 40.31
N VAL B 348 -1.81 -1.35 40.95
CA VAL B 348 -3.20 -0.97 41.09
C VAL B 348 -3.19 0.45 40.55
N ARG B 349 -4.05 0.76 39.59
CA ARG B 349 -4.02 2.08 38.98
C ARG B 349 -5.34 2.50 38.35
N GLY B 350 -5.38 3.76 37.93
CA GLY B 350 -6.56 4.25 37.25
C GLY B 350 -7.03 5.68 37.47
N LEU B 351 -7.48 6.30 36.39
CA LEU B 351 -8.02 7.66 36.46
C LEU B 351 -9.50 7.48 36.70
N GLY B 352 -10.07 8.19 37.67
CA GLY B 352 -11.49 8.05 37.93
C GLY B 352 -11.92 6.60 38.14
N ALA B 353 -12.87 6.14 37.32
CA ALA B 353 -13.36 4.77 37.44
C ALA B 353 -12.79 3.84 36.39
N MET B 354 -11.70 4.24 35.73
CA MET B 354 -11.08 3.38 34.73
C MET B 354 -9.95 2.69 35.50
N ILE B 355 -10.34 1.73 36.34
CA ILE B 355 -9.42 1.03 37.22
C ILE B 355 -8.94 -0.32 36.75
N ALA B 356 -7.69 -0.63 37.06
CA ALA B 356 -7.09 -1.90 36.66
C ALA B 356 -6.02 -2.37 37.63
N ILE B 357 -5.77 -3.68 37.64
CA ILE B 357 -4.68 -4.21 38.44
C ILE B 357 -3.96 -5.08 37.45
N GLU B 358 -2.64 -5.20 37.62
CA GLU B 358 -1.81 -5.99 36.72
C GLU B 358 -1.12 -7.09 37.51
N LEU B 359 -1.22 -8.33 37.04
CA LEU B 359 -0.62 -9.45 37.75
C LEU B 359 0.72 -9.92 37.19
N PHE B 360 1.66 -10.18 38.08
CA PHE B 360 2.99 -10.66 37.75
C PHE B 360 3.34 -11.88 38.60
N GLU B 361 4.01 -12.86 37.99
CA GLU B 361 4.43 -14.04 38.72
C GLU B 361 5.42 -13.57 39.79
N ASP B 362 5.10 -13.87 41.05
CA ASP B 362 5.94 -13.48 42.19
C ASP B 362 6.35 -12.00 42.11
N GLY B 363 5.40 -11.14 41.79
CA GLY B 363 5.68 -9.72 41.70
C GLY B 363 6.86 -9.33 40.83
N ASP B 364 7.24 -10.19 39.88
CA ASP B 364 8.34 -9.86 38.99
C ASP B 364 7.76 -9.18 37.74
N HIS B 365 7.92 -7.86 37.66
CA HIS B 365 7.40 -7.09 36.54
C HIS B 365 7.80 -7.55 35.15
N ASN B 366 8.69 -8.53 35.07
CA ASN B 366 9.10 -9.07 33.78
C ASN B 366 8.38 -10.37 33.48
N LYS B 367 7.59 -10.86 34.44
CA LYS B 367 6.85 -12.10 34.26
C LYS B 367 5.33 -11.91 34.35
N PRO B 368 4.70 -11.44 33.27
CA PRO B 368 3.25 -11.24 33.30
C PRO B 368 2.61 -12.56 33.68
N ASP B 369 1.63 -12.53 34.57
CA ASP B 369 0.97 -13.77 34.96
C ASP B 369 -0.40 -13.87 34.25
N ALA B 370 -0.37 -14.34 33.01
CA ALA B 370 -1.60 -14.48 32.25
C ALA B 370 -2.46 -15.57 32.84
N LYS B 371 -1.82 -16.62 33.34
CA LYS B 371 -2.54 -17.75 33.91
C LYS B 371 -3.32 -17.37 35.15
N LEU B 372 -2.70 -16.63 36.05
CA LEU B 372 -3.42 -16.21 37.24
C LEU B 372 -4.59 -15.30 36.81
N THR B 373 -4.31 -14.39 35.89
CA THR B 373 -5.32 -13.46 35.40
C THR B 373 -6.61 -14.16 34.95
N ALA B 374 -6.45 -15.12 34.04
CA ALA B 374 -7.57 -15.88 33.49
C ALA B 374 -8.27 -16.65 34.60
N GLU B 375 -7.48 -17.18 35.54
CA GLU B 375 -8.05 -17.94 36.63
C GLU B 375 -8.95 -17.07 37.50
N ILE B 376 -8.54 -15.83 37.74
CA ILE B 376 -9.33 -14.94 38.55
C ILE B 376 -10.65 -14.64 37.82
N VAL B 377 -10.56 -14.47 36.50
CA VAL B 377 -11.75 -14.20 35.70
C VAL B 377 -12.74 -15.38 35.78
N ALA B 378 -12.23 -16.61 35.70
CA ALA B 378 -13.07 -17.80 35.77
C ALA B 378 -13.67 -18.02 37.17
N ARG B 379 -12.88 -17.75 38.21
CA ARG B 379 -13.36 -17.93 39.57
C ARG B 379 -14.42 -16.89 39.89
N ALA B 380 -14.18 -15.65 39.47
CA ALA B 380 -15.15 -14.58 39.72
C ALA B 380 -16.51 -14.94 39.10
N ARG B 381 -16.49 -15.46 37.88
CA ARG B 381 -17.72 -15.82 37.19
C ARG B 381 -18.45 -16.88 38.00
N ASP B 382 -17.68 -17.82 38.55
CA ASP B 382 -18.26 -18.87 39.38
C ASP B 382 -18.92 -18.27 40.61
N LYS B 383 -18.44 -17.11 41.06
CA LYS B 383 -19.02 -16.45 42.21
C LYS B 383 -20.07 -15.41 41.81
N GLY B 384 -20.45 -15.41 40.53
CA GLY B 384 -21.46 -14.49 40.06
C GLY B 384 -20.96 -13.09 39.76
N LEU B 385 -19.69 -12.95 39.41
CA LEU B 385 -19.17 -11.63 39.08
C LEU B 385 -18.53 -11.67 37.67
N ILE B 386 -19.01 -10.78 36.80
CA ILE B 386 -18.51 -10.71 35.43
C ILE B 386 -17.33 -9.73 35.31
N LEU B 387 -16.19 -10.28 34.86
CA LEU B 387 -14.96 -9.53 34.68
C LEU B 387 -14.39 -9.67 33.28
N LEU B 388 -13.50 -8.74 32.93
CA LEU B 388 -12.80 -8.72 31.65
C LEU B 388 -11.30 -8.45 31.95
N SER B 389 -10.43 -9.02 31.13
CA SER B 389 -9.01 -8.79 31.31
C SER B 389 -8.58 -8.02 30.04
N CYS B 390 -7.30 -7.68 29.91
CA CYS B 390 -6.79 -6.96 28.74
C CYS B 390 -5.26 -6.89 28.84
N GLY B 391 -4.64 -6.07 27.99
CA GLY B 391 -3.19 -5.92 28.03
C GLY B 391 -2.50 -6.82 27.02
N PRO B 392 -1.40 -6.35 26.42
CA PRO B 392 -0.72 -7.19 25.45
C PRO B 392 -0.32 -8.57 25.99
N TYR B 393 -0.09 -8.67 27.30
CA TYR B 393 0.30 -9.94 27.92
C TYR B 393 -0.83 -10.62 28.72
N TYR B 394 -2.06 -10.19 28.45
CA TYR B 394 -3.24 -10.75 29.09
C TYR B 394 -3.13 -10.91 30.59
N ASN B 395 -2.43 -9.97 31.23
CA ASN B 395 -2.26 -10.04 32.67
C ASN B 395 -2.84 -8.81 33.36
N VAL B 396 -3.85 -8.21 32.75
CA VAL B 396 -4.45 -7.03 33.35
C VAL B 396 -5.95 -7.25 33.53
N LEU B 397 -6.42 -6.97 34.75
CA LEU B 397 -7.83 -7.11 35.09
C LEU B 397 -8.35 -5.70 35.18
N ARG B 398 -9.37 -5.37 34.39
CA ARG B 398 -9.91 -4.02 34.43
C ARG B 398 -11.31 -4.05 35.02
N ILE B 399 -11.77 -2.92 35.51
CA ILE B 399 -13.10 -2.87 36.09
C ILE B 399 -13.85 -1.81 35.33
N LEU B 400 -14.98 -2.21 34.75
CA LEU B 400 -15.77 -1.29 33.95
C LEU B 400 -17.22 -1.32 34.42
N VAL B 401 -17.41 -1.53 35.74
CA VAL B 401 -18.75 -1.57 36.34
C VAL B 401 -19.44 -0.20 36.16
N PRO B 402 -20.76 -0.22 35.94
CA PRO B 402 -21.51 1.02 35.77
C PRO B 402 -21.21 2.02 36.88
N LEU B 403 -21.14 3.30 36.52
CA LEU B 403 -20.86 4.33 37.52
C LEU B 403 -22.06 4.49 38.46
N THR B 404 -23.17 3.85 38.11
CA THR B 404 -24.40 3.90 38.90
C THR B 404 -24.50 2.77 39.93
N ILE B 405 -23.39 2.04 40.12
CA ILE B 405 -23.37 0.94 41.06
C ILE B 405 -23.64 1.44 42.49
N GLU B 406 -24.35 0.63 43.27
CA GLU B 406 -24.71 0.97 44.65
C GLU B 406 -23.57 0.59 45.60
N ASP B 407 -23.45 1.30 46.72
CA ASP B 407 -22.39 1.04 47.69
C ASP B 407 -22.19 -0.44 48.10
N ALA B 408 -23.27 -1.13 48.43
CA ALA B 408 -23.16 -2.53 48.84
C ALA B 408 -22.58 -3.36 47.70
N GLN B 409 -22.95 -3.03 46.47
CA GLN B 409 -22.42 -3.77 45.33
C GLN B 409 -20.93 -3.52 45.16
N ILE B 410 -20.44 -2.34 45.53
CA ILE B 410 -19.01 -2.10 45.44
C ILE B 410 -18.31 -3.08 46.39
N ARG B 411 -18.79 -3.15 47.64
CA ARG B 411 -18.21 -4.06 48.64
C ARG B 411 -18.33 -5.52 48.17
N GLN B 412 -19.53 -5.90 47.75
CA GLN B 412 -19.77 -7.25 47.28
C GLN B 412 -18.74 -7.69 46.25
N GLY B 413 -18.52 -6.84 45.26
CA GLY B 413 -17.58 -7.14 44.19
C GLY B 413 -16.15 -7.27 44.65
N LEU B 414 -15.70 -6.34 45.47
CA LEU B 414 -14.33 -6.40 45.98
C LEU B 414 -14.19 -7.67 46.82
N GLU B 415 -15.23 -7.99 47.59
CA GLU B 415 -15.22 -9.18 48.45
C GLU B 415 -15.05 -10.43 47.57
N ILE B 416 -15.77 -10.48 46.45
CA ILE B 416 -15.67 -11.62 45.55
C ILE B 416 -14.27 -11.70 44.94
N ILE B 417 -13.72 -10.55 44.55
CA ILE B 417 -12.40 -10.55 43.94
C ILE B 417 -11.43 -11.07 44.97
N SER B 418 -11.56 -10.58 46.20
CA SER B 418 -10.69 -10.99 47.29
C SER B 418 -10.76 -12.50 47.48
N GLN B 419 -11.98 -13.04 47.46
CA GLN B 419 -12.15 -14.46 47.61
C GLN B 419 -11.50 -15.22 46.46
N CYS B 420 -11.53 -14.66 45.26
CA CYS B 420 -10.93 -15.36 44.13
C CYS B 420 -9.44 -15.51 44.29
N PHE B 421 -8.77 -14.46 44.74
CA PHE B 421 -7.34 -14.55 44.93
C PHE B 421 -7.00 -15.54 46.06
N ASP B 422 -7.66 -15.40 47.21
CA ASP B 422 -7.40 -16.32 48.32
C ASP B 422 -7.52 -17.77 47.88
N GLU B 423 -8.64 -18.10 47.26
CA GLU B 423 -8.90 -19.47 46.82
C GLU B 423 -7.97 -19.91 45.72
N ALA B 424 -7.43 -18.96 44.98
CA ALA B 424 -6.51 -19.27 43.90
C ALA B 424 -5.17 -19.74 44.48
N LYS B 425 -5.00 -19.61 45.80
CA LYS B 425 -3.74 -20.01 46.44
C LYS B 425 -3.53 -21.48 46.82
N GLN B 426 -4.44 -22.37 46.47
CA GLN B 426 -4.27 -23.79 46.81
C GLN B 426 -4.72 -24.73 45.69
N ASN C 2 33.43 -26.85 -22.35
CA ASN C 2 33.53 -25.82 -23.42
C ASN C 2 32.50 -25.99 -24.55
N SER C 3 31.43 -26.73 -24.27
CA SER C 3 30.37 -26.88 -25.25
C SER C 3 29.20 -26.10 -24.63
N ASN C 4 28.26 -25.69 -25.44
CA ASN C 4 27.12 -24.98 -24.92
C ASN C 4 26.45 -25.85 -23.88
N LYS C 5 26.42 -27.15 -24.14
CA LYS C 5 25.78 -28.11 -23.22
C LYS C 5 26.40 -28.13 -21.83
N GLU C 6 27.73 -28.27 -21.77
CA GLU C 6 28.41 -28.29 -20.49
C GLU C 6 28.21 -26.99 -19.72
N LEU C 7 28.21 -25.86 -20.44
CA LEU C 7 28.03 -24.56 -19.79
C LEU C 7 26.60 -24.42 -19.27
N MET C 8 25.63 -24.93 -20.00
CA MET C 8 24.24 -24.88 -19.55
C MET C 8 24.12 -25.77 -18.28
N GLN C 9 24.87 -26.87 -18.21
CA GLN C 9 24.79 -27.70 -17.00
C GLN C 9 25.39 -26.95 -15.83
N ARG C 10 26.56 -26.34 -16.02
CA ARG C 10 27.18 -25.57 -14.95
C ARG C 10 26.25 -24.45 -14.50
N ARG C 11 25.60 -23.82 -15.48
CA ARG C 11 24.66 -22.74 -15.24
C ARG C 11 23.54 -23.21 -14.28
N SER C 12 22.96 -24.38 -14.55
CA SER C 12 21.87 -24.93 -13.74
C SER C 12 22.27 -25.07 -12.29
N GLN C 13 23.56 -25.19 -12.05
CA GLN C 13 24.09 -25.36 -10.69
C GLN C 13 24.56 -24.05 -10.00
N ALA C 14 24.88 -23.01 -10.77
CA ALA C 14 25.39 -21.79 -10.16
C ALA C 14 24.45 -20.60 -10.19
N ILE C 15 23.51 -20.65 -11.11
CA ILE C 15 22.62 -19.54 -11.38
C ILE C 15 21.18 -19.91 -11.19
N PRO C 16 20.38 -19.01 -10.61
CA PRO C 16 18.97 -19.35 -10.39
C PRO C 16 18.19 -19.61 -11.66
N ARG C 17 17.26 -20.54 -11.56
CA ARG C 17 16.40 -20.89 -12.68
C ARG C 17 15.52 -19.69 -13.07
N GLY C 18 15.27 -18.77 -12.13
CA GLY C 18 14.45 -17.61 -12.44
C GLY C 18 15.07 -16.75 -13.55
N VAL C 19 16.38 -16.83 -13.72
CA VAL C 19 17.03 -16.09 -14.79
C VAL C 19 16.78 -16.96 -16.04
N GLY C 20 15.83 -16.57 -16.87
CA GLY C 20 15.51 -17.35 -18.07
C GLY C 20 16.65 -17.38 -19.08
N GLN C 21 16.55 -18.28 -20.06
CA GLN C 21 17.57 -18.41 -21.10
C GLN C 21 16.83 -18.70 -22.43
N ILE C 22 16.63 -17.66 -23.23
CA ILE C 22 15.94 -17.82 -24.50
C ILE C 22 16.67 -18.80 -25.43
N HIS C 23 17.99 -18.64 -25.54
CA HIS C 23 18.77 -19.52 -26.38
C HIS C 23 19.82 -20.13 -25.47
N PRO C 24 19.90 -21.47 -25.43
CA PRO C 24 20.86 -22.22 -24.60
C PRO C 24 22.24 -22.24 -25.24
N ILE C 25 22.70 -21.07 -25.65
CA ILE C 25 23.99 -20.90 -26.30
C ILE C 25 24.85 -19.91 -25.54
N PHE C 26 26.14 -20.21 -25.40
CA PHE C 26 27.07 -19.31 -24.74
C PHE C 26 27.91 -18.61 -25.82
N ALA C 27 27.74 -17.29 -25.93
CA ALA C 27 28.48 -16.49 -26.90
C ALA C 27 29.91 -16.27 -26.44
N ASP C 28 30.84 -16.27 -27.39
CA ASP C 28 32.24 -16.03 -27.09
C ASP C 28 32.68 -14.65 -27.60
N ARG C 29 32.26 -14.29 -28.80
CA ARG C 29 32.68 -13.01 -29.37
C ARG C 29 31.67 -12.60 -30.42
N ALA C 30 31.74 -11.35 -30.85
CA ALA C 30 30.79 -10.83 -31.83
C ALA C 30 31.36 -9.64 -32.55
N GLU C 31 30.73 -9.26 -33.64
CA GLU C 31 31.16 -8.13 -34.44
C GLU C 31 29.98 -7.67 -35.26
N ASN C 32 29.54 -6.46 -35.00
CA ASN C 32 28.40 -5.90 -35.72
C ASN C 32 27.16 -6.78 -35.55
N CYS C 33 26.80 -7.57 -36.56
CA CYS C 33 25.61 -8.43 -36.46
C CYS C 33 25.99 -9.90 -36.38
N ARG C 34 27.29 -10.19 -36.32
CA ARG C 34 27.75 -11.58 -36.26
C ARG C 34 28.08 -11.97 -34.81
N VAL C 35 27.71 -13.19 -34.43
CA VAL C 35 28.00 -13.70 -33.09
C VAL C 35 28.58 -15.12 -33.18
N TRP C 36 29.66 -15.39 -32.45
CA TRP C 36 30.25 -16.73 -32.44
C TRP C 36 30.12 -17.33 -31.04
N ASP C 37 29.70 -18.59 -30.94
CA ASP C 37 29.57 -19.20 -29.63
C ASP C 37 30.85 -19.92 -29.25
N VAL C 38 30.86 -20.51 -28.06
CA VAL C 38 32.04 -21.19 -27.56
C VAL C 38 32.45 -22.37 -28.43
N GLU C 39 31.53 -22.85 -29.27
CA GLU C 39 31.83 -23.97 -30.14
C GLU C 39 32.29 -23.45 -31.53
N GLY C 40 32.41 -22.13 -31.69
CA GLY C 40 32.88 -21.61 -32.96
C GLY C 40 31.80 -21.44 -34.01
N ARG C 41 30.58 -21.82 -33.68
CA ARG C 41 29.47 -21.67 -34.63
C ARG C 41 29.13 -20.18 -34.76
N GLU C 42 28.72 -19.74 -35.94
CA GLU C 42 28.41 -18.34 -36.12
C GLU C 42 26.92 -18.12 -36.25
N TYR C 43 26.43 -17.05 -35.65
CA TYR C 43 25.01 -16.74 -35.74
C TYR C 43 24.78 -15.32 -36.29
N LEU C 44 23.59 -15.09 -36.85
CA LEU C 44 23.20 -13.78 -37.35
C LEU C 44 22.25 -13.30 -36.24
N ASP C 45 22.62 -12.20 -35.60
CA ASP C 45 21.86 -11.64 -34.47
C ASP C 45 20.71 -10.68 -34.81
N PHE C 46 19.48 -11.20 -34.82
CA PHE C 46 18.31 -10.36 -35.10
C PHE C 46 17.64 -9.91 -33.77
N ALA C 47 18.31 -10.14 -32.65
CA ALA C 47 17.78 -9.74 -31.35
C ALA C 47 18.51 -8.49 -30.78
N GLY C 48 19.69 -8.18 -31.33
CA GLY C 48 20.45 -7.03 -30.88
C GLY C 48 20.69 -6.91 -29.38
N GLY C 49 20.81 -8.04 -28.69
CA GLY C 49 21.04 -7.98 -27.26
C GLY C 49 19.82 -7.34 -26.61
N GLN C 50 18.67 -7.61 -27.22
CA GLN C 50 17.39 -7.08 -26.78
C GLN C 50 17.32 -5.56 -26.94
N ALA C 51 17.42 -5.15 -28.19
CA ALA C 51 17.34 -3.75 -28.61
C ALA C 51 18.45 -2.83 -28.10
N VAL C 52 19.56 -3.42 -27.65
CA VAL C 52 20.67 -2.66 -27.09
C VAL C 52 21.76 -2.36 -28.11
N LEU C 53 21.81 -3.13 -29.19
CA LEU C 53 22.87 -2.92 -30.16
C LEU C 53 22.45 -2.29 -31.49
N ASN C 54 21.77 -1.15 -31.46
CA ASN C 54 21.36 -0.56 -32.72
C ASN C 54 22.56 -0.19 -33.58
N THR C 55 23.70 0.07 -32.95
CA THR C 55 24.90 0.39 -33.73
C THR C 55 25.76 -0.86 -33.84
N GLY C 56 25.15 -2.03 -33.63
CA GLY C 56 25.88 -3.29 -33.74
C GLY C 56 26.83 -3.62 -32.61
N HIS C 57 27.23 -4.88 -32.55
CA HIS C 57 28.17 -5.36 -31.53
C HIS C 57 29.53 -4.68 -31.69
N LEU C 58 30.03 -4.05 -30.64
CA LEU C 58 31.34 -3.40 -30.69
C LEU C 58 31.58 -2.50 -31.92
N HIS C 59 30.75 -1.48 -32.12
CA HIS C 59 31.00 -0.60 -33.24
C HIS C 59 32.42 -0.06 -33.05
N PRO C 60 33.28 -0.19 -34.07
CA PRO C 60 34.66 0.30 -33.95
C PRO C 60 34.84 1.73 -33.42
N LYS C 61 33.96 2.67 -33.76
CA LYS C 61 34.11 4.04 -33.26
C LYS C 61 33.79 4.11 -31.75
N VAL C 62 32.78 3.36 -31.34
CA VAL C 62 32.38 3.30 -29.94
C VAL C 62 33.52 2.67 -29.09
N VAL C 63 34.07 1.57 -29.60
CA VAL C 63 35.15 0.85 -28.95
C VAL C 63 36.37 1.77 -28.77
N ALA C 64 36.75 2.47 -29.83
CA ALA C 64 37.88 3.38 -29.73
C ALA C 64 37.61 4.47 -28.65
N ALA C 65 36.38 4.94 -28.56
CA ALA C 65 36.04 5.96 -27.57
C ALA C 65 36.18 5.36 -26.17
N VAL C 66 35.70 4.12 -26.02
CA VAL C 66 35.78 3.40 -24.77
C VAL C 66 37.26 3.20 -24.38
N GLU C 67 38.09 2.77 -25.32
CA GLU C 67 39.49 2.56 -25.01
C GLU C 67 40.19 3.86 -24.58
N ALA C 68 39.88 4.96 -25.25
CA ALA C 68 40.48 6.25 -24.87
C ALA C 68 40.14 6.59 -23.41
N GLN C 69 38.86 6.44 -23.05
CA GLN C 69 38.42 6.74 -21.69
C GLN C 69 38.99 5.79 -20.64
N LEU C 70 39.13 4.52 -21.01
CA LEU C 70 39.65 3.52 -20.09
C LEU C 70 41.07 3.86 -19.62
N LYS C 71 41.77 4.69 -20.39
CA LYS C 71 43.11 5.12 -20.02
C LYS C 71 43.05 6.24 -18.97
N LYS C 72 41.90 6.91 -18.86
CA LYS C 72 41.77 8.03 -17.92
C LYS C 72 41.17 7.62 -16.59
N LEU C 73 39.93 7.14 -16.60
CA LEU C 73 39.25 6.67 -15.39
C LEU C 73 37.96 5.94 -15.75
N SER C 74 37.52 5.01 -14.90
CA SER C 74 36.30 4.28 -15.20
C SER C 74 35.21 4.63 -14.23
N HIS C 75 35.57 5.14 -13.05
CA HIS C 75 34.56 5.46 -12.06
C HIS C 75 35.00 6.37 -10.94
N THR C 76 34.18 7.37 -10.61
CA THR C 76 34.43 8.25 -9.46
C THR C 76 33.15 8.41 -8.63
N CYS C 77 32.00 8.13 -9.25
CA CYS C 77 30.65 8.32 -8.69
C CYS C 77 30.38 9.83 -8.87
N PHE C 78 29.69 10.17 -9.97
CA PHE C 78 29.41 11.56 -10.32
C PHE C 78 29.00 12.46 -9.17
N GLN C 79 28.10 11.97 -8.31
CA GLN C 79 27.58 12.74 -7.18
C GLN C 79 28.68 13.08 -6.16
N VAL C 80 29.81 12.42 -6.27
CA VAL C 80 30.91 12.67 -5.36
C VAL C 80 31.92 13.60 -6.03
N LEU C 81 32.35 13.22 -7.23
CA LEU C 81 33.33 13.96 -8.00
C LEU C 81 32.82 13.89 -9.44
N ALA C 82 32.51 15.01 -10.05
CA ALA C 82 31.99 14.97 -11.41
C ALA C 82 33.05 14.66 -12.49
N TYR C 83 32.59 14.55 -13.73
CA TYR C 83 33.46 14.34 -14.87
C TYR C 83 32.69 14.85 -16.09
N GLU C 84 33.40 15.28 -17.11
CA GLU C 84 32.77 15.86 -18.29
C GLU C 84 31.91 14.99 -19.19
N PRO C 85 32.25 13.71 -19.38
CA PRO C 85 31.45 12.85 -20.25
C PRO C 85 29.95 12.82 -19.86
N TYR C 86 29.68 12.80 -18.56
CA TYR C 86 28.31 12.82 -18.02
C TYR C 86 27.60 14.16 -18.43
N LEU C 87 28.26 15.27 -18.09
CA LEU C 87 27.77 16.62 -18.40
C LEU C 87 27.54 16.81 -19.91
N GLU C 88 28.51 16.41 -20.71
CA GLU C 88 28.35 16.59 -22.15
C GLU C 88 27.16 15.79 -22.76
N LEU C 89 26.94 14.57 -22.31
CA LEU C 89 25.84 13.77 -22.84
C LEU C 89 24.52 14.41 -22.40
N CYS C 90 24.49 14.94 -21.18
CA CYS C 90 23.28 15.56 -20.67
C CYS C 90 22.91 16.74 -21.57
N GLU C 91 23.88 17.61 -21.82
CA GLU C 91 23.65 18.74 -22.69
C GLU C 91 23.10 18.29 -24.07
N ILE C 92 23.66 17.22 -24.63
CA ILE C 92 23.19 16.75 -25.93
C ILE C 92 21.77 16.18 -25.89
N MET C 93 21.46 15.43 -24.85
CA MET C 93 20.14 14.84 -24.72
C MET C 93 19.09 15.91 -24.46
N ASN C 94 19.46 16.97 -23.75
CA ASN C 94 18.53 18.08 -23.49
C ASN C 94 18.07 18.64 -24.85
N GLN C 95 18.94 18.57 -25.85
CA GLN C 95 18.64 19.04 -27.21
C GLN C 95 17.97 17.96 -28.08
N LYS C 96 18.45 16.73 -27.98
CA LYS C 96 17.93 15.62 -28.77
C LYS C 96 16.53 15.12 -28.39
N VAL C 97 16.22 15.11 -27.09
CA VAL C 97 14.92 14.63 -26.66
C VAL C 97 13.84 15.60 -27.16
N PRO C 98 12.76 15.08 -27.75
CA PRO C 98 11.69 15.97 -28.25
C PRO C 98 11.11 16.90 -27.18
N GLY C 99 10.72 18.11 -27.61
CA GLY C 99 10.16 19.07 -26.68
C GLY C 99 10.77 20.44 -26.89
N ASP C 100 10.00 21.35 -27.49
CA ASP C 100 10.46 22.70 -27.78
C ASP C 100 10.44 23.62 -26.54
N PHE C 101 11.33 23.31 -25.58
CA PHE C 101 11.43 24.07 -24.33
C PHE C 101 12.66 23.57 -23.56
N ALA C 102 13.13 24.36 -22.60
CA ALA C 102 14.30 23.99 -21.83
C ALA C 102 14.13 22.64 -21.10
N LYS C 103 15.16 21.80 -21.16
CA LYS C 103 15.12 20.51 -20.50
C LYS C 103 16.36 20.28 -19.68
N LYS C 104 16.30 19.31 -18.78
CA LYS C 104 17.46 18.90 -18.00
C LYS C 104 17.50 17.38 -18.03
N THR C 105 18.70 16.84 -17.81
CA THR C 105 18.89 15.40 -17.87
C THR C 105 19.64 14.84 -16.67
N LEU C 106 19.14 13.68 -16.23
CA LEU C 106 19.70 12.89 -15.15
C LEU C 106 20.19 11.59 -15.81
N LEU C 107 21.38 11.13 -15.45
CA LEU C 107 21.86 9.86 -15.99
C LEU C 107 21.90 8.88 -14.83
N VAL C 108 21.41 7.66 -15.04
CA VAL C 108 21.49 6.63 -14.02
C VAL C 108 22.14 5.45 -14.75
N THR C 109 21.80 4.22 -14.41
CA THR C 109 22.45 3.09 -15.08
C THR C 109 21.55 2.14 -15.87
N THR C 110 20.42 1.74 -15.30
CA THR C 110 19.52 0.81 -15.99
C THR C 110 18.16 1.43 -16.39
N GLY C 111 17.50 0.80 -17.35
CA GLY C 111 16.21 1.27 -17.80
C GLY C 111 15.21 1.33 -16.67
N SER C 112 15.24 0.36 -15.75
N SER C 112 15.27 0.36 -15.76
CA SER C 112 14.28 0.37 -14.66
CA SER C 112 14.35 0.31 -14.64
C SER C 112 14.56 1.55 -13.72
C SER C 112 14.56 1.52 -13.72
N GLU C 113 15.82 1.89 -13.53
CA GLU C 113 16.17 3.01 -12.68
C GLU C 113 15.68 4.30 -13.33
N ALA C 114 15.71 4.35 -14.65
CA ALA C 114 15.23 5.54 -15.35
C ALA C 114 13.72 5.69 -15.06
N VAL C 115 12.95 4.63 -15.27
CA VAL C 115 11.51 4.75 -15.02
C VAL C 115 11.31 5.11 -13.56
N GLU C 116 12.08 4.48 -12.68
CA GLU C 116 11.95 4.77 -11.28
C GLU C 116 12.10 6.30 -11.01
N ASN C 117 13.16 6.89 -11.55
CA ASN C 117 13.41 8.30 -11.30
C ASN C 117 12.45 9.24 -11.98
N ALA C 118 12.02 8.91 -13.19
CA ALA C 118 11.06 9.76 -13.88
C ALA C 118 9.79 9.85 -12.99
N VAL C 119 9.31 8.71 -12.46
CA VAL C 119 8.14 8.71 -11.57
C VAL C 119 8.42 9.54 -10.28
N LYS C 120 9.56 9.30 -9.65
CA LYS C 120 9.92 10.09 -8.46
C LYS C 120 9.89 11.60 -8.79
N ILE C 121 10.55 11.97 -9.89
CA ILE C 121 10.59 13.36 -10.33
C ILE C 121 9.15 13.91 -10.52
N ALA C 122 8.30 13.17 -11.19
CA ALA C 122 6.92 13.60 -11.43
C ALA C 122 6.15 13.74 -10.13
N ARG C 123 6.38 12.82 -9.20
CA ARG C 123 5.69 12.89 -7.93
C ARG C 123 6.13 14.15 -7.20
N ALA C 124 7.42 14.44 -7.22
CA ALA C 124 7.93 15.64 -6.56
C ALA C 124 7.41 16.93 -7.26
N ALA C 125 7.35 16.92 -8.58
CA ALA C 125 6.87 18.07 -9.33
C ALA C 125 5.36 18.39 -9.13
N THR C 126 4.53 17.37 -9.04
CA THR C 126 3.09 17.53 -8.89
C THR C 126 2.58 17.41 -7.45
N LYS C 127 3.39 16.83 -6.58
CA LYS C 127 3.01 16.63 -5.19
C LYS C 127 1.85 15.65 -5.15
N ARG C 128 1.96 14.61 -5.97
CA ARG C 128 0.95 13.56 -6.07
C ARG C 128 1.68 12.22 -5.95
N SER C 129 0.98 11.18 -5.49
CA SER C 129 1.62 9.88 -5.31
C SER C 129 1.23 8.78 -6.28
N GLY C 130 0.15 8.96 -7.04
CA GLY C 130 -0.28 7.89 -7.93
C GLY C 130 0.18 8.01 -9.35
N THR C 131 0.18 6.87 -10.04
CA THR C 131 0.56 6.83 -11.44
C THR C 131 -0.38 5.87 -12.19
N ILE C 132 -0.44 6.03 -13.51
CA ILE C 132 -1.25 5.19 -14.37
C ILE C 132 -0.31 4.61 -15.44
N ALA C 133 -0.45 3.31 -15.73
CA ALA C 133 0.35 2.66 -16.77
C ALA C 133 -0.66 1.87 -17.59
N PHE C 134 -0.23 1.35 -18.75
CA PHE C 134 -1.13 0.64 -19.65
C PHE C 134 -1.02 -0.89 -19.70
N SER C 135 -2.09 -1.54 -20.16
CA SER C 135 -2.12 -3.00 -20.23
C SER C 135 -1.02 -3.45 -21.19
N GLY C 136 -0.39 -4.59 -20.90
CA GLY C 136 0.68 -5.06 -21.76
C GLY C 136 1.99 -4.29 -21.64
N ALA C 137 2.02 -3.21 -20.86
CA ALA C 137 3.23 -2.42 -20.70
C ALA C 137 4.36 -3.17 -20.02
N TYR C 138 5.57 -2.71 -20.27
CA TYR C 138 6.77 -3.27 -19.66
C TYR C 138 7.67 -2.11 -19.23
N HIS C 139 8.02 -2.06 -17.96
CA HIS C 139 8.82 -0.95 -17.49
C HIS C 139 10.00 -1.33 -16.60
N GLY C 140 10.25 -2.62 -16.39
CA GLY C 140 11.39 -2.98 -15.54
C GLY C 140 11.07 -3.96 -14.43
N ARG C 141 12.13 -4.47 -13.78
CA ARG C 141 11.97 -5.47 -12.76
C ARG C 141 12.15 -5.06 -11.27
N THR C 142 12.06 -3.78 -10.94
CA THR C 142 12.15 -3.40 -9.55
C THR C 142 10.68 -3.51 -9.07
N HIS C 143 10.45 -3.50 -7.76
CA HIS C 143 9.08 -3.63 -7.26
C HIS C 143 8.13 -2.65 -7.94
N TYR C 144 8.48 -1.37 -7.94
CA TYR C 144 7.59 -0.37 -8.51
C TYR C 144 7.45 -0.49 -10.03
N THR C 145 8.52 -0.75 -10.77
CA THR C 145 8.39 -0.90 -12.22
C THR C 145 7.63 -2.21 -12.55
N LEU C 146 7.62 -3.16 -11.61
CA LEU C 146 6.86 -4.40 -11.83
C LEU C 146 5.36 -4.07 -11.65
N ALA C 147 5.03 -3.08 -10.81
CA ALA C 147 3.65 -2.68 -10.61
C ALA C 147 3.23 -1.94 -11.87
N LEU C 148 4.12 -1.08 -12.37
CA LEU C 148 3.86 -0.34 -13.60
C LEU C 148 3.71 -1.32 -14.77
N THR C 149 4.50 -2.39 -14.76
CA THR C 149 4.46 -3.40 -15.82
C THR C 149 3.09 -4.12 -15.94
N GLY C 150 2.51 -4.12 -17.13
CA GLY C 150 1.22 -4.77 -17.34
C GLY C 150 1.33 -6.25 -17.66
N LYS C 151 1.98 -6.99 -16.77
CA LYS C 151 2.19 -8.42 -16.92
C LYS C 151 2.77 -8.99 -15.62
N VAL C 152 2.00 -9.85 -14.98
CA VAL C 152 2.42 -10.46 -13.73
C VAL C 152 3.37 -11.63 -13.97
N ASN C 153 2.95 -12.55 -14.83
CA ASN C 153 3.75 -13.74 -15.12
C ASN C 153 4.65 -13.56 -16.34
N PRO C 154 5.97 -13.80 -16.19
CA PRO C 154 6.72 -14.23 -15.00
C PRO C 154 7.37 -13.12 -14.19
N TYR C 155 7.41 -11.92 -14.76
CA TYR C 155 8.06 -10.79 -14.13
C TYR C 155 7.85 -10.67 -12.62
N SER C 156 6.63 -10.79 -12.13
CA SER C 156 6.40 -10.69 -10.68
C SER C 156 5.59 -11.87 -10.12
N ALA C 157 5.59 -12.98 -10.85
CA ALA C 157 4.84 -14.17 -10.45
C ALA C 157 5.36 -14.79 -9.15
N GLY C 158 4.44 -15.18 -8.28
CA GLY C 158 4.78 -15.81 -7.01
C GLY C 158 5.39 -14.92 -5.94
N MET C 159 5.49 -13.62 -6.21
CA MET C 159 6.11 -12.72 -5.24
C MET C 159 5.15 -11.99 -4.32
N GLY C 160 3.85 -12.25 -4.45
CA GLY C 160 2.87 -11.53 -3.64
C GLY C 160 2.49 -10.29 -4.43
N LEU C 161 1.59 -9.44 -3.92
CA LEU C 161 1.16 -8.25 -4.66
C LEU C 161 2.22 -7.14 -4.69
N MET C 162 2.48 -6.60 -5.87
CA MET C 162 3.46 -5.52 -6.02
C MET C 162 2.85 -4.20 -5.50
N PRO C 163 3.66 -3.16 -5.30
CA PRO C 163 3.19 -1.86 -4.79
C PRO C 163 1.85 -1.36 -5.32
N GLY C 164 1.01 -0.89 -4.41
CA GLY C 164 -0.28 -0.37 -4.82
C GLY C 164 -0.17 1.05 -5.37
N HIS C 165 -1.32 1.63 -5.66
CA HIS C 165 -1.38 2.98 -6.15
C HIS C 165 -0.80 3.21 -7.54
N VAL C 166 -0.90 2.16 -8.35
CA VAL C 166 -0.51 2.17 -9.76
C VAL C 166 -1.80 1.67 -10.42
N TYR C 167 -2.39 2.48 -11.30
CA TYR C 167 -3.64 2.12 -11.95
C TYR C 167 -3.49 1.71 -13.40
N ARG C 168 -4.37 0.84 -13.86
CA ARG C 168 -4.27 0.28 -15.21
C ARG C 168 -5.25 0.88 -16.23
N ALA C 169 -4.70 1.37 -17.32
CA ALA C 169 -5.48 1.93 -18.43
C ALA C 169 -5.32 0.93 -19.57
N LEU C 170 -6.12 1.06 -20.62
CA LEU C 170 -6.02 0.12 -21.75
C LEU C 170 -5.17 0.73 -22.88
N TYR C 171 -4.15 0.03 -23.35
CA TYR C 171 -3.34 0.59 -24.45
C TYR C 171 -4.13 0.48 -25.75
N PRO C 172 -4.12 1.52 -26.61
CA PRO C 172 -4.86 1.40 -27.86
C PRO C 172 -4.30 0.30 -28.75
N CYS C 173 -5.16 -0.60 -29.19
CA CYS C 173 -4.72 -1.69 -30.04
C CYS C 173 -5.92 -2.18 -30.83
N PRO C 174 -6.25 -1.49 -31.93
CA PRO C 174 -7.39 -1.90 -32.75
C PRO C 174 -7.32 -3.34 -33.22
N LEU C 175 -6.13 -3.81 -33.57
CA LEU C 175 -5.98 -5.20 -34.03
C LEU C 175 -6.70 -6.14 -33.07
N HIS C 176 -6.68 -5.83 -31.78
CA HIS C 176 -7.31 -6.69 -30.80
C HIS C 176 -8.58 -6.11 -30.18
N GLY C 177 -9.17 -5.13 -30.85
CA GLY C 177 -10.41 -4.58 -30.34
C GLY C 177 -10.41 -3.45 -29.35
N ILE C 178 -9.26 -2.87 -29.06
CA ILE C 178 -9.24 -1.75 -28.12
C ILE C 178 -9.10 -0.53 -29.01
N SER C 179 -10.16 0.27 -29.09
CA SER C 179 -10.11 1.48 -29.91
C SER C 179 -9.41 2.57 -29.11
N GLU C 180 -9.09 3.67 -29.77
CA GLU C 180 -8.42 4.75 -29.08
C GLU C 180 -9.40 5.36 -28.09
N ASP C 181 -10.69 5.27 -28.41
CA ASP C 181 -11.71 5.81 -27.53
C ASP C 181 -11.77 4.97 -26.26
N ASP C 182 -11.60 3.67 -26.44
CA ASP C 182 -11.58 2.74 -25.31
C ASP C 182 -10.39 3.08 -24.40
N ALA C 183 -9.25 3.38 -25.01
CA ALA C 183 -8.05 3.70 -24.23
C ALA C 183 -8.29 4.94 -23.40
N ILE C 184 -8.66 6.04 -24.05
CA ILE C 184 -8.91 7.28 -23.34
C ILE C 184 -10.03 7.09 -22.31
N ALA C 185 -11.07 6.34 -22.64
CA ALA C 185 -12.16 6.15 -21.67
C ALA C 185 -11.66 5.35 -20.44
N SER C 186 -10.73 4.42 -20.65
CA SER C 186 -10.23 3.62 -19.55
C SER C 186 -9.46 4.49 -18.54
N ILE C 187 -9.00 5.66 -18.98
CA ILE C 187 -8.26 6.56 -18.09
C ILE C 187 -9.29 7.34 -17.25
N HIS C 188 -10.34 7.85 -17.90
CA HIS C 188 -11.39 8.56 -17.19
C HIS C 188 -12.04 7.59 -16.17
N ARG C 189 -12.15 6.31 -16.53
CA ARG C 189 -12.72 5.31 -15.64
C ARG C 189 -11.90 5.29 -14.32
N ILE C 190 -10.58 5.29 -14.45
CA ILE C 190 -9.70 5.32 -13.26
C ILE C 190 -10.00 6.58 -12.42
N PHE C 191 -10.05 7.73 -13.10
CA PHE C 191 -10.32 9.00 -12.42
C PHE C 191 -11.67 8.93 -11.66
N LYS C 192 -12.65 8.25 -12.26
CA LYS C 192 -13.97 8.16 -11.66
C LYS C 192 -14.10 7.12 -10.55
N ASN C 193 -13.46 5.98 -10.76
CA ASN C 193 -13.52 4.85 -9.84
C ASN C 193 -12.47 4.68 -8.77
N ASP C 194 -11.22 5.04 -9.05
CA ASP C 194 -10.14 4.78 -8.09
C ASP C 194 -9.17 5.87 -7.67
N ALA C 195 -8.80 6.78 -8.58
CA ALA C 195 -7.86 7.83 -8.22
C ALA C 195 -8.16 9.10 -9.01
N ALA C 196 -8.60 10.15 -8.32
CA ALA C 196 -8.92 11.41 -9.00
C ALA C 196 -7.67 11.97 -9.65
N PRO C 197 -7.83 12.82 -10.67
CA PRO C 197 -6.64 13.39 -11.33
C PRO C 197 -5.71 14.08 -10.33
N GLU C 198 -6.27 14.73 -9.31
CA GLU C 198 -5.46 15.39 -8.28
C GLU C 198 -4.52 14.43 -7.54
N ASP C 199 -4.69 13.12 -7.71
CA ASP C 199 -3.78 12.18 -7.04
C ASP C 199 -2.94 11.42 -8.04
N ILE C 200 -2.99 11.82 -9.30
CA ILE C 200 -2.18 11.15 -10.33
C ILE C 200 -1.00 12.06 -10.76
N ALA C 201 0.22 11.67 -10.42
CA ALA C 201 1.40 12.44 -10.77
C ALA C 201 1.85 12.24 -12.22
N ALA C 202 1.62 11.04 -12.74
CA ALA C 202 2.03 10.74 -14.09
C ALA C 202 1.28 9.59 -14.73
N ILE C 203 1.27 9.63 -16.05
CA ILE C 203 0.72 8.59 -16.89
C ILE C 203 1.98 8.14 -17.63
N VAL C 204 2.33 6.85 -17.53
CA VAL C 204 3.53 6.31 -18.16
C VAL C 204 3.13 5.49 -19.37
N ILE C 205 3.78 5.76 -20.50
CA ILE C 205 3.42 5.05 -21.70
C ILE C 205 4.59 4.85 -22.64
N GLU C 206 4.62 3.69 -23.31
CA GLU C 206 5.66 3.41 -24.30
C GLU C 206 5.07 3.89 -25.63
N PRO C 207 5.77 4.80 -26.32
CA PRO C 207 5.27 5.30 -27.61
C PRO C 207 4.94 4.09 -28.48
N VAL C 208 5.78 3.08 -28.40
CA VAL C 208 5.59 1.82 -29.11
C VAL C 208 5.90 0.73 -28.06
N GLN C 209 4.92 -0.08 -27.70
CA GLN C 209 5.18 -1.11 -26.71
C GLN C 209 6.18 -2.18 -27.18
N GLY C 210 7.14 -2.49 -26.32
CA GLY C 210 8.15 -3.49 -26.63
C GLY C 210 7.67 -4.88 -26.30
N GLU C 211 7.91 -5.33 -25.07
CA GLU C 211 7.49 -6.66 -24.65
C GLU C 211 6.02 -6.81 -24.97
N GLY C 212 5.29 -5.69 -24.93
CA GLY C 212 3.86 -5.68 -25.19
C GLY C 212 3.40 -6.21 -26.54
N GLY C 213 4.32 -6.23 -27.52
CA GLY C 213 3.98 -6.73 -28.85
C GLY C 213 4.29 -5.82 -30.01
N PHE C 214 5.11 -4.79 -29.80
CA PHE C 214 5.43 -3.84 -30.87
C PHE C 214 4.14 -3.24 -31.40
N TYR C 215 3.34 -2.70 -30.48
CA TYR C 215 2.09 -2.03 -30.82
C TYR C 215 2.41 -0.54 -30.62
N ALA C 216 2.14 0.26 -31.63
CA ALA C 216 2.45 1.67 -31.57
C ALA C 216 1.27 2.57 -31.39
N SER C 217 1.49 3.66 -30.65
N SER C 217 1.49 3.66 -30.65
CA SER C 217 0.45 4.64 -30.43
CA SER C 217 0.45 4.64 -30.43
C SER C 217 0.39 5.50 -31.71
C SER C 217 0.39 5.50 -31.71
N SER C 218 -0.81 5.99 -32.05
CA SER C 218 -0.94 6.84 -33.23
C SER C 218 -0.71 8.27 -32.76
N PRO C 219 -0.38 9.19 -33.68
CA PRO C 219 -0.17 10.58 -33.24
C PRO C 219 -1.46 11.12 -32.63
N ALA C 220 -2.60 10.76 -33.25
CA ALA C 220 -3.90 11.21 -32.76
C ALA C 220 -4.13 10.81 -31.31
N PHE C 221 -3.86 9.54 -30.99
CA PHE C 221 -4.03 9.09 -29.62
C PHE C 221 -3.07 9.83 -28.67
N MET C 222 -1.79 9.87 -29.03
CA MET C 222 -0.78 10.53 -28.21
C MET C 222 -1.19 11.99 -27.96
N GLN C 223 -1.77 12.64 -28.97
CA GLN C 223 -2.20 14.02 -28.81
C GLN C 223 -3.35 14.14 -27.82
N ARG C 224 -4.26 13.17 -27.85
CA ARG C 224 -5.38 13.17 -26.93
C ARG C 224 -4.84 12.99 -25.49
N LEU C 225 -3.84 12.13 -25.34
CA LEU C 225 -3.25 11.83 -24.03
C LEU C 225 -2.54 13.07 -23.48
N ARG C 226 -1.89 13.80 -24.37
CA ARG C 226 -1.18 15.02 -24.00
C ARG C 226 -2.22 16.08 -23.54
N ALA C 227 -3.31 16.20 -24.29
CA ALA C 227 -4.34 17.18 -23.93
C ALA C 227 -4.91 16.82 -22.56
N LEU C 228 -5.15 15.53 -22.35
CA LEU C 228 -5.68 15.05 -21.07
C LEU C 228 -4.73 15.36 -19.91
N CYS C 229 -3.43 15.10 -20.11
CA CYS C 229 -2.45 15.38 -19.08
C CYS C 229 -2.38 16.87 -18.81
N ASP C 230 -2.37 17.68 -19.87
CA ASP C 230 -2.31 19.13 -19.67
C ASP C 230 -3.50 19.63 -18.87
N GLU C 231 -4.69 19.10 -19.15
CA GLU C 231 -5.85 19.55 -18.44
C GLU C 231 -5.78 19.25 -16.95
N HIS C 232 -5.16 18.13 -16.59
CA HIS C 232 -5.10 17.74 -15.20
C HIS C 232 -3.78 17.95 -14.47
N GLY C 233 -2.81 18.55 -15.14
CA GLY C 233 -1.55 18.79 -14.48
C GLY C 233 -0.76 17.51 -14.24
N ILE C 234 -1.06 16.49 -15.04
CA ILE C 234 -0.38 15.22 -14.92
C ILE C 234 0.84 15.17 -15.86
N MET C 235 1.95 14.57 -15.40
CA MET C 235 3.15 14.46 -16.22
C MET C 235 3.02 13.28 -17.14
N LEU C 236 3.31 13.51 -18.42
CA LEU C 236 3.28 12.42 -19.40
C LEU C 236 4.72 11.92 -19.45
N ILE C 237 4.91 10.67 -19.04
CA ILE C 237 6.23 10.06 -19.08
C ILE C 237 6.29 9.09 -20.26
N ALA C 238 7.18 9.37 -21.19
CA ALA C 238 7.37 8.52 -22.35
C ALA C 238 8.57 7.62 -22.06
N ASP C 239 8.30 6.32 -21.92
CA ASP C 239 9.34 5.34 -21.67
C ASP C 239 9.86 4.87 -23.03
N GLU C 240 10.99 5.44 -23.42
CA GLU C 240 11.60 5.14 -24.70
C GLU C 240 12.87 4.33 -24.53
N VAL C 241 12.94 3.61 -23.43
CA VAL C 241 14.09 2.77 -23.17
C VAL C 241 14.32 1.81 -24.34
N GLN C 242 13.24 1.29 -24.94
CA GLN C 242 13.37 0.34 -26.05
C GLN C 242 13.07 1.03 -27.39
N SER C 243 12.06 1.89 -27.44
CA SER C 243 11.73 2.61 -28.67
C SER C 243 12.74 3.73 -29.01
N GLY C 244 13.52 4.17 -28.02
CA GLY C 244 14.47 5.24 -28.24
C GLY C 244 15.77 4.85 -28.90
N ALA C 245 16.72 5.77 -28.88
CA ALA C 245 18.01 5.49 -29.49
C ALA C 245 17.86 5.05 -30.95
N GLY C 246 16.94 5.72 -31.65
CA GLY C 246 16.72 5.48 -33.07
C GLY C 246 15.97 4.28 -33.63
N ARG C 247 15.46 3.38 -32.79
CA ARG C 247 14.77 2.22 -33.34
C ARG C 247 13.59 2.53 -34.31
N THR C 248 12.80 3.56 -34.02
CA THR C 248 11.65 3.85 -34.87
C THR C 248 11.85 4.75 -36.10
N GLY C 249 13.09 5.00 -36.52
CA GLY C 249 13.26 5.86 -37.68
C GLY C 249 13.64 7.27 -37.26
N THR C 250 13.27 7.66 -36.04
CA THR C 250 13.67 8.97 -35.52
C THR C 250 14.44 8.61 -34.23
N LEU C 251 15.21 9.54 -33.67
CA LEU C 251 15.99 9.21 -32.48
C LEU C 251 14.99 8.74 -31.44
N PHE C 252 13.99 9.57 -31.16
CA PHE C 252 12.93 9.21 -30.24
C PHE C 252 11.59 9.12 -30.97
N ALA C 253 10.82 8.07 -30.66
CA ALA C 253 9.53 7.87 -31.28
C ALA C 253 8.57 9.06 -31.05
N MET C 254 8.59 9.68 -29.87
CA MET C 254 7.69 10.81 -29.64
C MET C 254 7.82 11.89 -30.73
N GLU C 255 8.95 11.95 -31.41
CA GLU C 255 9.12 12.94 -32.48
C GLU C 255 8.03 12.71 -33.55
N GLN C 256 7.65 11.46 -33.74
CA GLN C 256 6.65 11.13 -34.74
C GLN C 256 5.22 11.30 -34.20
N MET C 257 5.05 11.48 -32.90
CA MET C 257 3.72 11.62 -32.31
C MET C 257 3.12 13.02 -32.43
N GLY C 258 3.95 14.01 -32.66
CA GLY C 258 3.44 15.36 -32.81
C GLY C 258 3.29 16.11 -31.50
N VAL C 259 3.77 15.52 -30.42
CA VAL C 259 3.71 16.17 -29.12
C VAL C 259 4.89 15.74 -28.29
N ALA C 260 5.23 16.54 -27.28
CA ALA C 260 6.35 16.25 -26.43
C ALA C 260 5.88 15.80 -25.06
N PRO C 261 6.55 14.79 -24.50
CA PRO C 261 6.23 14.25 -23.19
C PRO C 261 6.89 15.19 -22.23
N ASP C 262 6.53 15.14 -20.94
CA ASP C 262 7.15 15.98 -19.93
C ASP C 262 8.47 15.36 -19.49
N LEU C 263 8.56 14.03 -19.59
CA LEU C 263 9.74 13.29 -19.18
C LEU C 263 9.93 12.11 -20.14
N THR C 264 11.18 11.80 -20.46
CA THR C 264 11.51 10.68 -21.34
C THR C 264 12.59 9.82 -20.70
N THR C 265 12.40 8.51 -20.74
CA THR C 265 13.42 7.62 -20.20
C THR C 265 14.13 7.03 -21.41
N PHE C 266 15.41 6.72 -21.23
CA PHE C 266 16.18 6.13 -22.30
C PHE C 266 17.23 5.21 -21.71
N ALA C 267 17.63 4.21 -22.49
CA ALA C 267 18.64 3.23 -22.07
C ALA C 267 18.96 2.30 -23.27
N LYS C 268 19.20 1.02 -22.99
N LYS C 268 19.15 1.01 -23.00
CA LYS C 268 19.53 0.05 -24.03
CA LYS C 268 19.47 0.05 -24.06
C LYS C 268 20.46 0.61 -25.14
C LYS C 268 20.44 0.61 -25.14
N SER C 269 19.93 0.85 -26.34
CA SER C 269 20.80 1.35 -27.42
C SER C 269 21.46 2.72 -27.27
N ILE C 270 21.13 3.49 -26.24
CA ILE C 270 21.75 4.79 -26.08
C ILE C 270 23.28 4.68 -26.02
N ALA C 271 23.80 3.58 -25.44
CA ALA C 271 25.26 3.43 -25.34
C ALA C 271 25.87 2.25 -26.11
N GLY C 272 25.12 1.72 -27.07
CA GLY C 272 25.64 0.63 -27.90
C GLY C 272 26.23 -0.59 -27.23
N GLY C 273 25.71 -0.97 -26.06
CA GLY C 273 26.24 -2.14 -25.42
C GLY C 273 27.03 -1.90 -24.16
N PHE C 274 26.81 -0.76 -23.50
CA PHE C 274 27.48 -0.42 -22.24
C PHE C 274 26.37 0.06 -21.28
N PRO C 275 26.46 -0.29 -19.98
CA PRO C 275 25.45 0.09 -18.99
C PRO C 275 25.22 1.59 -18.74
N LEU C 276 24.15 2.11 -19.33
CA LEU C 276 23.80 3.52 -19.14
C LEU C 276 22.31 3.67 -19.38
N ALA C 277 21.71 4.65 -18.72
CA ALA C 277 20.29 4.96 -18.87
C ALA C 277 20.12 6.39 -18.35
N GLY C 278 18.96 6.99 -18.59
CA GLY C 278 18.76 8.34 -18.11
C GLY C 278 17.35 8.84 -18.28
N VAL C 279 17.10 10.03 -17.75
CA VAL C 279 15.82 10.71 -17.85
C VAL C 279 16.04 12.17 -18.24
N THR C 280 15.36 12.58 -19.30
CA THR C 280 15.42 13.95 -19.79
C THR C 280 14.01 14.52 -19.72
N GLY C 281 13.88 15.74 -19.19
CA GLY C 281 12.56 16.32 -19.10
C GLY C 281 12.50 17.83 -18.96
N ARG C 282 11.29 18.35 -19.03
CA ARG C 282 11.04 19.79 -18.88
C ARG C 282 11.88 20.22 -17.67
N ALA C 283 12.69 21.26 -17.83
CA ALA C 283 13.59 21.68 -16.75
C ALA C 283 12.97 21.90 -15.39
N GLU C 284 11.83 22.60 -15.35
CA GLU C 284 11.14 22.91 -14.10
C GLU C 284 10.64 21.63 -13.43
N VAL C 285 10.19 20.68 -14.22
CA VAL C 285 9.73 19.43 -13.65
C VAL C 285 10.94 18.69 -13.04
N MET C 286 12.02 18.55 -13.81
CA MET C 286 13.24 17.89 -13.35
C MET C 286 13.80 18.51 -12.06
N ASP C 287 13.79 19.84 -11.99
CA ASP C 287 14.32 20.54 -10.83
C ASP C 287 13.42 20.43 -9.56
N ALA C 288 12.26 19.80 -9.65
CA ALA C 288 11.40 19.67 -8.46
C ALA C 288 12.05 18.90 -7.27
N VAL C 289 12.94 17.96 -7.55
CA VAL C 289 13.55 17.19 -6.49
C VAL C 289 14.68 18.00 -5.88
N ALA C 290 14.72 18.06 -4.54
CA ALA C 290 15.77 18.81 -3.85
C ALA C 290 17.09 18.09 -3.96
N PRO C 291 18.21 18.84 -3.89
CA PRO C 291 19.54 18.22 -3.99
C PRO C 291 19.76 17.05 -3.03
N GLY C 292 20.32 15.95 -3.57
CA GLY C 292 20.56 14.77 -2.78
C GLY C 292 19.44 13.75 -3.02
N GLY C 293 18.35 14.21 -3.63
CA GLY C 293 17.24 13.33 -3.92
C GLY C 293 17.44 12.45 -5.15
N LEU C 294 18.50 12.71 -5.91
CA LEU C 294 18.72 11.90 -7.10
C LEU C 294 20.17 11.40 -7.12
N GLY C 295 20.37 10.17 -7.59
CA GLY C 295 21.72 9.61 -7.64
C GLY C 295 21.84 8.17 -8.08
N GLY C 296 22.82 7.49 -7.49
CA GLY C 296 23.08 6.10 -7.84
C GLY C 296 24.58 5.99 -7.97
N THR C 297 25.18 5.00 -7.30
CA THR C 297 26.62 4.86 -7.32
C THR C 297 27.26 4.88 -8.70
N TYR C 298 26.85 3.99 -9.58
CA TYR C 298 27.43 3.88 -10.92
C TYR C 298 26.85 4.84 -11.94
N ALA C 299 25.78 5.56 -11.57
CA ALA C 299 25.10 6.50 -12.44
C ALA C 299 25.99 7.23 -13.47
N GLY C 300 25.58 7.20 -14.73
CA GLY C 300 26.35 7.86 -15.78
C GLY C 300 27.81 7.44 -15.75
N ASN C 301 28.04 6.13 -15.73
CA ASN C 301 29.39 5.62 -15.71
C ASN C 301 30.23 6.26 -16.84
N PRO C 302 31.46 6.70 -16.53
CA PRO C 302 32.35 7.33 -17.52
C PRO C 302 32.48 6.62 -18.86
N ILE C 303 32.74 5.32 -18.83
CA ILE C 303 32.93 4.61 -20.08
C ILE C 303 31.66 4.49 -20.91
N ALA C 304 30.52 4.29 -20.25
CA ALA C 304 29.27 4.16 -20.97
C ALA C 304 28.88 5.55 -21.53
N CYS C 305 29.23 6.61 -20.81
CA CYS C 305 28.94 7.96 -21.29
C CYS C 305 29.70 8.24 -22.59
N VAL C 306 31.01 8.00 -22.63
CA VAL C 306 31.73 8.28 -23.87
C VAL C 306 31.21 7.34 -24.98
N ALA C 307 30.75 6.14 -24.60
CA ALA C 307 30.19 5.23 -25.61
C ALA C 307 28.90 5.83 -26.17
N ALA C 308 28.01 6.34 -25.30
CA ALA C 308 26.75 6.94 -25.77
C ALA C 308 27.05 8.17 -26.65
N LEU C 309 28.03 8.98 -26.26
CA LEU C 309 28.39 10.16 -27.04
C LEU C 309 28.80 9.72 -28.45
N GLU C 310 29.59 8.65 -28.54
CA GLU C 310 30.07 8.12 -29.81
C GLU C 310 28.90 7.52 -30.59
N VAL C 311 27.98 6.87 -29.87
CA VAL C 311 26.82 6.28 -30.51
C VAL C 311 26.02 7.39 -31.23
N LEU C 312 25.82 8.52 -30.57
CA LEU C 312 25.07 9.61 -31.17
C LEU C 312 25.82 10.15 -32.41
N LYS C 313 27.14 10.22 -32.36
CA LYS C 313 27.90 10.69 -33.51
C LYS C 313 27.78 9.71 -34.67
N VAL C 314 27.83 8.42 -34.36
CA VAL C 314 27.73 7.39 -35.39
C VAL C 314 26.39 7.49 -36.11
N PHE C 315 25.32 7.73 -35.36
CA PHE C 315 24.00 7.85 -35.98
C PHE C 315 24.00 8.99 -37.01
N GLU C 316 24.64 10.10 -36.67
CA GLU C 316 24.73 11.25 -37.56
C GLU C 316 25.66 10.91 -38.73
N GLN C 317 26.89 10.53 -38.44
CA GLN C 317 27.85 10.19 -39.49
C GLN C 317 27.47 9.04 -40.42
N GLU C 318 26.80 8.00 -39.94
CA GLU C 318 26.46 6.88 -40.82
C GLU C 318 25.01 6.86 -41.22
N ASN C 319 24.31 7.96 -40.96
CA ASN C 319 22.90 8.12 -41.22
C ASN C 319 22.05 6.90 -40.84
N LEU C 320 22.22 6.42 -39.62
CA LEU C 320 21.47 5.24 -39.17
C LEU C 320 19.97 5.45 -39.03
N LEU C 321 19.50 6.69 -38.93
CA LEU C 321 18.06 6.87 -38.82
C LEU C 321 17.43 6.54 -40.18
N GLN C 322 18.04 7.03 -41.25
CA GLN C 322 17.52 6.73 -42.59
C GLN C 322 17.62 5.22 -42.85
N LYS C 323 18.78 4.62 -42.52
CA LYS C 323 18.98 3.18 -42.68
C LYS C 323 17.92 2.40 -41.89
N ALA C 324 17.57 2.90 -40.71
CA ALA C 324 16.56 2.24 -39.89
C ALA C 324 15.30 2.11 -40.73
N ASN C 325 14.87 3.21 -41.34
CA ASN C 325 13.67 3.22 -42.17
C ASN C 325 13.79 2.30 -43.39
N ASP C 326 14.96 2.28 -44.03
CA ASP C 326 15.14 1.41 -45.19
C ASP C 326 15.10 -0.06 -44.76
N LEU C 327 15.77 -0.36 -43.64
CA LEU C 327 15.79 -1.71 -43.11
C LEU C 327 14.36 -2.12 -42.80
N GLY C 328 13.64 -1.22 -42.16
CA GLY C 328 12.26 -1.50 -41.80
C GLY C 328 11.44 -1.89 -43.01
N GLN C 329 11.59 -1.14 -44.10
CA GLN C 329 10.83 -1.42 -45.31
C GLN C 329 11.22 -2.75 -45.94
N LYS C 330 12.52 -3.01 -45.99
CA LYS C 330 12.97 -4.27 -46.55
C LYS C 330 12.42 -5.42 -45.71
N LEU C 331 12.46 -5.27 -44.38
CA LEU C 331 11.96 -6.32 -43.50
C LEU C 331 10.47 -6.59 -43.74
N LYS C 332 9.65 -5.55 -43.69
CA LYS C 332 8.22 -5.71 -43.91
C LYS C 332 7.94 -6.30 -45.30
N ASP C 333 8.61 -5.81 -46.34
CA ASP C 333 8.37 -6.34 -47.67
C ASP C 333 8.68 -7.83 -47.70
N GLY C 334 9.81 -8.21 -47.13
CA GLY C 334 10.19 -9.61 -47.11
C GLY C 334 9.27 -10.46 -46.26
N LEU C 335 8.79 -9.89 -45.16
CA LEU C 335 7.91 -10.63 -44.26
C LEU C 335 6.54 -10.72 -44.91
N LEU C 336 6.12 -9.67 -45.60
CA LEU C 336 4.83 -9.68 -46.27
C LEU C 336 4.85 -10.76 -47.34
N ALA C 337 5.95 -10.86 -48.06
CA ALA C 337 6.11 -11.88 -49.09
C ALA C 337 5.87 -13.26 -48.46
N ILE C 338 6.51 -13.51 -47.33
CA ILE C 338 6.37 -14.79 -46.64
C ILE C 338 4.94 -15.01 -46.15
N ALA C 339 4.26 -13.91 -45.83
CA ALA C 339 2.89 -13.98 -45.34
C ALA C 339 1.89 -14.55 -46.35
N GLU C 340 2.21 -14.44 -47.64
CA GLU C 340 1.31 -14.94 -48.66
C GLU C 340 1.28 -16.46 -48.70
N LYS C 341 2.39 -17.10 -48.37
CA LYS C 341 2.43 -18.55 -48.37
C LYS C 341 2.00 -19.10 -47.00
N HIS C 342 2.04 -18.26 -45.97
CA HIS C 342 1.68 -18.67 -44.62
C HIS C 342 0.68 -17.74 -43.97
N PRO C 343 -0.61 -18.13 -43.97
CA PRO C 343 -1.70 -17.34 -43.39
C PRO C 343 -1.62 -17.16 -41.88
N GLU C 344 -0.68 -17.85 -41.24
CA GLU C 344 -0.52 -17.75 -39.80
C GLU C 344 0.05 -16.37 -39.46
N ILE C 345 0.75 -15.76 -40.41
CA ILE C 345 1.29 -14.44 -40.18
C ILE C 345 0.10 -13.51 -40.36
N GLY C 346 -0.58 -13.20 -39.25
CA GLY C 346 -1.75 -12.34 -39.28
C GLY C 346 -1.53 -10.85 -39.32
N ASP C 347 -0.30 -10.40 -39.10
CA ASP C 347 0.00 -8.96 -39.13
C ASP C 347 1.50 -8.69 -39.25
N VAL C 348 1.85 -7.71 -40.05
CA VAL C 348 3.23 -7.30 -40.26
C VAL C 348 3.21 -5.81 -39.96
N ARG C 349 3.98 -5.37 -38.96
CA ARG C 349 3.93 -3.95 -38.59
C ARG C 349 5.24 -3.39 -38.09
N GLY C 350 5.25 -2.07 -37.87
CA GLY C 350 6.41 -1.40 -37.33
C GLY C 350 6.78 -0.02 -37.82
N LEU C 351 7.24 0.83 -36.89
CA LEU C 351 7.72 2.15 -37.23
C LEU C 351 9.22 1.96 -37.35
N GLY C 352 9.83 2.49 -38.40
CA GLY C 352 11.26 2.36 -38.59
C GLY C 352 11.70 0.92 -38.61
N ALA C 353 12.74 0.61 -37.82
CA ALA C 353 13.29 -0.74 -37.71
C ALA C 353 12.72 -1.53 -36.52
N MET C 354 11.63 -1.02 -35.94
CA MET C 354 11.02 -1.73 -34.81
C MET C 354 9.92 -2.57 -35.45
N ILE C 355 10.34 -3.67 -36.06
CA ILE C 355 9.44 -4.53 -36.81
C ILE C 355 9.02 -5.84 -36.11
N ALA C 356 7.77 -6.23 -36.35
CA ALA C 356 7.26 -7.46 -35.78
C ALA C 356 6.16 -8.04 -36.66
N ILE C 357 5.92 -9.33 -36.48
CA ILE C 357 4.85 -10.04 -37.15
C ILE C 357 4.19 -10.79 -36.00
N GLU C 358 2.87 -11.00 -36.10
CA GLU C 358 2.13 -11.69 -35.05
C GLU C 358 1.45 -12.95 -35.64
N LEU C 359 1.63 -14.09 -34.99
CA LEU C 359 1.07 -15.34 -35.48
C LEU C 359 -0.27 -15.73 -34.88
N PHE C 360 -1.21 -16.09 -35.76
CA PHE C 360 -2.54 -16.52 -35.34
C PHE C 360 -2.86 -17.93 -35.84
N GLU C 361 -3.56 -18.69 -35.02
CA GLU C 361 -3.92 -20.03 -35.39
C GLU C 361 -4.95 -19.91 -36.52
N ASP C 362 -4.51 -20.24 -37.73
CA ASP C 362 -5.37 -20.17 -38.91
C ASP C 362 -5.94 -18.77 -39.12
N GLY C 363 -5.04 -17.80 -39.24
CA GLY C 363 -5.45 -16.42 -39.44
C GLY C 363 -6.50 -15.90 -38.49
N ASP C 364 -7.01 -16.75 -37.61
CA ASP C 364 -8.04 -16.34 -36.65
C ASP C 364 -7.46 -15.45 -35.56
N HIS C 365 -7.56 -14.13 -35.77
CA HIS C 365 -7.03 -13.16 -34.82
C HIS C 365 -7.41 -13.45 -33.37
N ASN C 366 -8.41 -14.31 -33.17
CA ASN C 366 -8.83 -14.66 -31.82
C ASN C 366 -8.03 -15.83 -31.28
N LYS C 367 -7.21 -16.46 -32.14
CA LYS C 367 -6.42 -17.60 -31.71
C LYS C 367 -4.89 -17.41 -31.75
N PRO C 368 -4.33 -16.64 -30.79
CA PRO C 368 -2.89 -16.39 -30.72
C PRO C 368 -2.08 -17.69 -30.85
N ASP C 369 -1.23 -17.77 -31.87
CA ASP C 369 -0.45 -18.98 -32.06
C ASP C 369 0.91 -18.95 -31.35
N ALA C 370 0.90 -19.14 -30.04
CA ALA C 370 2.14 -19.15 -29.27
C ALA C 370 3.03 -20.34 -29.62
N LYS C 371 2.44 -21.49 -29.93
CA LYS C 371 3.23 -22.68 -30.24
C LYS C 371 4.01 -22.51 -31.55
N LEU C 372 3.38 -21.91 -32.55
CA LEU C 372 4.07 -21.73 -33.81
C LEU C 372 5.19 -20.70 -33.63
N THR C 373 4.93 -19.68 -32.82
CA THR C 373 5.92 -18.63 -32.55
C THR C 373 7.16 -19.27 -31.94
N ALA C 374 6.97 -20.09 -30.92
CA ALA C 374 8.08 -20.75 -30.26
C ALA C 374 8.81 -21.66 -31.25
N GLU C 375 8.06 -22.36 -32.09
CA GLU C 375 8.68 -23.25 -33.06
C GLU C 375 9.59 -22.47 -34.02
N ILE C 376 9.11 -21.32 -34.49
CA ILE C 376 9.90 -20.52 -35.41
C ILE C 376 11.22 -20.08 -34.79
N VAL C 377 11.18 -19.68 -33.53
CA VAL C 377 12.40 -19.25 -32.83
C VAL C 377 13.41 -20.36 -32.77
N ALA C 378 12.94 -21.53 -32.38
CA ALA C 378 13.80 -22.71 -32.27
C ALA C 378 14.37 -23.10 -33.66
N ARG C 379 13.53 -23.04 -34.70
CA ARG C 379 13.99 -23.39 -36.03
C ARG C 379 14.99 -22.36 -36.53
N ALA C 380 14.71 -21.08 -36.27
CA ALA C 380 15.60 -20.02 -36.69
C ALA C 380 16.99 -20.26 -36.08
N ARG C 381 17.01 -20.61 -34.80
CA ARG C 381 18.28 -20.84 -34.07
C ARG C 381 19.06 -21.97 -34.72
N ASP C 382 18.39 -23.08 -35.00
CA ASP C 382 19.05 -24.22 -35.63
C ASP C 382 19.62 -23.74 -36.96
N LYS C 383 18.97 -22.75 -37.58
CA LYS C 383 19.44 -22.22 -38.85
C LYS C 383 20.47 -21.09 -38.73
N GLY C 384 20.94 -20.84 -37.51
CA GLY C 384 21.93 -19.79 -37.30
C GLY C 384 21.41 -18.37 -37.11
N LEU C 385 20.10 -18.20 -36.92
CA LEU C 385 19.53 -16.88 -36.73
C LEU C 385 18.93 -16.74 -35.32
N ILE C 386 19.34 -15.68 -34.63
CA ILE C 386 18.88 -15.40 -33.26
C ILE C 386 17.67 -14.42 -33.26
N LEU C 387 16.51 -14.91 -32.83
CA LEU C 387 15.28 -14.13 -32.79
C LEU C 387 14.67 -14.08 -31.37
N LEU C 388 13.71 -13.18 -31.18
CA LEU C 388 13.03 -13.00 -29.90
C LEU C 388 11.54 -12.82 -30.13
N SER C 389 10.71 -13.40 -29.27
CA SER C 389 9.26 -13.23 -29.38
C SER C 389 8.85 -12.27 -28.23
N CYS C 390 7.54 -12.01 -28.14
CA CYS C 390 7.01 -11.13 -27.11
C CYS C 390 5.50 -11.09 -27.27
N GLY C 391 4.86 -10.14 -26.59
CA GLY C 391 3.41 -10.02 -26.67
C GLY C 391 2.74 -10.71 -25.51
N PRO C 392 1.63 -10.15 -25.01
CA PRO C 392 0.95 -10.80 -23.89
C PRO C 392 0.59 -12.26 -24.15
N TYR C 393 0.39 -12.63 -25.41
CA TYR C 393 0.03 -14.01 -25.74
C TYR C 393 1.15 -14.78 -26.42
N TYR C 394 2.36 -14.28 -26.25
CA TYR C 394 3.56 -14.90 -26.78
C TYR C 394 3.51 -15.26 -28.27
N ASN C 395 2.71 -14.56 -29.05
CA ASN C 395 2.60 -14.87 -30.48
C ASN C 395 3.16 -13.77 -31.37
N VAL C 396 4.09 -12.98 -30.84
CA VAL C 396 4.68 -11.91 -31.63
C VAL C 396 6.17 -12.08 -31.87
N LEU C 397 6.59 -12.15 -33.14
CA LEU C 397 8.00 -12.25 -33.46
C LEU C 397 8.50 -10.82 -33.71
N ARG C 398 9.59 -10.43 -33.07
CA ARG C 398 10.10 -9.08 -33.28
C ARG C 398 11.49 -9.14 -33.84
N ILE C 399 11.87 -8.09 -34.53
CA ILE C 399 13.20 -8.03 -35.11
C ILE C 399 13.91 -6.78 -34.60
N LEU C 400 14.98 -7.00 -33.83
CA LEU C 400 15.74 -5.91 -33.26
C LEU C 400 17.18 -5.97 -33.74
N VAL C 401 17.37 -6.50 -34.95
CA VAL C 401 18.70 -6.62 -35.57
C VAL C 401 19.38 -5.22 -35.63
N PRO C 402 20.72 -5.18 -35.47
CA PRO C 402 21.43 -3.89 -35.52
C PRO C 402 21.12 -3.08 -36.79
N LEU C 403 21.03 -1.77 -36.63
CA LEU C 403 20.75 -0.88 -37.77
C LEU C 403 21.96 -0.86 -38.75
N THR C 404 23.11 -1.33 -38.27
CA THR C 404 24.33 -1.36 -39.09
C THR C 404 24.44 -2.63 -39.92
N ILE C 405 23.35 -3.41 -39.98
CA ILE C 405 23.38 -4.67 -40.71
C ILE C 405 23.67 -4.49 -42.19
N GLU C 406 24.36 -5.47 -42.76
CA GLU C 406 24.70 -5.44 -44.18
C GLU C 406 23.55 -5.98 -45.03
N ASP C 407 23.40 -5.44 -46.23
CA ASP C 407 22.33 -5.84 -47.14
C ASP C 407 22.17 -7.34 -47.37
N ALA C 408 23.27 -8.02 -47.66
CA ALA C 408 23.22 -9.44 -47.89
C ALA C 408 22.69 -10.15 -46.63
N GLN C 409 23.01 -9.61 -45.45
CA GLN C 409 22.55 -10.20 -44.19
C GLN C 409 21.05 -10.05 -44.02
N ILE C 410 20.50 -8.93 -44.48
CA ILE C 410 19.06 -8.73 -44.38
C ILE C 410 18.42 -9.87 -45.18
N ARG C 411 18.91 -10.12 -46.39
CA ARG C 411 18.36 -11.20 -47.22
C ARG C 411 18.59 -12.52 -46.50
N GLN C 412 19.82 -12.74 -46.06
CA GLN C 412 20.15 -13.96 -45.34
C GLN C 412 19.12 -14.21 -44.23
N GLY C 413 18.89 -13.20 -43.41
CA GLY C 413 17.94 -13.34 -42.31
C GLY C 413 16.55 -13.66 -42.80
N LEU C 414 16.07 -12.89 -43.77
CA LEU C 414 14.72 -13.11 -44.32
C LEU C 414 14.58 -14.52 -44.93
N GLU C 415 15.61 -15.00 -45.60
CA GLU C 415 15.57 -16.32 -46.20
C GLU C 415 15.41 -17.39 -45.11
N ILE C 416 16.15 -17.24 -44.02
CA ILE C 416 16.07 -18.19 -42.91
C ILE C 416 14.67 -18.21 -42.31
N ILE C 417 14.10 -17.03 -42.08
CA ILE C 417 12.77 -16.96 -41.51
C ILE C 417 11.79 -17.67 -42.46
N SER C 418 11.97 -17.48 -43.77
CA SER C 418 11.11 -18.10 -44.77
C SER C 418 11.15 -19.63 -44.65
N GLN C 419 12.37 -20.18 -44.61
CA GLN C 419 12.53 -21.61 -44.51
C GLN C 419 11.94 -22.13 -43.22
N CYS C 420 12.01 -21.33 -42.15
CA CYS C 420 11.46 -21.76 -40.88
C CYS C 420 9.97 -22.00 -41.02
N PHE C 421 9.28 -21.05 -41.64
CA PHE C 421 7.85 -21.18 -41.84
C PHE C 421 7.47 -22.34 -42.77
N ASP C 422 8.19 -22.49 -43.89
CA ASP C 422 7.90 -23.59 -44.81
C ASP C 422 8.10 -24.91 -44.07
N GLU C 423 9.30 -25.14 -43.55
CA GLU C 423 9.60 -26.37 -42.85
C GLU C 423 8.67 -26.63 -41.69
N ALA C 424 8.28 -25.59 -40.96
CA ALA C 424 7.37 -25.77 -39.83
C ALA C 424 6.03 -26.26 -40.34
N LYS C 425 5.72 -25.93 -41.58
CA LYS C 425 4.46 -26.32 -42.19
C LYS C 425 4.49 -27.74 -42.77
N GLN C 426 5.61 -28.12 -43.40
CA GLN C 426 5.78 -29.44 -44.02
C GLN C 426 5.25 -30.60 -43.18
N ASN D 2 40.77 23.38 -18.90
CA ASN D 2 39.36 23.70 -18.58
C ASN D 2 39.30 24.30 -17.17
N SER D 3 38.10 24.38 -16.60
CA SER D 3 37.97 24.94 -15.26
C SER D 3 36.84 24.21 -14.51
N ASN D 4 37.09 23.81 -13.26
CA ASN D 4 36.06 23.17 -12.49
C ASN D 4 34.82 24.06 -12.39
N LYS D 5 35.01 25.37 -12.16
CA LYS D 5 33.84 26.24 -12.03
C LYS D 5 33.06 26.39 -13.32
N GLU D 6 33.74 26.46 -14.45
CA GLU D 6 33.01 26.55 -15.72
C GLU D 6 32.14 25.29 -15.94
N LEU D 7 32.69 24.13 -15.59
CA LEU D 7 31.95 22.87 -15.75
C LEU D 7 30.79 22.86 -14.73
N MET D 8 30.99 23.41 -13.53
CA MET D 8 29.91 23.47 -12.55
C MET D 8 28.79 24.35 -13.10
N GLN D 9 29.13 25.47 -13.74
CA GLN D 9 28.11 26.34 -14.33
C GLN D 9 27.30 25.60 -15.41
N ARG D 10 27.96 24.82 -16.27
CA ARG D 10 27.26 24.07 -17.31
C ARG D 10 26.41 22.97 -16.62
N ARG D 11 26.93 22.42 -15.54
CA ARG D 11 26.22 21.39 -14.80
C ARG D 11 24.87 21.98 -14.34
N SER D 12 24.88 23.19 -13.76
CA SER D 12 23.63 23.77 -13.23
C SER D 12 22.59 24.02 -14.29
N GLN D 13 23.02 24.15 -15.54
CA GLN D 13 22.09 24.40 -16.63
C GLN D 13 21.58 23.13 -17.34
N ALA D 14 22.33 22.04 -17.26
CA ALA D 14 21.93 20.84 -17.98
C ALA D 14 21.49 19.66 -17.11
N ILE D 15 21.78 19.74 -15.83
CA ILE D 15 21.50 18.66 -14.90
C ILE D 15 20.64 19.15 -13.73
N PRO D 16 19.63 18.35 -13.32
CA PRO D 16 18.76 18.76 -12.22
C PRO D 16 19.50 18.89 -10.93
N ARG D 17 19.09 19.86 -10.14
CA ARG D 17 19.73 20.14 -8.86
C ARG D 17 19.53 18.97 -7.87
N GLY D 18 18.65 18.04 -8.21
CA GLY D 18 18.41 16.90 -7.35
C GLY D 18 19.66 16.03 -7.26
N VAL D 19 20.53 16.14 -8.26
CA VAL D 19 21.77 15.38 -8.26
C VAL D 19 22.81 16.17 -7.45
N GLY D 20 23.08 15.75 -6.22
CA GLY D 20 24.04 16.44 -5.38
C GLY D 20 25.44 16.36 -5.95
N GLN D 21 26.34 17.16 -5.36
CA GLN D 21 27.73 17.21 -5.75
C GLN D 21 28.51 17.50 -4.46
N ILE D 22 29.14 16.49 -3.89
CA ILE D 22 29.89 16.71 -2.67
C ILE D 22 31.09 17.60 -2.95
N HIS D 23 31.82 17.27 -3.99
CA HIS D 23 33.01 18.02 -4.37
C HIS D 23 32.76 18.65 -5.71
N PRO D 24 32.78 19.98 -5.77
CA PRO D 24 32.55 20.74 -7.00
C PRO D 24 33.73 20.65 -7.97
N ILE D 25 34.23 19.44 -8.16
CA ILE D 25 35.41 19.17 -8.95
C ILE D 25 35.21 18.14 -10.09
N PHE D 26 35.73 18.44 -11.27
CA PHE D 26 35.61 17.51 -12.38
C PHE D 26 36.91 16.78 -12.60
N ALA D 27 36.86 15.46 -12.42
CA ALA D 27 38.02 14.60 -12.61
C ALA D 27 38.31 14.38 -14.08
N ASP D 28 39.58 14.30 -14.43
CA ASP D 28 39.95 14.04 -15.81
C ASP D 28 40.63 12.65 -15.89
N ARG D 29 41.55 12.36 -14.96
CA ARG D 29 42.25 11.06 -14.91
C ARG D 29 42.41 10.64 -13.46
N ALA D 30 42.69 9.36 -13.25
CA ALA D 30 42.91 8.81 -11.93
C ALA D 30 43.68 7.52 -12.09
N GLU D 31 44.36 7.12 -11.02
CA GLU D 31 45.14 5.92 -11.00
C GLU D 31 45.40 5.52 -9.57
N ASN D 32 45.01 4.30 -9.23
CA ASN D 32 45.17 3.82 -7.87
C ASN D 32 44.50 4.80 -6.89
N CYS D 33 45.28 5.50 -6.07
CA CYS D 33 44.71 6.45 -5.10
C CYS D 33 44.79 7.92 -5.50
N ARG D 34 45.23 8.19 -6.72
CA ARG D 34 45.34 9.58 -7.18
C ARG D 34 44.30 9.96 -8.22
N VAL D 35 43.83 11.19 -8.13
CA VAL D 35 42.86 11.72 -9.07
C VAL D 35 43.37 13.12 -9.49
N TRP D 36 43.25 13.46 -10.77
CA TRP D 36 43.67 14.76 -11.28
C TRP D 36 42.45 15.41 -11.91
N ASP D 37 42.16 16.66 -11.55
CA ASP D 37 40.99 17.32 -12.14
C ASP D 37 41.32 17.96 -13.44
N VAL D 38 40.34 18.60 -14.07
CA VAL D 38 40.57 19.22 -15.36
C VAL D 38 41.55 20.39 -15.29
N GLU D 39 41.87 20.89 -14.11
CA GLU D 39 42.81 22.00 -13.98
C GLU D 39 44.20 21.44 -13.72
N GLY D 40 44.34 20.11 -13.80
CA GLY D 40 45.63 19.49 -13.58
C GLY D 40 46.01 19.27 -12.13
N ARG D 41 45.11 19.59 -11.22
CA ARG D 41 45.42 19.45 -9.82
C ARG D 41 45.29 18.00 -9.35
N GLU D 42 46.23 17.58 -8.50
CA GLU D 42 46.26 16.22 -7.99
C GLU D 42 45.60 16.06 -6.61
N TYR D 43 44.79 15.02 -6.47
CA TYR D 43 44.13 14.74 -5.17
C TYR D 43 44.41 13.30 -4.70
N LEU D 44 44.45 13.11 -3.38
CA LEU D 44 44.62 11.79 -2.78
C LEU D 44 43.16 11.38 -2.54
N ASP D 45 42.72 10.30 -3.18
CA ASP D 45 41.34 9.87 -3.08
C ASP D 45 41.01 8.99 -1.89
N PHE D 46 40.45 9.59 -0.85
CA PHE D 46 40.07 8.87 0.35
C PHE D 46 38.57 8.52 0.38
N ALA D 47 37.88 8.75 -0.74
CA ALA D 47 36.45 8.44 -0.83
C ALA D 47 36.27 7.15 -1.65
N GLY D 48 37.23 6.86 -2.53
CA GLY D 48 37.17 5.65 -3.34
C GLY D 48 35.97 5.49 -4.27
N GLY D 49 35.45 6.60 -4.79
CA GLY D 49 34.31 6.55 -5.70
C GLY D 49 33.09 6.08 -4.94
N GLN D 50 33.16 6.27 -3.63
CA GLN D 50 32.16 5.88 -2.66
C GLN D 50 32.22 4.36 -2.41
N ALA D 51 33.39 3.90 -1.95
CA ALA D 51 33.61 2.50 -1.60
C ALA D 51 33.58 1.53 -2.80
N VAL D 52 33.78 2.06 -4.00
CA VAL D 52 33.74 1.27 -5.22
C VAL D 52 35.14 0.90 -5.70
N LEU D 53 36.16 1.52 -5.11
CA LEU D 53 37.53 1.32 -5.54
C LEU D 53 38.51 0.64 -4.57
N ASN D 54 38.08 -0.46 -3.95
CA ASN D 54 38.97 -1.11 -3.02
C ASN D 54 40.27 -1.53 -3.68
N THR D 55 40.24 -1.75 -4.99
CA THR D 55 41.47 -2.13 -5.71
C THR D 55 42.07 -0.92 -6.43
N GLY D 56 41.61 0.28 -6.06
CA GLY D 56 42.12 1.51 -6.64
C GLY D 56 41.62 1.84 -8.04
N HIS D 57 41.81 3.09 -8.44
CA HIS D 57 41.40 3.49 -9.77
C HIS D 57 42.20 2.71 -10.80
N LEU D 58 41.50 2.12 -11.77
CA LEU D 58 42.10 1.39 -12.86
C LEU D 58 43.26 0.45 -12.53
N HIS D 59 43.01 -0.55 -11.70
CA HIS D 59 44.07 -1.49 -11.38
C HIS D 59 44.53 -2.12 -12.69
N PRO D 60 45.85 -2.10 -12.98
CA PRO D 60 46.36 -2.67 -14.24
C PRO D 60 45.87 -4.09 -14.57
N LYS D 61 45.75 -4.95 -13.57
CA LYS D 61 45.27 -6.30 -13.86
C LYS D 61 43.80 -6.22 -14.30
N VAL D 62 43.01 -5.41 -13.60
CA VAL D 62 41.60 -5.26 -13.94
C VAL D 62 41.47 -4.65 -15.33
N VAL D 63 42.28 -3.63 -15.61
CA VAL D 63 42.24 -2.97 -16.92
C VAL D 63 42.62 -3.94 -18.05
N ALA D 64 43.67 -4.74 -17.86
CA ALA D 64 44.06 -5.72 -18.88
C ALA D 64 42.90 -6.73 -19.13
N ALA D 65 42.25 -7.22 -18.07
CA ALA D 65 41.15 -8.16 -18.26
C ALA D 65 40.03 -7.50 -19.09
N VAL D 66 39.69 -6.26 -18.75
CA VAL D 66 38.67 -5.49 -19.43
C VAL D 66 39.03 -5.32 -20.91
N GLU D 67 40.28 -4.96 -21.19
CA GLU D 67 40.67 -4.78 -22.58
C GLU D 67 40.52 -6.07 -23.39
N ALA D 68 40.90 -7.18 -22.78
CA ALA D 68 40.80 -8.46 -23.45
C ALA D 68 39.34 -8.76 -23.80
N GLN D 69 38.44 -8.46 -22.87
CA GLN D 69 37.02 -8.73 -23.09
C GLN D 69 36.43 -7.80 -24.10
N LEU D 70 36.92 -6.57 -24.11
CA LEU D 70 36.42 -5.55 -25.00
C LEU D 70 36.66 -5.93 -26.46
N LYS D 71 37.62 -6.83 -26.69
CA LYS D 71 37.91 -7.31 -28.03
C LYS D 71 36.96 -8.43 -28.44
N LYS D 72 36.27 -9.03 -27.46
CA LYS D 72 35.36 -10.14 -27.72
C LYS D 72 33.90 -9.68 -27.90
N LEU D 73 33.32 -9.10 -26.86
CA LEU D 73 31.95 -8.58 -26.94
C LEU D 73 31.65 -7.80 -25.65
N SER D 74 30.75 -6.81 -25.72
CA SER D 74 30.44 -6.04 -24.53
C SER D 74 29.05 -6.31 -23.99
N HIS D 75 28.16 -6.87 -24.80
CA HIS D 75 26.80 -7.12 -24.34
C HIS D 75 26.01 -8.06 -25.26
N THR D 76 25.22 -8.96 -24.67
CA THR D 76 24.34 -9.84 -25.45
C THR D 76 23.00 -9.90 -24.72
N CYS D 77 23.02 -9.56 -23.43
CA CYS D 77 21.88 -9.68 -22.50
C CYS D 77 21.90 -11.20 -22.19
N PHE D 78 22.53 -11.56 -21.07
CA PHE D 78 22.69 -12.93 -20.65
C PHE D 78 21.43 -13.78 -20.84
N GLN D 79 20.28 -13.28 -20.41
CA GLN D 79 18.99 -13.95 -20.54
C GLN D 79 18.65 -14.34 -21.97
N VAL D 80 19.30 -13.70 -22.94
CA VAL D 80 19.06 -14.01 -24.35
C VAL D 80 20.11 -15.03 -24.82
N LEU D 81 21.39 -14.63 -24.75
CA LEU D 81 22.53 -15.48 -25.10
C LEU D 81 23.47 -15.41 -23.91
N ALA D 82 23.83 -16.55 -23.34
CA ALA D 82 24.72 -16.52 -22.18
C ALA D 82 26.16 -16.25 -22.61
N TYR D 83 27.05 -16.14 -21.61
CA TYR D 83 28.47 -15.94 -21.84
C TYR D 83 29.18 -16.37 -20.59
N GLU D 84 30.39 -16.90 -20.75
CA GLU D 84 31.17 -17.45 -19.64
C GLU D 84 31.54 -16.57 -18.43
N PRO D 85 31.93 -15.30 -18.68
CA PRO D 85 32.29 -14.46 -17.53
C PRO D 85 31.19 -14.36 -16.48
N TYR D 86 29.94 -14.30 -16.89
CA TYR D 86 28.80 -14.22 -15.96
C TYR D 86 28.77 -15.56 -15.15
N LEU D 87 28.76 -16.67 -15.86
CA LEU D 87 28.74 -17.99 -15.24
C LEU D 87 29.88 -18.17 -14.26
N GLU D 88 31.07 -17.80 -14.70
CA GLU D 88 32.24 -17.95 -13.89
C GLU D 88 32.23 -17.16 -12.59
N LEU D 89 31.71 -15.94 -12.65
CA LEU D 89 31.66 -15.10 -11.46
C LEU D 89 30.69 -15.72 -10.44
N CYS D 90 29.54 -16.16 -10.93
CA CYS D 90 28.53 -16.78 -10.06
C CYS D 90 29.09 -17.96 -9.31
N GLU D 91 29.82 -18.84 -10.01
CA GLU D 91 30.41 -20.01 -9.36
C GLU D 91 31.38 -19.59 -8.24
N ILE D 92 32.21 -18.59 -8.50
CA ILE D 92 33.14 -18.15 -7.48
C ILE D 92 32.43 -17.49 -6.29
N MET D 93 31.44 -16.64 -6.55
CA MET D 93 30.70 -16.00 -5.47
C MET D 93 29.97 -17.05 -4.61
N ASN D 94 29.45 -18.10 -5.24
CA ASN D 94 28.75 -19.17 -4.52
C ASN D 94 29.68 -19.79 -3.48
N GLN D 95 30.96 -19.93 -3.82
CA GLN D 95 31.86 -20.50 -2.85
C GLN D 95 32.44 -19.46 -1.92
N LYS D 96 32.62 -18.22 -2.37
CA LYS D 96 33.24 -17.25 -1.48
C LYS D 96 32.30 -16.58 -0.49
N VAL D 97 31.04 -16.42 -0.85
CA VAL D 97 30.10 -15.80 0.10
C VAL D 97 29.87 -16.76 1.26
N PRO D 98 29.91 -16.25 2.51
CA PRO D 98 29.70 -17.16 3.65
C PRO D 98 28.38 -17.93 3.59
N GLY D 99 28.41 -19.15 4.10
CA GLY D 99 27.24 -20.00 4.12
C GLY D 99 27.69 -21.42 3.80
N ASP D 100 27.71 -22.28 4.81
CA ASP D 100 28.12 -23.66 4.59
C ASP D 100 26.95 -24.49 4.02
N PHE D 101 26.56 -24.17 2.80
CA PHE D 101 25.47 -24.82 2.09
C PHE D 101 25.52 -24.36 0.65
N ALA D 102 24.81 -25.05 -0.23
CA ALA D 102 24.78 -24.72 -1.64
C ALA D 102 24.15 -23.33 -1.88
N LYS D 103 24.76 -22.54 -2.75
CA LYS D 103 24.22 -21.23 -3.06
C LYS D 103 24.15 -21.03 -4.57
N LYS D 104 23.35 -20.05 -4.97
CA LYS D 104 23.27 -19.66 -6.37
C LYS D 104 23.45 -18.14 -6.39
N THR D 105 23.92 -17.61 -7.52
CA THR D 105 24.15 -16.19 -7.64
C THR D 105 23.42 -15.60 -8.83
N LEU D 106 22.78 -14.47 -8.58
CA LEU D 106 22.09 -13.70 -9.60
C LEU D 106 22.95 -12.43 -9.82
N LEU D 107 23.27 -12.10 -11.06
CA LEU D 107 24.02 -10.87 -11.29
C LEU D 107 23.05 -9.87 -11.87
N VAL D 108 23.09 -8.63 -11.38
CA VAL D 108 22.28 -7.57 -11.95
C VAL D 108 23.27 -6.40 -12.28
N THR D 109 22.90 -5.15 -12.03
CA THR D 109 23.82 -4.07 -12.38
C THR D 109 24.10 -3.11 -11.24
N THR D 110 23.06 -2.70 -10.50
CA THR D 110 23.27 -1.75 -9.44
C THR D 110 22.97 -2.33 -8.07
N GLY D 111 23.50 -1.68 -7.04
CA GLY D 111 23.27 -2.11 -5.68
C GLY D 111 21.80 -2.09 -5.30
N SER D 112 21.07 -1.10 -5.80
N SER D 112 21.06 -1.10 -5.79
CA SER D 112 19.64 -1.00 -5.51
CA SER D 112 19.64 -1.03 -5.47
C SER D 112 18.91 -2.18 -6.14
C SER D 112 18.91 -2.19 -6.14
N GLU D 113 19.33 -2.56 -7.34
CA GLU D 113 18.70 -3.69 -8.02
C GLU D 113 19.01 -4.97 -7.20
N ALA D 114 20.24 -5.09 -6.71
CA ALA D 114 20.60 -6.26 -5.92
C ALA D 114 19.65 -6.38 -4.73
N VAL D 115 19.45 -5.29 -4.01
CA VAL D 115 18.56 -5.34 -2.85
C VAL D 115 17.11 -5.64 -3.31
N GLU D 116 16.67 -5.00 -4.37
CA GLU D 116 15.34 -5.24 -4.90
C GLU D 116 15.09 -6.73 -5.13
N ASN D 117 16.03 -7.35 -5.82
CA ASN D 117 15.93 -8.76 -6.15
C ASN D 117 16.06 -9.67 -4.97
N ALA D 118 16.88 -9.32 -4.01
CA ALA D 118 17.01 -10.17 -2.83
C ALA D 118 15.63 -10.21 -2.11
N VAL D 119 14.95 -9.07 -2.01
CA VAL D 119 13.63 -9.06 -1.35
C VAL D 119 12.61 -9.83 -2.20
N LYS D 120 12.63 -9.62 -3.51
CA LYS D 120 11.74 -10.33 -4.44
C LYS D 120 11.92 -11.86 -4.28
N ILE D 121 13.18 -12.29 -4.23
CA ILE D 121 13.50 -13.69 -4.05
C ILE D 121 13.02 -14.19 -2.67
N ALA D 122 13.20 -13.39 -1.60
CA ALA D 122 12.76 -13.86 -0.28
C ALA D 122 11.24 -13.99 -0.24
N ARG D 123 10.56 -13.08 -0.93
CA ARG D 123 9.12 -13.11 -0.95
C ARG D 123 8.64 -14.36 -1.68
N ALA D 124 9.26 -14.68 -2.81
CA ALA D 124 8.85 -15.87 -3.56
C ALA D 124 9.16 -17.16 -2.76
N ALA D 125 10.25 -17.16 -2.01
CA ALA D 125 10.66 -18.33 -1.25
C ALA D 125 9.75 -18.57 -0.03
N THR D 126 9.39 -17.51 0.68
CA THR D 126 8.56 -17.65 1.86
C THR D 126 7.09 -17.47 1.59
N LYS D 127 6.77 -16.91 0.43
CA LYS D 127 5.38 -16.63 0.05
C LYS D 127 4.80 -15.60 1.02
N ARG D 128 5.62 -14.62 1.40
CA ARG D 128 5.20 -13.57 2.32
C ARG D 128 5.58 -12.25 1.64
N SER D 129 4.90 -11.17 2.03
CA SER D 129 5.12 -9.87 1.42
C SER D 129 5.83 -8.77 2.22
N GLY D 130 5.87 -8.87 3.54
CA GLY D 130 6.49 -7.83 4.34
C GLY D 130 7.99 -8.00 4.55
N THR D 131 8.64 -6.90 4.87
CA THR D 131 10.07 -6.93 5.18
C THR D 131 10.31 -5.99 6.35
N ILE D 132 11.42 -6.20 7.04
CA ILE D 132 11.81 -5.36 8.14
C ILE D 132 13.20 -4.78 7.81
N ALA D 133 13.43 -3.48 8.05
CA ALA D 133 14.73 -2.87 7.82
C ALA D 133 15.06 -2.10 9.11
N PHE D 134 16.30 -1.62 9.25
CA PHE D 134 16.72 -0.97 10.47
C PHE D 134 16.89 0.54 10.37
N SER D 135 16.79 1.18 11.52
CA SER D 135 16.93 2.62 11.63
C SER D 135 18.29 3.03 11.06
N GLY D 136 18.31 4.11 10.27
CA GLY D 136 19.55 4.60 9.68
C GLY D 136 20.11 3.76 8.53
N ALA D 137 19.36 2.73 8.13
CA ALA D 137 19.84 1.89 7.06
C ALA D 137 19.83 2.65 5.72
N TYR D 138 20.62 2.17 4.76
CA TYR D 138 20.60 2.74 3.43
C TYR D 138 20.60 1.54 2.45
N HIS D 139 19.62 1.46 1.56
CA HIS D 139 19.56 0.34 0.65
C HIS D 139 19.38 0.70 -0.81
N GLY D 140 19.30 1.98 -1.14
CA GLY D 140 19.13 2.32 -2.54
C GLY D 140 18.08 3.38 -2.83
N ARG D 141 18.03 3.81 -4.08
CA ARG D 141 17.16 4.89 -4.51
C ARG D 141 15.94 4.55 -5.34
N THR D 142 15.56 3.28 -5.41
CA THR D 142 14.35 2.93 -6.15
C THR D 142 13.21 3.07 -5.12
N HIS D 143 11.96 3.15 -5.57
CA HIS D 143 10.86 3.31 -4.64
C HIS D 143 10.96 2.35 -3.45
N TYR D 144 11.09 1.06 -3.72
CA TYR D 144 11.13 0.07 -2.63
C TYR D 144 12.36 0.15 -1.74
N THR D 145 13.54 0.35 -2.33
CA THR D 145 14.74 0.48 -1.49
C THR D 145 14.72 1.81 -0.72
N LEU D 146 13.99 2.82 -1.23
CA LEU D 146 13.90 4.08 -0.47
C LEU D 146 13.02 3.82 0.78
N ALA D 147 12.05 2.90 0.67
CA ALA D 147 11.19 2.54 1.81
C ALA D 147 12.09 1.79 2.81
N LEU D 148 12.93 0.88 2.30
CA LEU D 148 13.85 0.12 3.16
C LEU D 148 14.88 1.04 3.79
N THR D 149 15.34 2.03 3.03
CA THR D 149 16.30 2.99 3.54
C THR D 149 15.73 3.74 4.76
N GLY D 150 16.50 3.78 5.84
CA GLY D 150 16.02 4.45 7.04
C GLY D 150 16.42 5.92 7.13
N LYS D 151 15.96 6.69 6.17
CA LYS D 151 16.25 8.12 6.07
C LYS D 151 15.42 8.65 4.90
N VAL D 152 14.49 9.52 5.21
CA VAL D 152 13.59 10.11 4.23
C VAL D 152 14.24 11.29 3.48
N ASN D 153 14.87 12.19 4.22
CA ASN D 153 15.51 13.35 3.63
C ASN D 153 17.02 13.13 3.49
N PRO D 154 17.57 13.34 2.29
CA PRO D 154 16.89 13.79 1.06
C PRO D 154 16.46 12.67 0.10
N TYR D 155 16.95 11.45 0.32
CA TYR D 155 16.68 10.31 -0.56
C TYR D 155 15.27 10.22 -1.14
N SER D 156 14.25 10.50 -0.34
CA SER D 156 12.88 10.43 -0.86
C SER D 156 12.04 11.64 -0.43
N ALA D 157 12.71 12.76 -0.19
CA ALA D 157 12.06 14.01 0.22
C ALA D 157 11.15 14.60 -0.87
N GLY D 158 10.00 15.09 -0.45
CA GLY D 158 9.04 15.72 -1.36
C GLY D 158 8.31 14.81 -2.33
N MET D 159 8.53 13.51 -2.28
CA MET D 159 7.85 12.64 -3.24
C MET D 159 6.58 11.95 -2.72
N GLY D 160 6.21 12.20 -1.46
CA GLY D 160 5.04 11.53 -0.90
C GLY D 160 5.54 10.24 -0.22
N LEU D 161 4.63 9.44 0.32
CA LEU D 161 4.99 8.20 1.02
C LEU D 161 5.51 7.09 0.08
N MET D 162 6.62 6.45 0.48
CA MET D 162 7.22 5.36 -0.31
C MET D 162 6.42 4.08 -0.02
N PRO D 163 6.58 3.02 -0.83
CA PRO D 163 5.86 1.77 -0.63
C PRO D 163 5.70 1.32 0.82
N GLY D 164 4.52 0.78 1.13
CA GLY D 164 4.26 0.33 2.46
C GLY D 164 4.72 -1.09 2.71
N HIS D 165 4.39 -1.57 3.91
CA HIS D 165 4.70 -2.91 4.35
C HIS D 165 6.20 -3.19 4.55
N VAL D 166 6.90 -2.14 4.96
CA VAL D 166 8.30 -2.22 5.32
C VAL D 166 8.21 -1.74 6.77
N TYR D 167 8.68 -2.53 7.72
CA TYR D 167 8.59 -2.13 9.11
C TYR D 167 9.98 -1.77 9.67
N ARG D 168 10.00 -0.88 10.66
CA ARG D 168 11.25 -0.37 11.19
C ARG D 168 11.69 -0.87 12.56
N ALA D 169 12.89 -1.47 12.56
CA ALA D 169 13.50 -1.99 13.75
C ALA D 169 14.65 -1.04 14.06
N LEU D 170 15.19 -1.10 15.27
CA LEU D 170 16.29 -0.25 15.67
C LEU D 170 17.66 -0.94 15.47
N TYR D 171 18.62 -0.27 14.83
CA TYR D 171 19.95 -0.86 14.65
C TYR D 171 20.70 -0.73 15.98
N PRO D 172 21.33 -1.81 16.46
CA PRO D 172 22.06 -1.71 17.72
C PRO D 172 23.18 -0.66 17.64
N CYS D 173 23.30 0.20 18.65
CA CYS D 173 24.33 1.25 18.65
C CYS D 173 24.55 1.77 20.06
N PRO D 174 25.30 1.03 20.88
CA PRO D 174 25.55 1.47 22.26
C PRO D 174 26.00 2.93 22.34
N LEU D 175 26.89 3.33 21.43
CA LEU D 175 27.38 4.71 21.43
C LEU D 175 26.21 5.71 21.59
N HIS D 176 25.08 5.45 20.96
CA HIS D 176 23.95 6.36 21.08
C HIS D 176 22.73 5.81 21.82
N GLY D 177 22.98 4.95 22.80
CA GLY D 177 21.92 4.40 23.63
C GLY D 177 20.98 3.32 23.11
N ILE D 178 21.30 2.67 22.00
CA ILE D 178 20.42 1.60 21.53
C ILE D 178 21.15 0.31 21.79
N SER D 179 20.73 -0.44 22.81
CA SER D 179 21.40 -1.70 23.15
C SER D 179 20.92 -2.82 22.23
N GLU D 180 21.65 -3.93 22.23
CA GLU D 180 21.28 -5.08 21.41
C GLU D 180 19.92 -5.58 21.86
N ASP D 181 19.63 -5.49 23.14
CA ASP D 181 18.33 -5.94 23.63
C ASP D 181 17.24 -5.02 23.04
N ASP D 182 17.50 -3.70 23.02
CA ASP D 182 16.55 -2.76 22.44
C ASP D 182 16.29 -3.12 20.97
N ALA D 183 17.35 -3.44 20.23
CA ALA D 183 17.21 -3.79 18.82
C ALA D 183 16.36 -5.05 18.62
N ILE D 184 16.64 -6.10 19.36
CA ILE D 184 15.86 -7.32 19.21
C ILE D 184 14.43 -7.08 19.71
N ALA D 185 14.28 -6.36 20.80
CA ALA D 185 12.95 -6.08 21.33
C ALA D 185 12.17 -5.36 20.25
N SER D 186 12.82 -4.47 19.50
CA SER D 186 12.11 -3.73 18.47
C SER D 186 11.61 -4.66 17.35
N ILE D 187 12.28 -5.79 17.13
CA ILE D 187 11.80 -6.71 16.10
C ILE D 187 10.53 -7.43 16.63
N HIS D 188 10.59 -7.92 17.87
CA HIS D 188 9.41 -8.56 18.43
C HIS D 188 8.26 -7.54 18.51
N ARG D 189 8.57 -6.25 18.70
CA ARG D 189 7.52 -5.24 18.77
C ARG D 189 6.73 -5.22 17.44
N ILE D 190 7.46 -5.31 16.33
CA ILE D 190 6.82 -5.34 15.02
C ILE D 190 5.92 -6.57 14.90
N PHE D 191 6.43 -7.74 15.29
CA PHE D 191 5.65 -8.99 15.24
C PHE D 191 4.34 -8.83 16.08
N LYS D 192 4.43 -8.18 17.23
CA LYS D 192 3.28 -8.01 18.10
C LYS D 192 2.30 -6.92 17.65
N ASN D 193 2.84 -5.80 17.18
CA ASN D 193 2.05 -4.64 16.78
C ASN D 193 1.63 -4.45 15.35
N ASP D 194 2.47 -4.82 14.40
CA ASP D 194 2.15 -4.55 13.01
C ASP D 194 2.16 -5.65 11.97
N ALA D 195 3.08 -6.61 12.10
CA ALA D 195 3.12 -7.67 11.14
C ALA D 195 3.58 -8.95 11.82
N ALA D 196 2.75 -9.97 11.76
CA ALA D 196 3.07 -11.25 12.36
C ALA D 196 4.25 -11.82 11.59
N PRO D 197 5.08 -12.65 12.25
CA PRO D 197 6.25 -13.28 11.62
C PRO D 197 5.86 -13.97 10.32
N GLU D 198 4.69 -14.61 10.32
CA GLU D 198 4.20 -15.32 9.14
C GLU D 198 3.96 -14.38 7.95
N ASP D 199 4.08 -13.06 8.16
CA ASP D 199 3.88 -12.13 7.05
C ASP D 199 5.18 -11.39 6.65
N ILE D 200 6.27 -11.74 7.30
CA ILE D 200 7.57 -11.15 7.04
C ILE D 200 8.47 -12.10 6.20
N ALA D 201 8.73 -11.73 4.95
CA ALA D 201 9.59 -12.55 4.08
C ALA D 201 11.05 -12.40 4.45
N ALA D 202 11.44 -11.21 4.93
CA ALA D 202 12.83 -10.97 5.23
C ALA D 202 13.15 -9.84 6.19
N ILE D 203 14.31 -9.95 6.82
CA ILE D 203 14.82 -8.89 7.66
C ILE D 203 16.12 -8.49 6.90
N VAL D 204 16.21 -7.23 6.50
CA VAL D 204 17.35 -6.73 5.73
C VAL D 204 18.25 -5.95 6.62
N ILE D 205 19.54 -6.26 6.62
CA ILE D 205 20.45 -5.54 7.48
C ILE D 205 21.84 -5.35 6.89
N GLU D 206 22.50 -4.24 7.21
CA GLU D 206 23.86 -4.01 6.75
C GLU D 206 24.73 -4.45 7.93
N PRO D 207 25.54 -5.53 7.77
CA PRO D 207 26.40 -5.99 8.87
C PRO D 207 27.16 -4.80 9.50
N VAL D 208 27.48 -3.82 8.65
CA VAL D 208 28.13 -2.58 9.07
C VAL D 208 27.42 -1.50 8.26
N GLN D 209 26.67 -0.63 8.92
CA GLN D 209 25.96 0.42 8.20
C GLN D 209 26.91 1.42 7.56
N GLY D 210 26.63 1.79 6.31
CA GLY D 210 27.48 2.74 5.59
C GLY D 210 27.00 4.17 5.75
N GLU D 211 25.98 4.59 4.98
CA GLU D 211 25.46 5.94 5.12
C GLU D 211 25.01 6.17 6.56
N GLY D 212 24.56 5.11 7.22
CA GLY D 212 24.13 5.21 8.59
C GLY D 212 25.22 5.62 9.59
N GLY D 213 26.49 5.64 9.17
CA GLY D 213 27.55 6.06 10.08
C GLY D 213 28.67 5.09 10.41
N PHE D 214 28.91 4.10 9.55
CA PHE D 214 29.95 3.13 9.83
C PHE D 214 29.78 2.52 11.25
N TYR D 215 28.57 2.06 11.52
CA TYR D 215 28.23 1.40 12.78
C TYR D 215 28.12 -0.10 12.45
N ALA D 216 28.86 -0.92 13.19
CA ALA D 216 28.90 -2.36 12.99
C ALA D 216 28.12 -3.20 13.97
N SER D 217 27.54 -4.29 13.47
N SER D 217 27.53 -4.28 13.47
CA SER D 217 26.80 -5.22 14.29
CA SER D 217 26.80 -5.20 14.34
C SER D 217 27.82 -6.08 15.00
C SER D 217 27.83 -6.05 15.02
N SER D 218 27.51 -6.53 16.21
CA SER D 218 28.43 -7.40 16.93
C SER D 218 28.04 -8.82 16.51
N PRO D 219 28.98 -9.79 16.60
CA PRO D 219 28.67 -11.17 16.24
C PRO D 219 27.50 -11.68 17.11
N ALA D 220 27.55 -11.34 18.40
CA ALA D 220 26.49 -11.73 19.33
C ALA D 220 25.12 -11.23 18.88
N PHE D 221 25.05 -10.00 18.38
CA PHE D 221 23.76 -9.50 17.91
C PHE D 221 23.34 -10.22 16.64
N MET D 222 24.27 -10.36 15.71
CA MET D 222 23.96 -11.01 14.45
C MET D 222 23.47 -12.44 14.71
N GLN D 223 24.08 -13.09 15.70
CA GLN D 223 23.68 -14.45 16.08
C GLN D 223 22.26 -14.50 16.67
N ARG D 224 21.87 -13.51 17.47
CA ARG D 224 20.50 -13.51 18.03
C ARG D 224 19.54 -13.30 16.88
N LEU D 225 19.96 -12.47 15.92
CA LEU D 225 19.14 -12.15 14.78
C LEU D 225 18.96 -13.37 13.85
N ARG D 226 20.02 -14.16 13.70
CA ARG D 226 20.00 -15.36 12.87
C ARG D 226 19.04 -16.39 13.50
N ALA D 227 19.07 -16.50 14.82
CA ALA D 227 18.21 -17.45 15.54
C ALA D 227 16.74 -17.00 15.46
N LEU D 228 16.49 -15.69 15.58
CA LEU D 228 15.12 -15.19 15.48
C LEU D 228 14.59 -15.50 14.07
N CYS D 229 15.40 -15.26 13.03
CA CYS D 229 14.94 -15.55 11.67
C CYS D 229 14.65 -17.05 11.46
N ASP D 230 15.57 -17.90 11.91
CA ASP D 230 15.43 -19.33 11.78
C ASP D 230 14.12 -19.80 12.42
N GLU D 231 13.85 -19.26 13.60
CA GLU D 231 12.66 -19.63 14.31
C GLU D 231 11.37 -19.28 13.56
N HIS D 232 11.37 -18.19 12.80
CA HIS D 232 10.16 -17.79 12.10
C HIS D 232 10.17 -18.02 10.62
N GLY D 233 11.22 -18.68 10.11
CA GLY D 233 11.29 -18.93 8.69
C GLY D 233 11.50 -17.66 7.87
N ILE D 234 12.04 -16.62 8.51
CA ILE D 234 12.29 -15.36 7.82
C ILE D 234 13.66 -15.35 7.18
N MET D 235 13.77 -14.83 5.97
CA MET D 235 15.08 -14.80 5.32
C MET D 235 15.93 -13.63 5.86
N LEU D 236 17.19 -13.91 6.20
CA LEU D 236 18.09 -12.88 6.67
C LEU D 236 18.88 -12.41 5.42
N ILE D 237 18.69 -11.15 5.05
CA ILE D 237 19.39 -10.58 3.91
C ILE D 237 20.49 -9.65 4.42
N ALA D 238 21.74 -9.96 4.10
CA ALA D 238 22.89 -9.14 4.47
C ALA D 238 23.15 -8.22 3.29
N ASP D 239 22.98 -6.92 3.46
CA ASP D 239 23.25 -6.02 2.36
C ASP D 239 24.72 -5.62 2.52
N GLU D 240 25.58 -6.22 1.71
CA GLU D 240 27.01 -5.97 1.76
C GLU D 240 27.50 -5.21 0.56
N VAL D 241 26.61 -4.43 -0.03
CA VAL D 241 26.95 -3.62 -1.19
C VAL D 241 28.17 -2.71 -0.85
N GLN D 242 28.19 -2.18 0.37
CA GLN D 242 29.28 -1.34 0.80
C GLN D 242 30.29 -2.07 1.73
N SER D 243 29.81 -2.88 2.67
CA SER D 243 30.71 -3.62 3.57
C SER D 243 31.44 -4.76 2.84
N GLY D 244 30.88 -5.21 1.72
CA GLY D 244 31.49 -6.30 0.97
C GLY D 244 32.71 -6.00 0.12
N ALA D 245 33.17 -7.02 -0.61
CA ALA D 245 34.37 -6.89 -1.44
C ALA D 245 35.62 -6.40 -0.67
N GLY D 246 35.81 -6.96 0.53
CA GLY D 246 37.00 -6.69 1.33
C GLY D 246 37.14 -5.55 2.30
N ARG D 247 36.23 -4.58 2.26
CA ARG D 247 36.33 -3.42 3.13
C ARG D 247 36.59 -3.69 4.61
N THR D 248 35.98 -4.76 5.15
CA THR D 248 36.13 -5.02 6.57
C THR D 248 37.27 -5.97 6.99
N GLY D 249 38.08 -6.43 6.06
CA GLY D 249 39.14 -7.33 6.48
C GLY D 249 38.91 -8.76 6.06
N THR D 250 37.66 -9.10 5.73
CA THR D 250 37.31 -10.43 5.22
C THR D 250 36.58 -10.08 3.92
N LEU D 251 36.39 -11.02 3.00
CA LEU D 251 35.73 -10.65 1.74
C LEU D 251 34.33 -10.06 2.02
N PHE D 252 33.59 -10.66 2.95
CA PHE D 252 32.27 -10.16 3.36
C PHE D 252 32.27 -10.07 4.88
N ALA D 253 31.61 -9.05 5.40
CA ALA D 253 31.59 -8.81 6.81
C ALA D 253 30.86 -9.91 7.61
N MET D 254 29.92 -10.62 7.00
CA MET D 254 29.20 -11.66 7.74
C MET D 254 30.15 -12.76 8.21
N GLU D 255 31.27 -12.91 7.50
CA GLU D 255 32.26 -13.89 7.86
C GLU D 255 32.70 -13.70 9.30
N GLN D 256 32.79 -12.46 9.72
CA GLN D 256 33.24 -12.13 11.07
C GLN D 256 32.09 -12.19 12.07
N MET D 257 30.88 -12.53 11.63
CA MET D 257 29.74 -12.57 12.53
C MET D 257 29.43 -13.95 13.13
N GLY D 258 30.05 -15.00 12.61
CA GLY D 258 29.79 -16.31 13.17
C GLY D 258 28.50 -16.96 12.71
N VAL D 259 27.80 -16.32 11.80
CA VAL D 259 26.57 -16.89 11.26
C VAL D 259 26.48 -16.46 9.80
N ALA D 260 25.71 -17.20 9.03
CA ALA D 260 25.55 -16.92 7.62
C ALA D 260 24.16 -16.42 7.29
N PRO D 261 24.08 -15.47 6.35
CA PRO D 261 22.77 -14.93 5.96
C PRO D 261 22.18 -15.88 4.93
N ASP D 262 20.90 -15.67 4.60
CA ASP D 262 20.25 -16.47 3.57
C ASP D 262 20.54 -15.89 2.20
N LEU D 263 20.67 -14.56 2.16
CA LEU D 263 20.90 -13.81 0.93
C LEU D 263 21.91 -12.70 1.17
N THR D 264 22.80 -12.46 0.21
CA THR D 264 23.79 -11.41 0.34
C THR D 264 23.78 -10.60 -0.97
N THR D 265 23.71 -9.28 -0.84
CA THR D 265 23.73 -8.42 -2.00
C THR D 265 25.14 -7.82 -2.01
N PHE D 266 25.69 -7.68 -3.21
CA PHE D 266 27.02 -7.09 -3.34
C PHE D 266 27.01 -6.19 -4.56
N ALA D 267 27.95 -5.27 -4.59
CA ALA D 267 28.07 -4.31 -5.68
C ALA D 267 29.33 -3.45 -5.44
N LYS D 268 29.24 -2.15 -5.70
N LYS D 268 29.24 -2.18 -5.78
CA LYS D 268 30.40 -1.27 -5.50
CA LYS D 268 30.36 -1.27 -5.63
C LYS D 268 31.74 -1.89 -5.85
C LYS D 268 31.73 -1.89 -5.94
N SER D 269 32.50 -2.17 -4.91
CA SER D 269 33.87 -2.68 -5.07
C SER D 269 34.05 -4.03 -5.70
N ILE D 270 32.96 -4.76 -5.92
CA ILE D 270 33.08 -6.08 -6.53
C ILE D 270 33.76 -6.01 -7.92
N ALA D 271 33.48 -4.96 -8.69
CA ALA D 271 34.07 -4.88 -10.03
C ALA D 271 35.12 -3.79 -10.20
N GLY D 272 35.67 -3.30 -9.09
CA GLY D 272 36.71 -2.27 -9.14
C GLY D 272 36.51 -1.04 -10.00
N GLY D 273 35.27 -0.58 -10.15
CA GLY D 273 35.03 0.60 -10.95
C GLY D 273 34.23 0.37 -12.21
N PHE D 274 33.51 -0.76 -12.27
CA PHE D 274 32.70 -1.07 -13.43
C PHE D 274 31.32 -1.47 -12.91
N PRO D 275 30.25 -1.09 -13.64
CA PRO D 275 28.87 -1.39 -13.23
C PRO D 275 28.48 -2.86 -13.09
N LEU D 276 28.40 -3.33 -11.86
CA LEU D 276 28.03 -4.72 -11.60
C LEU D 276 27.48 -4.87 -10.19
N ALA D 277 26.47 -5.71 -10.02
CA ALA D 277 25.89 -5.93 -8.69
C ALA D 277 25.36 -7.36 -8.71
N GLY D 278 25.03 -7.90 -7.54
CA GLY D 278 24.54 -9.27 -7.53
C GLY D 278 23.91 -9.71 -6.22
N VAL D 279 23.33 -10.91 -6.24
CA VAL D 279 22.72 -11.50 -5.05
C VAL D 279 23.18 -12.93 -4.96
N THR D 280 23.82 -13.31 -3.88
CA THR D 280 24.25 -14.71 -3.71
C THR D 280 23.55 -15.23 -2.48
N GLY D 281 22.90 -16.38 -2.59
CA GLY D 281 22.21 -16.92 -1.44
C GLY D 281 21.85 -18.40 -1.51
N ARG D 282 21.28 -18.89 -0.41
CA ARG D 282 20.86 -20.28 -0.26
C ARG D 282 20.14 -20.68 -1.55
N ALA D 283 20.71 -21.66 -2.24
CA ALA D 283 20.20 -22.10 -3.54
C ALA D 283 18.70 -22.32 -3.71
N GLU D 284 18.07 -23.08 -2.81
CA GLU D 284 16.65 -23.36 -2.94
C GLU D 284 15.84 -22.06 -2.74
N VAL D 285 16.38 -21.10 -2.01
CA VAL D 285 15.69 -19.83 -1.83
C VAL D 285 15.77 -19.05 -3.17
N MET D 286 16.98 -18.94 -3.73
CA MET D 286 17.20 -18.27 -5.01
C MET D 286 16.34 -18.92 -6.10
N ASP D 287 16.22 -20.24 -6.07
CA ASP D 287 15.43 -20.95 -7.09
C ASP D 287 13.92 -20.91 -6.85
N ALA D 288 13.47 -20.20 -5.83
CA ALA D 288 12.04 -20.15 -5.57
C ALA D 288 11.31 -19.37 -6.65
N VAL D 289 12.03 -18.53 -7.40
CA VAL D 289 11.44 -17.72 -8.47
C VAL D 289 11.43 -18.50 -9.81
N ALA D 290 10.28 -18.55 -10.46
CA ALA D 290 10.09 -19.25 -11.73
C ALA D 290 10.86 -18.60 -12.89
N PRO D 291 11.35 -19.42 -13.85
CA PRO D 291 12.10 -18.83 -14.96
C PRO D 291 11.41 -17.64 -15.60
N GLY D 292 12.21 -16.63 -15.94
CA GLY D 292 11.66 -15.43 -16.53
C GLY D 292 11.40 -14.40 -15.44
N GLY D 293 11.46 -14.84 -14.19
CA GLY D 293 11.20 -13.94 -13.10
C GLY D 293 12.37 -13.06 -12.66
N LEU D 294 13.59 -13.40 -13.07
CA LEU D 294 14.78 -12.62 -12.71
C LEU D 294 15.53 -12.16 -13.98
N GLY D 295 16.04 -10.95 -13.96
CA GLY D 295 16.77 -10.45 -15.13
C GLY D 295 17.21 -9.00 -15.08
N GLY D 296 17.22 -8.37 -16.24
CA GLY D 296 17.63 -6.97 -16.36
C GLY D 296 18.49 -6.92 -17.62
N THR D 297 18.24 -5.98 -18.51
CA THR D 297 18.98 -5.92 -19.77
C THR D 297 20.51 -5.96 -19.68
N TYR D 298 21.09 -5.10 -18.85
CA TYR D 298 22.53 -5.02 -18.72
C TYR D 298 23.11 -5.98 -17.70
N ALA D 299 22.24 -6.69 -16.99
CA ALA D 299 22.67 -7.61 -15.92
C ALA D 299 23.94 -8.40 -16.17
N GLY D 300 24.85 -8.37 -15.20
CA GLY D 300 26.07 -9.11 -15.35
C GLY D 300 26.78 -8.77 -16.65
N ASN D 301 26.98 -7.47 -16.84
CA ASN D 301 27.66 -6.97 -18.02
C ASN D 301 29.00 -7.71 -18.19
N PRO D 302 29.27 -8.26 -19.40
CA PRO D 302 30.51 -9.00 -19.72
C PRO D 302 31.78 -8.28 -19.26
N ILE D 303 31.96 -7.02 -19.63
CA ILE D 303 33.17 -6.30 -19.22
C ILE D 303 33.25 -6.21 -17.69
N ALA D 304 32.16 -5.85 -17.03
CA ALA D 304 32.21 -5.74 -15.58
C ALA D 304 32.45 -7.11 -14.90
N CYS D 305 31.98 -8.19 -15.51
CA CYS D 305 32.19 -9.52 -14.95
C CYS D 305 33.68 -9.88 -14.96
N VAL D 306 34.38 -9.62 -16.06
CA VAL D 306 35.80 -9.97 -16.05
C VAL D 306 36.56 -9.07 -15.10
N ALA D 307 36.11 -7.83 -14.95
CA ALA D 307 36.75 -6.91 -14.02
C ALA D 307 36.58 -7.49 -12.59
N ALA D 308 35.37 -7.91 -12.25
CA ALA D 308 35.09 -8.52 -10.95
C ALA D 308 35.93 -9.80 -10.72
N LEU D 309 36.01 -10.66 -11.73
CA LEU D 309 36.82 -11.89 -11.60
C LEU D 309 38.28 -11.50 -11.35
N GLU D 310 38.72 -10.44 -12.03
CA GLU D 310 40.09 -9.99 -11.87
C GLU D 310 40.27 -9.38 -10.47
N VAL D 311 39.25 -8.65 -9.99
CA VAL D 311 39.34 -8.05 -8.64
C VAL D 311 39.54 -9.15 -7.58
N LEU D 312 38.80 -10.26 -7.72
CA LEU D 312 38.93 -11.36 -6.76
C LEU D 312 40.37 -11.91 -6.79
N LYS D 313 40.92 -12.12 -7.97
CA LYS D 313 42.28 -12.61 -8.08
C LYS D 313 43.28 -11.62 -7.45
N VAL D 314 43.04 -10.33 -7.67
CA VAL D 314 43.93 -9.33 -7.13
C VAL D 314 43.90 -9.36 -5.60
N PHE D 315 42.72 -9.59 -5.01
CA PHE D 315 42.66 -9.64 -3.56
C PHE D 315 43.57 -10.78 -3.09
N GLU D 316 43.57 -11.87 -3.84
CA GLU D 316 44.38 -13.03 -3.51
C GLU D 316 45.88 -12.79 -3.74
N GLN D 317 46.24 -12.49 -4.99
CA GLN D 317 47.64 -12.29 -5.34
C GLN D 317 48.30 -11.16 -4.59
N GLU D 318 47.53 -10.12 -4.25
CA GLU D 318 48.09 -8.97 -3.57
C GLU D 318 47.84 -8.86 -2.07
N ASN D 319 47.28 -9.90 -1.46
CA ASN D 319 47.07 -9.89 -0.01
C ASN D 319 46.24 -8.70 0.51
N LEU D 320 45.27 -8.23 -0.26
CA LEU D 320 44.50 -7.07 0.15
C LEU D 320 43.69 -7.22 1.46
N LEU D 321 43.16 -8.39 1.76
CA LEU D 321 42.40 -8.50 3.00
C LEU D 321 43.29 -8.16 4.16
N GLN D 322 44.52 -8.67 4.13
CA GLN D 322 45.47 -8.42 5.19
C GLN D 322 45.81 -6.93 5.21
N LYS D 323 46.02 -6.38 4.02
CA LYS D 323 46.37 -4.97 3.89
C LYS D 323 45.25 -4.10 4.41
N ALA D 324 44.00 -4.53 4.19
CA ALA D 324 42.86 -3.75 4.68
C ALA D 324 42.94 -3.64 6.20
N ASN D 325 43.30 -4.75 6.85
CA ASN D 325 43.41 -4.78 8.30
C ASN D 325 44.58 -3.91 8.80
N ASP D 326 45.70 -3.97 8.07
CA ASP D 326 46.87 -3.17 8.42
C ASP D 326 46.54 -1.69 8.19
N LEU D 327 45.90 -1.38 7.06
CA LEU D 327 45.54 -0.01 6.75
C LEU D 327 44.60 0.55 7.82
N GLY D 328 43.63 -0.26 8.24
CA GLY D 328 42.67 0.17 9.24
C GLY D 328 43.31 0.49 10.57
N GLN D 329 44.29 -0.32 10.95
CA GLN D 329 44.97 -0.10 12.21
C GLN D 329 45.80 1.18 12.15
N LYS D 330 46.56 1.37 11.07
CA LYS D 330 47.35 2.57 10.91
C LYS D 330 46.45 3.80 10.91
N LEU D 331 45.30 3.72 10.24
CA LEU D 331 44.39 4.87 10.20
C LEU D 331 43.81 5.18 11.58
N LYS D 332 43.43 4.16 12.32
CA LYS D 332 42.86 4.41 13.64
C LYS D 332 43.92 4.94 14.59
N ASP D 333 45.14 4.46 14.45
CA ASP D 333 46.19 4.91 15.32
C ASP D 333 46.47 6.36 15.01
N GLY D 334 46.51 6.69 13.72
CA GLY D 334 46.76 8.06 13.32
C GLY D 334 45.63 8.98 13.72
N LEU D 335 44.40 8.50 13.63
CA LEU D 335 43.24 9.31 13.98
C LEU D 335 43.17 9.52 15.49
N LEU D 336 43.55 8.50 16.25
CA LEU D 336 43.53 8.62 17.71
C LEU D 336 44.60 9.63 18.16
N ALA D 337 45.74 9.66 17.47
CA ALA D 337 46.78 10.61 17.81
C ALA D 337 46.21 12.01 17.62
N ILE D 338 45.51 12.24 16.52
CA ILE D 338 44.92 13.54 16.27
C ILE D 338 43.87 13.82 17.34
N ALA D 339 43.14 12.80 17.75
CA ALA D 339 42.09 12.94 18.77
C ALA D 339 42.64 13.39 20.14
N GLU D 340 43.92 13.17 20.39
CA GLU D 340 44.52 13.59 21.65
C GLU D 340 44.54 15.13 21.74
N LYS D 341 44.50 15.81 20.60
CA LYS D 341 44.54 17.27 20.59
C LYS D 341 43.19 17.87 20.22
N HIS D 342 42.25 17.03 19.82
CA HIS D 342 40.94 17.53 19.41
C HIS D 342 39.77 16.73 20.00
N PRO D 343 39.24 17.20 21.13
CA PRO D 343 38.13 16.58 21.86
C PRO D 343 36.88 16.34 21.01
N GLU D 344 36.69 17.15 19.98
CA GLU D 344 35.54 16.98 19.11
C GLU D 344 35.50 15.58 18.52
N ILE D 345 36.66 14.95 18.37
CA ILE D 345 36.69 13.60 17.84
C ILE D 345 36.24 12.69 18.99
N GLY D 346 34.96 12.35 19.02
CA GLY D 346 34.43 11.53 20.09
C GLY D 346 34.49 10.02 19.94
N ASP D 347 34.80 9.56 18.74
CA ASP D 347 34.90 8.15 18.52
C ASP D 347 35.66 7.84 17.25
N VAL D 348 36.50 6.82 17.37
CA VAL D 348 37.32 6.35 16.25
C VAL D 348 37.02 4.88 16.20
N ARG D 349 36.50 4.41 15.08
CA ARG D 349 36.08 3.01 15.00
C ARG D 349 36.19 2.39 13.62
N GLY D 350 35.93 1.08 13.56
CA GLY D 350 35.90 0.40 12.29
C GLY D 350 36.47 -0.99 12.19
N LEU D 351 35.81 -1.83 11.39
CA LEU D 351 36.29 -3.18 11.12
C LEU D 351 37.18 -3.09 9.86
N GLY D 352 38.33 -3.76 9.86
CA GLY D 352 39.21 -3.73 8.70
C GLY D 352 39.52 -2.31 8.26
N ALA D 353 39.24 -1.98 7.01
CA ALA D 353 39.50 -0.62 6.50
C ALA D 353 38.19 0.19 6.35
N MET D 354 37.15 -0.21 7.06
CA MET D 354 35.89 0.52 7.01
C MET D 354 35.99 1.41 8.26
N ILE D 355 36.83 2.43 8.16
CA ILE D 355 37.11 3.33 9.28
C ILE D 355 36.37 4.66 9.30
N ALA D 356 35.94 5.07 10.49
CA ALA D 356 35.26 6.36 10.62
C ALA D 356 35.57 6.99 11.95
N ILE D 357 35.36 8.29 12.04
CA ILE D 357 35.50 9.00 13.31
C ILE D 357 34.21 9.83 13.38
N GLU D 358 33.72 10.06 14.59
CA GLU D 358 32.49 10.82 14.75
C GLU D 358 32.78 12.09 15.56
N LEU D 359 32.32 13.22 15.05
CA LEU D 359 32.57 14.50 15.70
C LEU D 359 31.40 15.01 16.54
N PHE D 360 31.73 15.44 17.75
CA PHE D 360 30.76 15.98 18.71
C PHE D 360 31.24 17.35 19.20
N GLU D 361 30.31 18.26 19.43
CA GLU D 361 30.64 19.59 19.96
C GLU D 361 31.12 19.38 21.40
N ASP D 362 32.30 19.88 21.72
CA ASP D 362 32.84 19.75 23.07
C ASP D 362 32.90 18.28 23.54
N GLY D 363 32.90 17.35 22.58
CA GLY D 363 32.96 15.94 22.93
C GLY D 363 31.72 15.40 23.61
N ASP D 364 30.57 16.06 23.44
CA ASP D 364 29.34 15.58 24.05
C ASP D 364 28.53 14.71 23.07
N HIS D 365 28.42 13.42 23.35
CA HIS D 365 27.70 12.47 22.50
C HIS D 365 26.28 12.88 22.09
N ASN D 366 25.75 13.90 22.74
CA ASN D 366 24.39 14.37 22.45
C ASN D 366 24.42 15.58 21.49
N LYS D 367 25.61 16.12 21.29
CA LYS D 367 25.77 17.26 20.42
C LYS D 367 26.57 16.98 19.16
N PRO D 368 25.92 16.40 18.15
CA PRO D 368 26.63 16.11 16.90
C PRO D 368 27.17 17.41 16.32
N ASP D 369 28.36 17.36 15.75
CA ASP D 369 28.89 18.58 15.18
C ASP D 369 28.95 18.47 13.66
N ALA D 370 27.81 18.71 13.03
CA ALA D 370 27.70 18.65 11.57
C ALA D 370 28.50 19.75 10.90
N LYS D 371 28.62 20.89 11.58
CA LYS D 371 29.36 22.01 10.99
C LYS D 371 30.83 21.70 10.93
N LEU D 372 31.40 21.23 12.04
CA LEU D 372 32.80 20.91 12.05
C LEU D 372 33.17 19.84 11.00
N THR D 373 32.30 18.83 10.87
CA THR D 373 32.52 17.73 9.93
C THR D 373 32.56 18.29 8.50
N ALA D 374 31.59 19.14 8.18
CA ALA D 374 31.52 19.72 6.86
C ALA D 374 32.75 20.59 6.61
N GLU D 375 33.23 21.25 7.67
CA GLU D 375 34.40 22.11 7.59
C GLU D 375 35.64 21.26 7.32
N ILE D 376 35.74 20.12 7.99
CA ILE D 376 36.90 19.29 7.74
C ILE D 376 36.91 18.80 6.28
N VAL D 377 35.76 18.41 5.74
CA VAL D 377 35.70 17.96 4.36
C VAL D 377 36.16 19.08 3.41
N ALA D 378 35.70 20.30 3.68
CA ALA D 378 36.09 21.41 2.82
C ALA D 378 37.57 21.70 2.91
N ARG D 379 38.10 21.80 4.13
CA ARG D 379 39.51 22.08 4.32
C ARG D 379 40.36 20.97 3.70
N ALA D 380 40.01 19.73 3.97
CA ALA D 380 40.76 18.61 3.42
C ALA D 380 40.82 18.72 1.89
N ARG D 381 39.71 19.10 1.26
CA ARG D 381 39.71 19.22 -0.20
C ARG D 381 40.69 20.30 -0.69
N ASP D 382 40.69 21.45 -0.01
CA ASP D 382 41.59 22.55 -0.35
C ASP D 382 43.05 22.08 -0.20
N LYS D 383 43.28 21.06 0.64
CA LYS D 383 44.63 20.52 0.81
C LYS D 383 44.89 19.30 -0.12
N GLY D 384 43.98 19.07 -1.08
CA GLY D 384 44.17 17.94 -1.99
C GLY D 384 43.78 16.55 -1.46
N LEU D 385 42.84 16.50 -0.51
CA LEU D 385 42.39 15.21 0.04
C LEU D 385 40.88 15.11 -0.10
N ILE D 386 40.42 14.04 -0.76
CA ILE D 386 38.99 13.83 -0.98
C ILE D 386 38.36 12.97 0.12
N LEU D 387 37.44 13.56 0.88
CA LEU D 387 36.74 12.86 1.95
C LEU D 387 35.22 12.84 1.77
N LEU D 388 34.55 11.90 2.43
CA LEU D 388 33.10 11.80 2.41
C LEU D 388 32.64 11.72 3.85
N SER D 389 31.48 12.30 4.15
CA SER D 389 30.95 12.21 5.49
C SER D 389 29.71 11.32 5.40
N CYS D 390 29.08 11.07 6.53
CA CYS D 390 27.86 10.25 6.57
C CYS D 390 27.22 10.33 7.96
N GLY D 391 26.20 9.51 8.19
CA GLY D 391 25.53 9.48 9.47
C GLY D 391 24.24 10.29 9.46
N PRO D 392 23.25 9.87 10.26
CA PRO D 392 21.98 10.61 10.29
C PRO D 392 22.15 12.06 10.76
N TYR D 393 23.24 12.35 11.47
CA TYR D 393 23.47 13.72 11.93
C TYR D 393 24.64 14.39 11.24
N TYR D 394 25.06 13.79 10.12
CA TYR D 394 26.12 14.33 9.28
C TYR D 394 27.40 14.71 10.03
N ASN D 395 27.69 13.99 11.10
CA ASN D 395 28.88 14.26 11.90
C ASN D 395 29.84 13.07 11.95
N VAL D 396 29.81 12.22 10.91
CA VAL D 396 30.70 11.07 10.82
C VAL D 396 31.58 11.18 9.57
N LEU D 397 32.89 11.10 9.75
CA LEU D 397 33.79 11.16 8.61
C LEU D 397 34.22 9.72 8.34
N ARG D 398 34.05 9.25 7.11
CA ARG D 398 34.46 7.88 6.83
C ARG D 398 35.65 7.86 5.90
N ILE D 399 36.43 6.80 5.95
CA ILE D 399 37.60 6.66 5.09
C ILE D 399 37.43 5.44 4.20
N LEU D 400 37.36 5.67 2.90
CA LEU D 400 37.14 4.60 1.93
C LEU D 400 38.24 4.55 0.90
N VAL D 401 39.43 5.03 1.28
CA VAL D 401 40.58 5.02 0.38
C VAL D 401 40.86 3.59 -0.08
N PRO D 402 41.33 3.41 -1.34
CA PRO D 402 41.65 2.10 -1.90
C PRO D 402 42.56 1.29 -0.96
N LEU D 403 42.38 -0.01 -0.94
CA LEU D 403 43.19 -0.86 -0.08
C LEU D 403 44.59 -0.95 -0.65
N THR D 404 44.75 -0.50 -1.89
CA THR D 404 46.03 -0.55 -2.56
C THR D 404 46.97 0.61 -2.23
N ILE D 405 46.54 1.52 -1.36
CA ILE D 405 47.33 2.70 -0.98
C ILE D 405 48.74 2.39 -0.41
N GLU D 406 49.74 3.21 -0.78
CA GLU D 406 51.10 3.03 -0.28
C GLU D 406 51.25 3.68 1.09
N ASP D 407 52.26 3.24 1.84
CA ASP D 407 52.51 3.77 3.18
C ASP D 407 52.69 5.27 3.24
N ALA D 408 53.40 5.83 2.28
CA ALA D 408 53.63 7.27 2.25
C ALA D 408 52.32 8.03 2.16
N GLN D 409 51.41 7.55 1.31
CA GLN D 409 50.13 8.22 1.13
C GLN D 409 49.24 8.10 2.36
N ILE D 410 49.38 7.01 3.11
CA ILE D 410 48.61 6.86 4.33
C ILE D 410 49.09 7.97 5.29
N ARG D 411 50.41 8.09 5.45
CA ARG D 411 50.98 9.12 6.32
C ARG D 411 50.53 10.50 5.86
N GLN D 412 50.60 10.71 4.56
CA GLN D 412 50.20 11.96 3.96
C GLN D 412 48.73 12.30 4.18
N GLY D 413 47.88 11.30 4.05
CA GLY D 413 46.45 11.52 4.26
C GLY D 413 46.18 11.91 5.69
N LEU D 414 46.80 11.22 6.64
CA LEU D 414 46.60 11.55 8.06
C LEU D 414 47.16 12.95 8.41
N GLU D 415 48.30 13.33 7.84
CA GLU D 415 48.88 14.65 8.11
C GLU D 415 47.88 15.70 7.65
N ILE D 416 47.39 15.56 6.43
CA ILE D 416 46.42 16.51 5.90
C ILE D 416 45.22 16.58 6.83
N ILE D 417 44.71 15.43 7.25
CA ILE D 417 43.58 15.42 8.15
C ILE D 417 43.96 16.16 9.43
N SER D 418 45.16 15.85 9.94
CA SER D 418 45.68 16.46 11.17
C SER D 418 45.68 17.99 11.09
N GLN D 419 46.13 18.52 9.97
CA GLN D 419 46.16 19.96 9.78
C GLN D 419 44.79 20.57 9.69
N CYS D 420 43.84 19.87 9.09
CA CYS D 420 42.51 20.42 8.98
C CYS D 420 41.94 20.64 10.35
N PHE D 421 42.22 19.74 11.30
CA PHE D 421 41.69 19.95 12.63
C PHE D 421 42.39 21.11 13.32
N ASP D 422 43.72 21.20 13.17
CA ASP D 422 44.44 22.30 13.79
C ASP D 422 43.97 23.66 13.25
N GLU D 423 43.86 23.77 11.93
CA GLU D 423 43.45 25.00 11.30
C GLU D 423 41.96 25.32 11.47
N ALA D 424 41.17 24.33 11.85
CA ALA D 424 39.74 24.57 12.04
C ALA D 424 39.51 25.18 13.42
N LYS D 425 40.47 25.00 14.32
CA LYS D 425 40.34 25.53 15.67
C LYS D 425 41.07 26.86 15.89
N GLN D 426 41.96 27.22 14.97
CA GLN D 426 42.69 28.48 15.11
C GLN D 426 41.69 29.65 14.98
S SO4 E . -15.39 -17.27 -19.80
O1 SO4 E . -14.38 -17.30 -18.71
O2 SO4 E . -15.37 -18.54 -20.54
O3 SO4 E . -16.73 -17.07 -19.22
O4 SO4 E . -15.06 -16.18 -20.73
S SO4 F . -17.38 13.02 -10.85
O1 SO4 F . -17.54 11.94 -9.86
O2 SO4 F . -16.84 14.24 -10.21
O3 SO4 F . -16.43 12.55 -11.89
O4 SO4 F . -18.68 13.34 -11.45
S SO4 G . -24.96 7.70 2.97
O1 SO4 G . -24.87 8.15 1.56
O2 SO4 G . -26.17 6.89 3.18
O3 SO4 G . -23.78 6.86 3.28
O4 SO4 G . -25.00 8.87 3.85
S SO4 H . -15.19 -7.09 20.55
O1 SO4 H . -14.45 -6.07 19.81
O2 SO4 H . -15.91 -7.96 19.59
O3 SO4 H . -14.29 -7.92 21.36
O4 SO4 H . -16.18 -6.44 21.42
C1 EDO I . -4.17 -1.43 -6.73
O1 EDO I . -3.17 -1.76 -6.04
C2 EDO I . -4.07 0.08 -7.02
O2 EDO I . -4.07 0.75 -5.76
C1 EDO J . -37.28 9.18 5.20
O1 EDO J . -37.24 7.97 5.57
C2 EDO J . -36.13 9.42 4.21
O2 EDO J . -36.31 8.54 3.10
C1 EDO K . -34.06 -12.29 25.30
O1 EDO K . -34.66 -11.53 24.48
C2 EDO K . -32.63 -11.73 25.57
O2 EDO K . -32.76 -10.48 26.29
C1 EDO L . -28.46 33.26 6.17
O1 EDO L . -28.35 33.00 4.94
C2 EDO L . -28.44 31.94 6.94
O2 EDO L . -29.73 31.33 6.73
C1 EDO M . -26.54 5.28 -2.73
O1 EDO M . -25.33 5.51 -2.43
C2 EDO M . -26.85 3.82 -2.39
O2 EDO M . -27.61 3.82 -1.16
N1 PLP N . -22.98 -1.82 0.50
C2 PLP N . -24.08 -1.52 -0.32
C2A PLP N . -24.42 -2.35 -1.50
C3 PLP N . -24.84 -0.37 0.02
O3 PLP N . -25.75 0.11 -0.90
C4 PLP N . -24.54 0.31 1.17
C4A PLP N . -25.65 1.18 1.63
C5 PLP N . -23.43 -0.01 1.97
C6 PLP N . -22.62 -1.13 1.64
C5A PLP N . -22.88 0.68 3.16
O4P PLP N . -23.67 0.36 4.33
P PLP N . -23.79 1.30 5.49
O1P PLP N . -24.72 0.77 6.64
O2P PLP N . -24.15 2.85 5.05
O3P PLP N . -22.34 1.45 6.16
N1 PMP O . -22.99 -1.93 0.44
C2 PMP O . -24.03 -1.42 -0.33
C2A PMP O . -24.33 -2.20 -1.61
C3 PMP O . -24.74 -0.21 0.14
O3 PMP O . -25.73 0.24 -0.63
C4 PMP O . -24.39 0.43 1.32
C4A PMP O . -25.09 1.66 1.81
N4A PMP O . -25.49 2.74 0.88
C5 PMP O . -23.21 -0.19 2.14
C6 PMP O . -22.59 -1.33 1.65
C5A PMP O . -22.78 0.46 3.45
O4P PMP O . -23.77 0.27 4.44
P PMP O . -23.85 1.24 5.65
O1P PMP O . -24.99 0.70 6.42
O2P PMP O . -24.13 2.61 5.11
O3P PMP O . -22.59 1.21 6.41
S SO4 P . -18.88 -24.40 32.84
O1 SO4 P . -19.32 -25.55 33.67
O2 SO4 P . -18.79 -24.82 31.43
O3 SO4 P . -19.88 -23.32 32.95
O4 SO4 P . -17.57 -23.92 33.30
S SO4 Q . 10.88 17.37 22.63
O1 SO4 Q . 11.96 17.44 23.63
O2 SO4 Q . 11.10 16.18 21.79
O3 SO4 Q . 9.57 17.29 23.32
O4 SO4 Q . 10.90 18.57 21.78
S SO4 R . 0.34 -13.06 20.83
O1 SO4 R . 1.57 -12.49 21.39
O2 SO4 R . 0.65 -13.85 19.62
O3 SO4 R . -0.29 -13.94 21.84
O4 SO4 R . -0.57 -11.95 20.48
C1 EDO S . -22.76 -7.74 30.48
O1 EDO S . -23.29 -6.59 30.37
C2 EDO S . -21.31 -7.67 29.97
O2 EDO S . -20.58 -6.79 30.83
C1 EDO T . -14.85 -18.31 31.71
O1 EDO T . -15.36 -19.47 31.87
C2 EDO T . -15.38 -17.40 32.83
O2 EDO T . -16.81 -17.49 32.80
C1 EDO U . 4.18 -0.12 6.94
O1 EDO U . 3.21 -0.54 6.27
C2 EDO U . 4.21 1.42 6.84
O2 EDO U . 4.04 1.76 5.46
C1 EDO V . -10.57 -4.88 22.82
O1 EDO V . -10.93 -6.03 22.39
C2 EDO V . -10.30 -5.02 24.33
O2 EDO V . -10.49 -3.75 24.90
N1 PLP W . -11.38 2.68 19.96
C2 PLP W . -11.19 2.31 21.29
C2A PLP W . -10.24 3.04 22.15
C3 PLP W . -11.95 1.19 21.79
O3 PLP W . -11.62 0.69 23.04
C4 PLP W . -12.87 0.55 20.96
C4A PLP W . -13.86 -0.32 21.70
C5 PLP W . -13.03 0.93 19.63
C6 PLP W . -12.25 2.02 19.10
C5A PLP W . -13.81 0.26 18.58
O4P PLP W . -15.19 0.61 18.71
P PLP W . -16.24 -0.33 18.19
O1P PLP W . -17.58 0.35 18.73
O2P PLP W . -16.09 -1.73 18.93
O3P PLP W . -16.08 -0.39 16.62
N1 PMP X . -11.38 2.67 19.91
C2 PMP X . -11.28 2.23 21.23
C2A PMP X . -10.31 3.02 22.10
C3 PMP X . -12.10 1.07 21.66
O3 PMP X . -11.96 0.71 22.94
C4 PMP X . -12.96 0.40 20.79
C4A PMP X . -13.79 -0.78 21.21
N4A PMP X . -13.32 -1.70 22.29
C5 PMP X . -13.04 0.93 19.32
C6 PMP X . -12.24 2.02 18.97
C5A PMP X . -13.95 0.26 18.32
O4P PMP X . -15.31 0.54 18.57
P PMP X . -16.41 -0.37 17.99
O1P PMP X . -17.65 0.28 18.48
O2P PMP X . -16.23 -1.73 18.58
O3P PMP X . -16.32 -0.42 16.52
S SO4 Y . -11.25 13.13 -25.29
O1 SO4 Y . -11.00 13.31 -23.83
O2 SO4 Y . -10.06 12.53 -25.94
O3 SO4 Y . -12.43 12.26 -25.49
O4 SO4 Y . -11.50 14.45 -25.91
S SO4 Z . 0.01 -15.94 -18.30
O1 SO4 Z . -1.43 -15.68 -18.44
O2 SO4 Z . 0.26 -16.54 -16.98
O3 SO4 Z . 0.46 -16.87 -19.36
O4 SO4 Z . 0.74 -14.65 -18.41
S SO4 AA . 24.65 8.49 -4.44
O1 SO4 AA . 25.88 7.69 -4.22
O2 SO4 AA . 24.83 9.38 -5.60
O3 SO4 AA . 23.55 7.56 -4.68
O4 SO4 AA . 24.38 9.29 -3.23
C1 EDO BA . 21.63 -11.50 -28.60
O1 EDO BA . 20.94 -10.79 -29.36
C2 EDO BA . 23.02 -11.64 -29.23
O2 EDO BA . 23.69 -10.40 -29.05
C1 EDO CA . 37.17 12.90 -19.29
O1 EDO CA . 37.16 12.00 -20.19
C2 EDO CA . 36.80 12.25 -17.94
O2 EDO CA . 37.84 11.35 -17.57
C1 EDO DA . 11.18 -8.09 -22.18
O1 EDO DA . 11.75 -9.19 -22.01
C2 EDO DA . 10.79 -8.06 -23.62
O2 EDO DA . 11.20 -6.81 -24.12
N1 PLP EA . 11.21 0.04 -20.28
C2 PLP EA . 11.12 -0.57 -21.53
C2A PLP EA . 10.04 -0.18 -22.47
C3 PLP EA . 12.02 -1.67 -21.82
O3 PLP EA . 11.97 -2.31 -23.05
C4 PLP EA . 12.94 -2.07 -20.86
C4A PLP EA . 14.03 -2.94 -21.39
C5 PLP EA . 12.99 -1.50 -19.60
C6 PLP EA . 12.11 -0.38 -19.30
C5A PLP EA . 13.84 -1.99 -18.42
O4P PLP EA . 15.25 -1.61 -18.53
P PLP EA . 16.32 -2.38 -17.86
O1P PLP EA . 17.80 -1.80 -18.29
O2P PLP EA . 16.19 -3.90 -18.37
O3P PLP EA . 16.16 -2.20 -16.29
N1 PMP FA . 11.25 0.11 -20.19
C2 PMP FA . 11.10 -0.59 -21.37
C2A PMP FA . 10.04 0.00 -22.33
C3 PMP FA . 11.91 -1.81 -21.61
O3 PMP FA . 11.70 -2.44 -22.77
C4 PMP FA . 12.83 -2.27 -20.69
C4A PMP FA . 13.66 -3.51 -20.92
N4A PMP FA . 13.24 -4.54 -21.90
C5 PMP FA . 12.98 -1.46 -19.37
C6 PMP FA . 12.19 -0.31 -19.19
C5A PMP FA . 13.97 -1.90 -18.29
O4P PMP FA . 15.31 -1.66 -18.66
P PMP FA . 16.44 -2.47 -17.95
O1P PMP FA . 17.67 -1.94 -18.58
O2P PMP FA . 16.20 -3.90 -18.30
O3P PMP FA . 16.38 -2.27 -16.50
S SO4 GA . 16.11 -13.21 22.47
O1 SO4 GA . 16.47 -14.35 23.34
O2 SO4 GA . 15.01 -13.57 21.57
O3 SO4 GA . 15.69 -12.07 23.31
O4 SO4 GA . 17.31 -12.85 21.68
S SO4 HA . 35.30 26.55 -4.08
O1 SO4 HA . 35.50 26.19 -2.67
O2 SO4 HA . 36.43 26.04 -4.90
O3 SO4 HA . 34.05 25.95 -4.55
O4 SO4 HA . 35.23 28.01 -4.21
S SO4 IA . 16.87 15.71 8.42
O1 SO4 IA . 18.03 16.60 8.34
O2 SO4 IA . 17.17 14.41 7.79
O3 SO4 IA . 16.51 15.48 9.83
O4 SO4 IA . 15.73 16.34 7.74
S SO4 JA . 48.30 6.83 -21.98
O1 SO4 JA . 47.99 6.61 -23.41
O2 SO4 JA . 47.29 7.69 -21.37
O3 SO4 JA . 48.33 5.54 -21.27
O4 SO4 JA . 49.63 7.48 -21.88
S SO4 KA . 15.26 -9.33 -19.26
O1 SO4 KA . 16.43 -9.55 -20.12
O2 SO4 KA . 14.89 -7.90 -19.23
O3 SO4 KA . 14.15 -10.13 -19.76
O4 SO4 KA . 15.59 -9.76 -17.88
C1 EDO LA . 35.74 9.71 -5.53
O1 EDO LA . 36.35 9.46 -4.45
C2 EDO LA . 36.78 9.96 -6.63
O2 EDO LA . 37.23 8.66 -7.04
C1 EDO MA . 31.39 -1.66 -18.80
O1 EDO MA . 30.80 -2.15 -17.78
C2 EDO MA . 31.91 -0.23 -18.45
O2 EDO MA . 30.79 0.66 -18.45
C1 EDO NA . 33.17 21.26 -0.97
O1 EDO NA . 33.85 22.31 -1.19
C2 EDO NA . 34.15 20.14 -0.57
O2 EDO NA . 35.11 20.03 -1.62
C1 EDO OA . 6.16 0.96 10.28
O1 EDO OA . 7.07 1.80 10.53
C2 EDO OA . 5.79 0.23 11.60
O2 EDO OA . 6.92 -0.60 11.97
C1 EDO PA . 26.35 7.05 1.87
O1 EDO PA . 25.30 7.52 1.34
C2 EDO PA . 26.33 5.54 1.66
O2 EDO PA . 27.56 5.22 1.01
N1 PLP QA . 22.99 -0.69 -0.18
C2 PLP QA . 24.02 -0.14 0.57
C2A PLP QA . 24.49 -0.85 1.78
C3 PLP QA . 24.88 0.84 -0.08
O3 PLP QA . 26.00 1.31 0.60
C4 PLP QA . 24.66 1.22 -1.38
C4A PLP QA . 25.82 1.96 -2.00
C5 PLP QA . 23.57 0.74 -2.09
C6 PLP QA . 22.73 -0.29 -1.49
C5A PLP QA . 22.96 1.38 -3.31
O4P PLP QA . 23.61 0.82 -4.41
P PLP QA . 23.70 1.56 -5.70
O1P PLP QA . 24.76 0.77 -6.56
O2P PLP QA . 24.11 3.11 -5.48
O3P PLP QA . 22.22 1.50 -6.39
N1 PMP RA . 23.03 -0.91 -0.28
C2 PMP RA . 24.04 -0.27 0.41
C2A PMP RA . 24.39 -0.86 1.78
C3 PMP RA . 24.69 0.91 -0.23
O3 PMP RA . 25.67 1.50 0.49
C4 PMP RA . 24.32 1.38 -1.47
C4A PMP RA . 24.95 2.56 -2.14
N4A PMP RA . 25.49 3.70 -1.32
C5 PMP RA . 23.18 0.62 -2.20
C6 PMP RA . 22.60 -0.49 -1.56
C5A PMP RA . 22.71 1.07 -3.57
O4P PMP RA . 23.67 0.75 -4.55
P PMP RA . 23.68 1.52 -5.91
O1P PMP RA . 24.82 0.87 -6.61
O2P PMP RA . 23.95 2.95 -5.60
O3P PMP RA . 22.40 1.35 -6.60
#